data_1DTV
# 
_entry.id   1DTV 
# 
_audit_conform.dict_name       mmcif_pdbx.dic 
_audit_conform.dict_version    5.398 
_audit_conform.dict_location   http://mmcif.pdb.org/dictionaries/ascii/mmcif_pdbx.dic 
# 
loop_
_database_2.database_id 
_database_2.database_code 
_database_2.pdbx_database_accession 
_database_2.pdbx_DOI 
PDB   1DTV         pdb_00001dtv 10.2210/pdb1dtv/pdb 
RCSB  RCSB010361   ?            ?                   
WWPDB D_1000010361 ?            ?                   
# 
loop_
_pdbx_audit_revision_history.ordinal 
_pdbx_audit_revision_history.data_content_type 
_pdbx_audit_revision_history.major_revision 
_pdbx_audit_revision_history.minor_revision 
_pdbx_audit_revision_history.revision_date 
1 'Structure model' 1 0 2000-07-19 
2 'Structure model' 1 1 2008-04-27 
3 'Structure model' 1 2 2011-07-13 
4 'Structure model' 1 3 2022-02-16 
5 'Structure model' 1 4 2024-10-30 
# 
_pdbx_audit_revision_details.ordinal             1 
_pdbx_audit_revision_details.revision_ordinal    1 
_pdbx_audit_revision_details.data_content_type   'Structure model' 
_pdbx_audit_revision_details.provider            repository 
_pdbx_audit_revision_details.type                'Initial release' 
_pdbx_audit_revision_details.description         ? 
_pdbx_audit_revision_details.details             ? 
# 
loop_
_pdbx_audit_revision_group.ordinal 
_pdbx_audit_revision_group.revision_ordinal 
_pdbx_audit_revision_group.data_content_type 
_pdbx_audit_revision_group.group 
1 2 'Structure model' 'Version format compliance' 
2 3 'Structure model' 'Version format compliance' 
3 4 'Structure model' 'Database references'       
4 4 'Structure model' 'Derived calculations'      
5 5 'Structure model' 'Data collection'           
6 5 'Structure model' 'Structure summary'         
# 
loop_
_pdbx_audit_revision_category.ordinal 
_pdbx_audit_revision_category.revision_ordinal 
_pdbx_audit_revision_category.data_content_type 
_pdbx_audit_revision_category.category 
1 4 'Structure model' database_2                
2 4 'Structure model' pdbx_struct_assembly      
3 4 'Structure model' pdbx_struct_oper_list     
4 4 'Structure model' struct_ref_seq_dif        
5 5 'Structure model' chem_comp_atom            
6 5 'Structure model' chem_comp_bond            
7 5 'Structure model' pdbx_entry_details        
8 5 'Structure model' pdbx_modification_feature 
# 
loop_
_pdbx_audit_revision_item.ordinal 
_pdbx_audit_revision_item.revision_ordinal 
_pdbx_audit_revision_item.data_content_type 
_pdbx_audit_revision_item.item 
1 4 'Structure model' '_database_2.pdbx_DOI'                
2 4 'Structure model' '_database_2.pdbx_database_accession' 
3 4 'Structure model' '_struct_ref_seq_dif.details'         
# 
_pdbx_database_status.status_code                     REL 
_pdbx_database_status.entry_id                        1DTV 
_pdbx_database_status.recvd_initial_deposition_date   2000-01-13 
_pdbx_database_status.deposit_site                    RCSB 
_pdbx_database_status.process_site                    RCSB 
_pdbx_database_status.SG_entry                        . 
_pdbx_database_status.pdb_format_compatible           Y 
_pdbx_database_status.status_code_mr                  ? 
_pdbx_database_status.status_code_sf                  ? 
_pdbx_database_status.status_code_cs                  ? 
_pdbx_database_status.status_code_nmr_data            ? 
_pdbx_database_status.methods_development_category    ? 
# 
loop_
_audit_author.name 
_audit_author.pdbx_ordinal 
'Reverter, D.'          1 
'Fernandez-Catalan, C.' 2 
'Bode, W.'              3 
'Holak, T.A.'           4 
'Aviles, F.X.'          5 
# 
_citation.id                        primary 
_citation.title                     
'Structure of a novel leech carboxypeptidase inhibitor determined free in solution and in complex with human carboxypeptidase A2.' 
_citation.journal_abbrev            Nat.Struct.Biol. 
_citation.journal_volume            7 
_citation.page_first                322 
_citation.page_last                 328 
_citation.year                      2000 
_citation.journal_id_ASTM           NSBIEW 
_citation.country                   US 
_citation.journal_id_ISSN           1072-8368 
_citation.journal_id_CSD            2024 
_citation.book_publisher            ? 
_citation.pdbx_database_id_PubMed   10742178 
_citation.pdbx_database_id_DOI      10.1038/74092 
# 
loop_
_citation_author.citation_id 
_citation_author.name 
_citation_author.ordinal 
_citation_author.identifier_ORCID 
primary 'Reverter, D.'          1 ? 
primary 'Fernandez-Catalan, C.' 2 ? 
primary 'Baumgartner, R.'       3 ? 
primary 'Pfander, R.'           4 ? 
primary 'Huber, R.'             5 ? 
primary 'Bode, W.'              6 ? 
primary 'Vendrell, J.'          7 ? 
primary 'Holak, T.A.'           8 ? 
primary 'Aviles, F.X.'          9 ? 
# 
_entity.id                         1 
_entity.type                       polymer 
_entity.src_method                 nat 
_entity.pdbx_description           'CARBOXYPEPTIDASE INHIBITOR' 
_entity.formula_weight             7397.256 
_entity.pdbx_number_of_molecules   1 
_entity.pdbx_ec                    ? 
_entity.pdbx_mutation              ? 
_entity.pdbx_fragment              ? 
_entity.details                    ? 
# 
_entity_name_com.entity_id   1 
_entity_name_com.name        LCI 
# 
_entity_poly.entity_id                      1 
_entity_poly.type                           'polypeptide(L)' 
_entity_poly.nstd_linkage                   no 
_entity_poly.nstd_monomer                   no 
_entity_poly.pdbx_seq_one_letter_code       GSHTPDESFLCYQPDQVCCFICRGAAPLPSEGECNPHPTAPWCREGAVEWVPYSTGQCRTTCIPYVE 
_entity_poly.pdbx_seq_one_letter_code_can   GSHTPDESFLCYQPDQVCCFICRGAAPLPSEGECNPHPTAPWCREGAVEWVPYSTGQCRTTCIPYVE 
_entity_poly.pdbx_strand_id                 A 
_entity_poly.pdbx_target_identifier         ? 
# 
loop_
_entity_poly_seq.entity_id 
_entity_poly_seq.num 
_entity_poly_seq.mon_id 
_entity_poly_seq.hetero 
1 1  GLY n 
1 2  SER n 
1 3  HIS n 
1 4  THR n 
1 5  PRO n 
1 6  ASP n 
1 7  GLU n 
1 8  SER n 
1 9  PHE n 
1 10 LEU n 
1 11 CYS n 
1 12 TYR n 
1 13 GLN n 
1 14 PRO n 
1 15 ASP n 
1 16 GLN n 
1 17 VAL n 
1 18 CYS n 
1 19 CYS n 
1 20 PHE n 
1 21 ILE n 
1 22 CYS n 
1 23 ARG n 
1 24 GLY n 
1 25 ALA n 
1 26 ALA n 
1 27 PRO n 
1 28 LEU n 
1 29 PRO n 
1 30 SER n 
1 31 GLU n 
1 32 GLY n 
1 33 GLU n 
1 34 CYS n 
1 35 ASN n 
1 36 PRO n 
1 37 HIS n 
1 38 PRO n 
1 39 THR n 
1 40 ALA n 
1 41 PRO n 
1 42 TRP n 
1 43 CYS n 
1 44 ARG n 
1 45 GLU n 
1 46 GLY n 
1 47 ALA n 
1 48 VAL n 
1 49 GLU n 
1 50 TRP n 
1 51 VAL n 
1 52 PRO n 
1 53 TYR n 
1 54 SER n 
1 55 THR n 
1 56 GLY n 
1 57 GLN n 
1 58 CYS n 
1 59 ARG n 
1 60 THR n 
1 61 THR n 
1 62 CYS n 
1 63 ILE n 
1 64 PRO n 
1 65 TYR n 
1 66 VAL n 
1 67 GLU n 
# 
_entity_src_nat.entity_id                  1 
_entity_src_nat.pdbx_src_id                1 
_entity_src_nat.pdbx_alt_source_flag       sample 
_entity_src_nat.pdbx_beg_seq_num           ? 
_entity_src_nat.pdbx_end_seq_num           ? 
_entity_src_nat.common_name                'medicinal leech' 
_entity_src_nat.pdbx_organism_scientific   'Hirudo medicinalis' 
_entity_src_nat.pdbx_ncbi_taxonomy_id      6421 
_entity_src_nat.genus                      Hirudo 
_entity_src_nat.species                    ? 
_entity_src_nat.strain                     ? 
_entity_src_nat.tissue                     ? 
_entity_src_nat.tissue_fraction            ? 
_entity_src_nat.pdbx_secretion             ? 
_entity_src_nat.pdbx_fragment              ? 
_entity_src_nat.pdbx_variant               ? 
_entity_src_nat.pdbx_cell_line             ? 
_entity_src_nat.pdbx_atcc                  ? 
_entity_src_nat.pdbx_cellular_location     ? 
_entity_src_nat.pdbx_organ                 ? 
_entity_src_nat.pdbx_organelle             ? 
_entity_src_nat.pdbx_cell                  ? 
_entity_src_nat.pdbx_plasmid_name          ? 
_entity_src_nat.pdbx_plasmid_details       ? 
_entity_src_nat.details                    ? 
# 
loop_
_chem_comp.id 
_chem_comp.type 
_chem_comp.mon_nstd_flag 
_chem_comp.name 
_chem_comp.pdbx_synonyms 
_chem_comp.formula 
_chem_comp.formula_weight 
ALA 'L-peptide linking' y ALANINE         ? 'C3 H7 N O2'     89.093  
ARG 'L-peptide linking' y ARGININE        ? 'C6 H15 N4 O2 1' 175.209 
ASN 'L-peptide linking' y ASPARAGINE      ? 'C4 H8 N2 O3'    132.118 
ASP 'L-peptide linking' y 'ASPARTIC ACID' ? 'C4 H7 N O4'     133.103 
CYS 'L-peptide linking' y CYSTEINE        ? 'C3 H7 N O2 S'   121.158 
GLN 'L-peptide linking' y GLUTAMINE       ? 'C5 H10 N2 O3'   146.144 
GLU 'L-peptide linking' y 'GLUTAMIC ACID' ? 'C5 H9 N O4'     147.129 
GLY 'peptide linking'   y GLYCINE         ? 'C2 H5 N O2'     75.067  
HIS 'L-peptide linking' y HISTIDINE       ? 'C6 H10 N3 O2 1' 156.162 
ILE 'L-peptide linking' y ISOLEUCINE      ? 'C6 H13 N O2'    131.173 
LEU 'L-peptide linking' y LEUCINE         ? 'C6 H13 N O2'    131.173 
PHE 'L-peptide linking' y PHENYLALANINE   ? 'C9 H11 N O2'    165.189 
PRO 'L-peptide linking' y PROLINE         ? 'C5 H9 N O2'     115.130 
SER 'L-peptide linking' y SERINE          ? 'C3 H7 N O3'     105.093 
THR 'L-peptide linking' y THREONINE       ? 'C4 H9 N O3'     119.119 
TRP 'L-peptide linking' y TRYPTOPHAN      ? 'C11 H12 N2 O2'  204.225 
TYR 'L-peptide linking' y TYROSINE        ? 'C9 H11 N O3'    181.189 
VAL 'L-peptide linking' y VALINE          ? 'C5 H11 N O2'    117.146 
# 
loop_
_pdbx_poly_seq_scheme.asym_id 
_pdbx_poly_seq_scheme.entity_id 
_pdbx_poly_seq_scheme.seq_id 
_pdbx_poly_seq_scheme.mon_id 
_pdbx_poly_seq_scheme.ndb_seq_num 
_pdbx_poly_seq_scheme.pdb_seq_num 
_pdbx_poly_seq_scheme.auth_seq_num 
_pdbx_poly_seq_scheme.pdb_mon_id 
_pdbx_poly_seq_scheme.auth_mon_id 
_pdbx_poly_seq_scheme.pdb_strand_id 
_pdbx_poly_seq_scheme.pdb_ins_code 
_pdbx_poly_seq_scheme.hetero 
A 1 1  GLY 1  1  1  GLY GLY A . n 
A 1 2  SER 2  2  2  SER SER A . n 
A 1 3  HIS 3  3  3  HIS HIS A . n 
A 1 4  THR 4  4  4  THR THR A . n 
A 1 5  PRO 5  5  5  PRO PRO A . n 
A 1 6  ASP 6  6  6  ASP ASP A . n 
A 1 7  GLU 7  7  7  GLU GLU A . n 
A 1 8  SER 8  8  8  SER SER A . n 
A 1 9  PHE 9  9  9  PHE PHE A . n 
A 1 10 LEU 10 10 10 LEU LEU A . n 
A 1 11 CYS 11 11 11 CYS CYS A . n 
A 1 12 TYR 12 12 12 TYR TYR A . n 
A 1 13 GLN 13 13 13 GLN GLN A . n 
A 1 14 PRO 14 14 14 PRO PRO A . n 
A 1 15 ASP 15 15 15 ASP ASP A . n 
A 1 16 GLN 16 16 16 GLN GLN A . n 
A 1 17 VAL 17 17 17 VAL VAL A . n 
A 1 18 CYS 18 18 18 CYS CYS A . n 
A 1 19 CYS 19 19 19 CYS CYS A . n 
A 1 20 PHE 20 20 20 PHE PHE A . n 
A 1 21 ILE 21 21 21 ILE ILE A . n 
A 1 22 CYS 22 22 22 CYS CYS A . n 
A 1 23 ARG 23 23 23 ARG ARG A . n 
A 1 24 GLY 24 24 24 GLY GLY A . n 
A 1 25 ALA 25 25 25 ALA ALA A . n 
A 1 26 ALA 26 26 26 ALA ALA A . n 
A 1 27 PRO 27 27 27 PRO PRO A . n 
A 1 28 LEU 28 28 28 LEU LEU A . n 
A 1 29 PRO 29 29 29 PRO PRO A . n 
A 1 30 SER 30 30 30 SER SER A . n 
A 1 31 GLU 31 31 31 GLU GLU A . n 
A 1 32 GLY 32 32 32 GLY GLY A . n 
A 1 33 GLU 33 33 33 GLU GLU A . n 
A 1 34 CYS 34 34 34 CYS CYS A . n 
A 1 35 ASN 35 35 35 ASN ASN A . n 
A 1 36 PRO 36 36 36 PRO PRO A . n 
A 1 37 HIS 37 37 37 HIS HIS A . n 
A 1 38 PRO 38 38 38 PRO PRO A . n 
A 1 39 THR 39 39 39 THR THR A . n 
A 1 40 ALA 40 40 40 ALA ALA A . n 
A 1 41 PRO 41 41 41 PRO PRO A . n 
A 1 42 TRP 42 42 42 TRP TRP A . n 
A 1 43 CYS 43 43 43 CYS CYS A . n 
A 1 44 ARG 44 44 44 ARG ARG A . n 
A 1 45 GLU 45 45 45 GLU GLU A . n 
A 1 46 GLY 46 46 46 GLY GLY A . n 
A 1 47 ALA 47 47 47 ALA ALA A . n 
A 1 48 VAL 48 48 48 VAL VAL A . n 
A 1 49 GLU 49 49 49 GLU GLU A . n 
A 1 50 TRP 50 50 50 TRP TRP A . n 
A 1 51 VAL 51 51 51 VAL VAL A . n 
A 1 52 PRO 52 52 52 PRO PRO A . n 
A 1 53 TYR 53 53 53 TYR TYR A . n 
A 1 54 SER 54 54 54 SER SER A . n 
A 1 55 THR 55 55 55 THR THR A . n 
A 1 56 GLY 56 56 56 GLY GLY A . n 
A 1 57 GLN 57 57 57 GLN GLN A . n 
A 1 58 CYS 58 58 58 CYS CYS A . n 
A 1 59 ARG 59 59 59 ARG ARG A . n 
A 1 60 THR 60 60 60 THR THR A . n 
A 1 61 THR 61 61 61 THR THR A . n 
A 1 62 CYS 62 62 62 CYS CYS A . n 
A 1 63 ILE 63 63 63 ILE ILE A . n 
A 1 64 PRO 64 64 64 PRO PRO A . n 
A 1 65 TYR 65 65 65 TYR TYR A . n 
A 1 66 VAL 66 66 66 VAL VAL A . n 
A 1 67 GLU 67 67 67 GLU GLU A . n 
# 
_cell.entry_id           1DTV 
_cell.length_a           1.000 
_cell.length_b           1.000 
_cell.length_c           1.000 
_cell.angle_alpha        90.00 
_cell.angle_beta         90.00 
_cell.angle_gamma        90.00 
_cell.Z_PDB              1 
_cell.pdbx_unique_axis   ? 
# 
_symmetry.entry_id                         1DTV 
_symmetry.space_group_name_H-M             'P 1' 
_symmetry.pdbx_full_space_group_name_H-M   ? 
_symmetry.cell_setting                     ? 
_symmetry.Int_Tables_number                1 
# 
_exptl.entry_id          1DTV 
_exptl.method            'SOLUTION NMR' 
_exptl.crystals_number   ? 
# 
_struct.entry_id                  1DTV 
_struct.title                     'NMR STRUCTURE OF THE LEECH CARBOXYPEPTIDASE INHIBITOR (LCI)' 
_struct.pdbx_model_details        ? 
_struct.pdbx_CASP_flag            ? 
_struct.pdbx_model_type_details   ? 
# 
_struct_keywords.entry_id        1DTV 
_struct_keywords.pdbx_keywords   'HYDROLASE INHIBITOR' 
_struct_keywords.text            'Leech Carboxypeptidase Inhibitor, LCI, HYDROLASE INHIBITOR' 
# 
_struct_asym.id                            A 
_struct_asym.pdbx_blank_PDB_chainid_flag   N 
_struct_asym.pdbx_modified                 N 
_struct_asym.entity_id                     1 
_struct_asym.details                       ? 
# 
_struct_ref.id                         1 
_struct_ref.db_name                    UNP 
_struct_ref.db_code                    MCPI_HIRME 
_struct_ref.entity_id                  1 
_struct_ref.pdbx_db_accession          P81511 
_struct_ref.pdbx_align_begin           15 
_struct_ref.pdbx_seq_one_letter_code   SSHTPDESFLCYQPDQVCCFICRGAAPLPSEGECNPHPTAPWCREGAVEWVPYSTGQCRTTCIPYVE 
_struct_ref.pdbx_db_isoform            ? 
# 
_struct_ref_seq.align_id                      1 
_struct_ref_seq.ref_id                        1 
_struct_ref_seq.pdbx_PDB_id_code              1DTV 
_struct_ref_seq.pdbx_strand_id                A 
_struct_ref_seq.seq_align_beg                 1 
_struct_ref_seq.pdbx_seq_align_beg_ins_code   ? 
_struct_ref_seq.seq_align_end                 67 
_struct_ref_seq.pdbx_seq_align_end_ins_code   ? 
_struct_ref_seq.pdbx_db_accession             P81511 
_struct_ref_seq.db_align_beg                  15 
_struct_ref_seq.pdbx_db_align_beg_ins_code    ? 
_struct_ref_seq.db_align_end                  81 
_struct_ref_seq.pdbx_db_align_end_ins_code    ? 
_struct_ref_seq.pdbx_auth_seq_align_beg       1 
_struct_ref_seq.pdbx_auth_seq_align_end       67 
# 
_struct_ref_seq_dif.align_id                     1 
_struct_ref_seq_dif.pdbx_pdb_id_code             1DTV 
_struct_ref_seq_dif.mon_id                       GLY 
_struct_ref_seq_dif.pdbx_pdb_strand_id           A 
_struct_ref_seq_dif.seq_num                      1 
_struct_ref_seq_dif.pdbx_pdb_ins_code            ? 
_struct_ref_seq_dif.pdbx_seq_db_name             UNP 
_struct_ref_seq_dif.pdbx_seq_db_accession_code   P81511 
_struct_ref_seq_dif.db_mon_id                    SER 
_struct_ref_seq_dif.pdbx_seq_db_seq_num          15 
_struct_ref_seq_dif.details                      conflict 
_struct_ref_seq_dif.pdbx_auth_seq_num            1 
_struct_ref_seq_dif.pdbx_ordinal                 1 
# 
_pdbx_struct_assembly.id                   1 
_pdbx_struct_assembly.details              author_defined_assembly 
_pdbx_struct_assembly.method_details       ? 
_pdbx_struct_assembly.oligomeric_details   monomeric 
_pdbx_struct_assembly.oligomeric_count     1 
# 
_pdbx_struct_assembly_gen.assembly_id       1 
_pdbx_struct_assembly_gen.oper_expression   1 
_pdbx_struct_assembly_gen.asym_id_list      A 
# 
_pdbx_struct_oper_list.id                   1 
_pdbx_struct_oper_list.type                 'identity operation' 
_pdbx_struct_oper_list.name                 1_555 
_pdbx_struct_oper_list.symmetry_operation   x,y,z 
_pdbx_struct_oper_list.matrix[1][1]         1.0000000000 
_pdbx_struct_oper_list.matrix[1][2]         0.0000000000 
_pdbx_struct_oper_list.matrix[1][3]         0.0000000000 
_pdbx_struct_oper_list.vector[1]            0.0000000000 
_pdbx_struct_oper_list.matrix[2][1]         0.0000000000 
_pdbx_struct_oper_list.matrix[2][2]         1.0000000000 
_pdbx_struct_oper_list.matrix[2][3]         0.0000000000 
_pdbx_struct_oper_list.vector[2]            0.0000000000 
_pdbx_struct_oper_list.matrix[3][1]         0.0000000000 
_pdbx_struct_oper_list.matrix[3][2]         0.0000000000 
_pdbx_struct_oper_list.matrix[3][3]         1.0000000000 
_pdbx_struct_oper_list.vector[3]            0.0000000000 
# 
_struct_biol.id   1 
# 
_struct_conf.conf_type_id            HELX_P 
_struct_conf.id                      HELX_P1 
_struct_conf.pdbx_PDB_helix_id       1 
_struct_conf.beg_label_comp_id       ALA 
_struct_conf.beg_label_asym_id       A 
_struct_conf.beg_label_seq_id        40 
_struct_conf.pdbx_beg_PDB_ins_code   ? 
_struct_conf.end_label_comp_id       ALA 
_struct_conf.end_label_asym_id       A 
_struct_conf.end_label_seq_id        47 
_struct_conf.pdbx_end_PDB_ins_code   ? 
_struct_conf.beg_auth_comp_id        ALA 
_struct_conf.beg_auth_asym_id        A 
_struct_conf.beg_auth_seq_id         40 
_struct_conf.end_auth_comp_id        ALA 
_struct_conf.end_auth_asym_id        A 
_struct_conf.end_auth_seq_id         47 
_struct_conf.pdbx_PDB_helix_class    1 
_struct_conf.details                 ? 
_struct_conf.pdbx_PDB_helix_length   8 
# 
_struct_conf_type.id          HELX_P 
_struct_conf_type.criteria    ? 
_struct_conf_type.reference   ? 
# 
loop_
_struct_conn.id 
_struct_conn.conn_type_id 
_struct_conn.pdbx_leaving_atom_flag 
_struct_conn.pdbx_PDB_id 
_struct_conn.ptnr1_label_asym_id 
_struct_conn.ptnr1_label_comp_id 
_struct_conn.ptnr1_label_seq_id 
_struct_conn.ptnr1_label_atom_id 
_struct_conn.pdbx_ptnr1_label_alt_id 
_struct_conn.pdbx_ptnr1_PDB_ins_code 
_struct_conn.pdbx_ptnr1_standard_comp_id 
_struct_conn.ptnr1_symmetry 
_struct_conn.ptnr2_label_asym_id 
_struct_conn.ptnr2_label_comp_id 
_struct_conn.ptnr2_label_seq_id 
_struct_conn.ptnr2_label_atom_id 
_struct_conn.pdbx_ptnr2_label_alt_id 
_struct_conn.pdbx_ptnr2_PDB_ins_code 
_struct_conn.ptnr1_auth_asym_id 
_struct_conn.ptnr1_auth_comp_id 
_struct_conn.ptnr1_auth_seq_id 
_struct_conn.ptnr2_auth_asym_id 
_struct_conn.ptnr2_auth_comp_id 
_struct_conn.ptnr2_auth_seq_id 
_struct_conn.ptnr2_symmetry 
_struct_conn.pdbx_ptnr3_label_atom_id 
_struct_conn.pdbx_ptnr3_label_seq_id 
_struct_conn.pdbx_ptnr3_label_comp_id 
_struct_conn.pdbx_ptnr3_label_asym_id 
_struct_conn.pdbx_ptnr3_label_alt_id 
_struct_conn.pdbx_ptnr3_PDB_ins_code 
_struct_conn.details 
_struct_conn.pdbx_dist_value 
_struct_conn.pdbx_value_order 
_struct_conn.pdbx_role 
disulf1 disulf ? ? A CYS 11 SG ? ? ? 1_555 A CYS 34 SG ? ? A CYS 11 A CYS 34 1_555 ? ? ? ? ? ? ? 2.019 ? ? 
disulf2 disulf ? ? A CYS 18 SG ? ? ? 1_555 A CYS 62 SG ? ? A CYS 18 A CYS 62 1_555 ? ? ? ? ? ? ? 2.028 ? ? 
disulf3 disulf ? ? A CYS 19 SG ? ? ? 1_555 A CYS 43 SG ? ? A CYS 19 A CYS 43 1_555 ? ? ? ? ? ? ? 2.010 ? ? 
disulf4 disulf ? ? A CYS 22 SG ? ? ? 1_555 A CYS 58 SG ? ? A CYS 22 A CYS 58 1_555 ? ? ? ? ? ? ? 2.014 ? ? 
# 
_struct_conn_type.id          disulf 
_struct_conn_type.criteria    ? 
_struct_conn_type.reference   ? 
# 
loop_
_pdbx_modification_feature.ordinal 
_pdbx_modification_feature.label_comp_id 
_pdbx_modification_feature.label_asym_id 
_pdbx_modification_feature.label_seq_id 
_pdbx_modification_feature.label_alt_id 
_pdbx_modification_feature.modified_residue_label_comp_id 
_pdbx_modification_feature.modified_residue_label_asym_id 
_pdbx_modification_feature.modified_residue_label_seq_id 
_pdbx_modification_feature.modified_residue_label_alt_id 
_pdbx_modification_feature.auth_comp_id 
_pdbx_modification_feature.auth_asym_id 
_pdbx_modification_feature.auth_seq_id 
_pdbx_modification_feature.PDB_ins_code 
_pdbx_modification_feature.symmetry 
_pdbx_modification_feature.modified_residue_auth_comp_id 
_pdbx_modification_feature.modified_residue_auth_asym_id 
_pdbx_modification_feature.modified_residue_auth_seq_id 
_pdbx_modification_feature.modified_residue_PDB_ins_code 
_pdbx_modification_feature.modified_residue_symmetry 
_pdbx_modification_feature.comp_id_linking_atom 
_pdbx_modification_feature.modified_residue_id_linking_atom 
_pdbx_modification_feature.modified_residue_id 
_pdbx_modification_feature.ref_pcm_id 
_pdbx_modification_feature.ref_comp_id 
_pdbx_modification_feature.type 
_pdbx_modification_feature.category 
1 CYS A 11 ? CYS A 34 ? CYS A 11 ? 1_555 CYS A 34 ? 1_555 SG SG . . . None 'Disulfide bridge' 
2 CYS A 18 ? CYS A 62 ? CYS A 18 ? 1_555 CYS A 62 ? 1_555 SG SG . . . None 'Disulfide bridge' 
3 CYS A 19 ? CYS A 43 ? CYS A 19 ? 1_555 CYS A 43 ? 1_555 SG SG . . . None 'Disulfide bridge' 
4 CYS A 22 ? CYS A 58 ? CYS A 22 ? 1_555 CYS A 58 ? 1_555 SG SG . . . None 'Disulfide bridge' 
# 
_struct_sheet.id               A 
_struct_sheet.type             ? 
_struct_sheet.number_strands   5 
_struct_sheet.details          ? 
# 
loop_
_struct_sheet_order.sheet_id 
_struct_sheet_order.range_id_1 
_struct_sheet_order.range_id_2 
_struct_sheet_order.offset 
_struct_sheet_order.sense 
A 1 2 ? anti-parallel 
A 2 3 ? anti-parallel 
A 3 4 ? anti-parallel 
A 4 5 ? anti-parallel 
# 
loop_
_struct_sheet_range.sheet_id 
_struct_sheet_range.id 
_struct_sheet_range.beg_label_comp_id 
_struct_sheet_range.beg_label_asym_id 
_struct_sheet_range.beg_label_seq_id 
_struct_sheet_range.pdbx_beg_PDB_ins_code 
_struct_sheet_range.end_label_comp_id 
_struct_sheet_range.end_label_asym_id 
_struct_sheet_range.end_label_seq_id 
_struct_sheet_range.pdbx_end_PDB_ins_code 
_struct_sheet_range.beg_auth_comp_id 
_struct_sheet_range.beg_auth_asym_id 
_struct_sheet_range.beg_auth_seq_id 
_struct_sheet_range.end_auth_comp_id 
_struct_sheet_range.end_auth_asym_id 
_struct_sheet_range.end_auth_seq_id 
A 1 GLU A 33 ? PRO A 36 ? GLU A 33 PRO A 36 
A 2 GLU A 7  ? GLN A 13 ? GLU A 7  GLN A 13 
A 3 GLN A 16 ? CYS A 22 ? GLN A 16 CYS A 22 
A 4 GLY A 56 ? ILE A 63 ? GLY A 56 ILE A 63 
A 5 PRO A 52 ? TYR A 53 ? PRO A 52 TYR A 53 
# 
loop_
_pdbx_struct_sheet_hbond.sheet_id 
_pdbx_struct_sheet_hbond.range_id_1 
_pdbx_struct_sheet_hbond.range_id_2 
_pdbx_struct_sheet_hbond.range_1_label_atom_id 
_pdbx_struct_sheet_hbond.range_1_label_comp_id 
_pdbx_struct_sheet_hbond.range_1_label_asym_id 
_pdbx_struct_sheet_hbond.range_1_label_seq_id 
_pdbx_struct_sheet_hbond.range_1_PDB_ins_code 
_pdbx_struct_sheet_hbond.range_1_auth_atom_id 
_pdbx_struct_sheet_hbond.range_1_auth_comp_id 
_pdbx_struct_sheet_hbond.range_1_auth_asym_id 
_pdbx_struct_sheet_hbond.range_1_auth_seq_id 
_pdbx_struct_sheet_hbond.range_2_label_atom_id 
_pdbx_struct_sheet_hbond.range_2_label_comp_id 
_pdbx_struct_sheet_hbond.range_2_label_asym_id 
_pdbx_struct_sheet_hbond.range_2_label_seq_id 
_pdbx_struct_sheet_hbond.range_2_PDB_ins_code 
_pdbx_struct_sheet_hbond.range_2_auth_atom_id 
_pdbx_struct_sheet_hbond.range_2_auth_comp_id 
_pdbx_struct_sheet_hbond.range_2_auth_asym_id 
_pdbx_struct_sheet_hbond.range_2_auth_seq_id 
A 1 2 O ASN A 35 ? O ASN A 35 N LEU A 10 ? N LEU A 10 
A 2 3 N GLN A 13 ? N GLN A 13 O GLN A 16 ? O GLN A 16 
A 3 4 O ILE A 21 ? O ILE A 21 N ARG A 59 ? N ARG A 59 
A 4 5 O GLY A 56 ? O GLY A 56 N TYR A 53 ? N TYR A 53 
# 
_pdbx_entry_details.entry_id                   1DTV 
_pdbx_entry_details.compound_details           ? 
_pdbx_entry_details.source_details             ? 
_pdbx_entry_details.nonpolymer_details         ? 
_pdbx_entry_details.sequence_details           ? 
_pdbx_entry_details.has_ligand_of_interest     ? 
_pdbx_entry_details.has_protein_modification   Y 
# 
_pdbx_validate_close_contact.id               1 
_pdbx_validate_close_contact.PDB_model_num    1 
_pdbx_validate_close_contact.auth_atom_id_1   O 
_pdbx_validate_close_contact.auth_asym_id_1   A 
_pdbx_validate_close_contact.auth_comp_id_1   GLN 
_pdbx_validate_close_contact.auth_seq_id_1    13 
_pdbx_validate_close_contact.PDB_ins_code_1   ? 
_pdbx_validate_close_contact.label_alt_id_1   ? 
_pdbx_validate_close_contact.auth_atom_id_2   OH 
_pdbx_validate_close_contact.auth_asym_id_2   A 
_pdbx_validate_close_contact.auth_comp_id_2   TYR 
_pdbx_validate_close_contact.auth_seq_id_2    65 
_pdbx_validate_close_contact.PDB_ins_code_2   ? 
_pdbx_validate_close_contact.label_alt_id_2   ? 
_pdbx_validate_close_contact.dist             2.19 
# 
_pdbx_validate_rmsd_angle.id                         1 
_pdbx_validate_rmsd_angle.PDB_model_num              1 
_pdbx_validate_rmsd_angle.auth_atom_id_1             CB 
_pdbx_validate_rmsd_angle.auth_asym_id_1             A 
_pdbx_validate_rmsd_angle.auth_comp_id_1             TYR 
_pdbx_validate_rmsd_angle.auth_seq_id_1              65 
_pdbx_validate_rmsd_angle.PDB_ins_code_1             ? 
_pdbx_validate_rmsd_angle.label_alt_id_1             ? 
_pdbx_validate_rmsd_angle.auth_atom_id_2             CG 
_pdbx_validate_rmsd_angle.auth_asym_id_2             A 
_pdbx_validate_rmsd_angle.auth_comp_id_2             TYR 
_pdbx_validate_rmsd_angle.auth_seq_id_2              65 
_pdbx_validate_rmsd_angle.PDB_ins_code_2             ? 
_pdbx_validate_rmsd_angle.label_alt_id_2             ? 
_pdbx_validate_rmsd_angle.auth_atom_id_3             CD2 
_pdbx_validate_rmsd_angle.auth_asym_id_3             A 
_pdbx_validate_rmsd_angle.auth_comp_id_3             TYR 
_pdbx_validate_rmsd_angle.auth_seq_id_3              65 
_pdbx_validate_rmsd_angle.PDB_ins_code_3             ? 
_pdbx_validate_rmsd_angle.label_alt_id_3             ? 
_pdbx_validate_rmsd_angle.angle_value                117.17 
_pdbx_validate_rmsd_angle.angle_target_value         121.00 
_pdbx_validate_rmsd_angle.angle_deviation            -3.83 
_pdbx_validate_rmsd_angle.angle_standard_deviation   0.60 
_pdbx_validate_rmsd_angle.linker_flag                N 
# 
loop_
_pdbx_validate_torsion.id 
_pdbx_validate_torsion.PDB_model_num 
_pdbx_validate_torsion.auth_comp_id 
_pdbx_validate_torsion.auth_asym_id 
_pdbx_validate_torsion.auth_seq_id 
_pdbx_validate_torsion.PDB_ins_code 
_pdbx_validate_torsion.label_alt_id 
_pdbx_validate_torsion.phi 
_pdbx_validate_torsion.psi 
1  1 SER A 2  ? ? -112.05 -160.47 
2  1 GLU A 7  ? ? -118.17 -169.67 
3  1 PRO A 14 ? ? -57.26  -9.05   
4  1 ASP A 15 ? ? -143.94 15.63   
5  1 ALA A 25 ? ? -145.70 -148.87 
6  1 PRO A 38 ? ? -69.12  -129.47 
7  1 THR A 39 ? ? -162.35 107.44  
8  1 ALA A 40 ? ? -67.82  -172.27 
9  1 SER A 54 ? ? -20.81  -90.60  
10 1 TYR A 65 ? ? -109.95 -110.36 
11 1 VAL A 66 ? ? -76.24  26.44   
# 
loop_
_pdbx_validate_planes.id 
_pdbx_validate_planes.PDB_model_num 
_pdbx_validate_planes.auth_comp_id 
_pdbx_validate_planes.auth_asym_id 
_pdbx_validate_planes.auth_seq_id 
_pdbx_validate_planes.PDB_ins_code 
_pdbx_validate_planes.label_alt_id 
_pdbx_validate_planes.rmsd 
_pdbx_validate_planes.type 
1 1 ARG A 23 ? ? 0.177 'SIDE CHAIN' 
2 1 ARG A 44 ? ? 0.162 'SIDE CHAIN' 
3 1 ARG A 59 ? ? 0.308 'SIDE CHAIN' 
# 
_pdbx_nmr_ensemble.entry_id                                      1DTV 
_pdbx_nmr_ensemble.conformers_calculated_total_number            15 
_pdbx_nmr_ensemble.conformers_submitted_total_number             1 
_pdbx_nmr_ensemble.conformer_selection_criteria                  'structures with the lowest energy' 
_pdbx_nmr_ensemble.average_constraints_per_residue               ? 
_pdbx_nmr_ensemble.average_constraint_violations_per_residue     ? 
_pdbx_nmr_ensemble.maximum_distance_constraint_violation         ? 
_pdbx_nmr_ensemble.average_distance_constraint_violation         ? 
_pdbx_nmr_ensemble.maximum_upper_distance_constraint_violation   ? 
_pdbx_nmr_ensemble.maximum_lower_distance_constraint_violation   ? 
_pdbx_nmr_ensemble.distance_constraint_violation_method          ? 
_pdbx_nmr_ensemble.maximum_torsion_angle_constraint_violation    ? 
_pdbx_nmr_ensemble.average_torsion_angle_constraint_violation    ? 
_pdbx_nmr_ensemble.torsion_angle_constraint_violation_method     ? 
# 
_pdbx_nmr_representative.entry_id             1DTV 
_pdbx_nmr_representative.conformer_id         1 
_pdbx_nmr_representative.selection_criteria   'closest to the average' 
# 
_pdbx_nmr_sample_details.solution_id      1 
_pdbx_nmr_sample_details.contents         '1 mM in 20 mM phosphate buffer, pH 6.5' 
_pdbx_nmr_sample_details.solvent_system   '90% H2O/10% D2O' 
# 
_pdbx_nmr_exptl_sample_conditions.conditions_id       1 
_pdbx_nmr_exptl_sample_conditions.temperature         298 
_pdbx_nmr_exptl_sample_conditions.pressure            ambient 
_pdbx_nmr_exptl_sample_conditions.pH                  6.5 
_pdbx_nmr_exptl_sample_conditions.ionic_strength      '20mM Tris' 
_pdbx_nmr_exptl_sample_conditions.pressure_units      ? 
_pdbx_nmr_exptl_sample_conditions.temperature_units   K 
# 
_pdbx_nmr_exptl.experiment_id   1 
_pdbx_nmr_exptl.solution_id     1 
_pdbx_nmr_exptl.conditions_id   1 
_pdbx_nmr_exptl.type            '2D NOESY' 
# 
_pdbx_nmr_refine.entry_id           1DTV 
_pdbx_nmr_refine.method             'simulated annealing' 
_pdbx_nmr_refine.details            ? 
_pdbx_nmr_refine.software_ordinal   1 
# 
_pdbx_nmr_software.name             X-PLOR 
_pdbx_nmr_software.version          3.1 
_pdbx_nmr_software.classification   refinement 
_pdbx_nmr_software.authors          Brunger 
_pdbx_nmr_software.ordinal          1 
# 
loop_
_chem_comp_atom.comp_id 
_chem_comp_atom.atom_id 
_chem_comp_atom.type_symbol 
_chem_comp_atom.pdbx_aromatic_flag 
_chem_comp_atom.pdbx_stereo_config 
_chem_comp_atom.pdbx_ordinal 
ALA N    N N N 1   
ALA CA   C N S 2   
ALA C    C N N 3   
ALA O    O N N 4   
ALA CB   C N N 5   
ALA OXT  O N N 6   
ALA H    H N N 7   
ALA H2   H N N 8   
ALA HA   H N N 9   
ALA HB1  H N N 10  
ALA HB2  H N N 11  
ALA HB3  H N N 12  
ALA HXT  H N N 13  
ARG N    N N N 14  
ARG CA   C N S 15  
ARG C    C N N 16  
ARG O    O N N 17  
ARG CB   C N N 18  
ARG CG   C N N 19  
ARG CD   C N N 20  
ARG NE   N N N 21  
ARG CZ   C N N 22  
ARG NH1  N N N 23  
ARG NH2  N N N 24  
ARG OXT  O N N 25  
ARG H    H N N 26  
ARG H2   H N N 27  
ARG HA   H N N 28  
ARG HB2  H N N 29  
ARG HB3  H N N 30  
ARG HG2  H N N 31  
ARG HG3  H N N 32  
ARG HD2  H N N 33  
ARG HD3  H N N 34  
ARG HE   H N N 35  
ARG HH11 H N N 36  
ARG HH12 H N N 37  
ARG HH21 H N N 38  
ARG HH22 H N N 39  
ARG HXT  H N N 40  
ASN N    N N N 41  
ASN CA   C N S 42  
ASN C    C N N 43  
ASN O    O N N 44  
ASN CB   C N N 45  
ASN CG   C N N 46  
ASN OD1  O N N 47  
ASN ND2  N N N 48  
ASN OXT  O N N 49  
ASN H    H N N 50  
ASN H2   H N N 51  
ASN HA   H N N 52  
ASN HB2  H N N 53  
ASN HB3  H N N 54  
ASN HD21 H N N 55  
ASN HD22 H N N 56  
ASN HXT  H N N 57  
ASP N    N N N 58  
ASP CA   C N S 59  
ASP C    C N N 60  
ASP O    O N N 61  
ASP CB   C N N 62  
ASP CG   C N N 63  
ASP OD1  O N N 64  
ASP OD2  O N N 65  
ASP OXT  O N N 66  
ASP H    H N N 67  
ASP H2   H N N 68  
ASP HA   H N N 69  
ASP HB2  H N N 70  
ASP HB3  H N N 71  
ASP HD2  H N N 72  
ASP HXT  H N N 73  
CYS N    N N N 74  
CYS CA   C N R 75  
CYS C    C N N 76  
CYS O    O N N 77  
CYS CB   C N N 78  
CYS SG   S N N 79  
CYS OXT  O N N 80  
CYS H    H N N 81  
CYS H2   H N N 82  
CYS HA   H N N 83  
CYS HB2  H N N 84  
CYS HB3  H N N 85  
CYS HG   H N N 86  
CYS HXT  H N N 87  
GLN N    N N N 88  
GLN CA   C N S 89  
GLN C    C N N 90  
GLN O    O N N 91  
GLN CB   C N N 92  
GLN CG   C N N 93  
GLN CD   C N N 94  
GLN OE1  O N N 95  
GLN NE2  N N N 96  
GLN OXT  O N N 97  
GLN H    H N N 98  
GLN H2   H N N 99  
GLN HA   H N N 100 
GLN HB2  H N N 101 
GLN HB3  H N N 102 
GLN HG2  H N N 103 
GLN HG3  H N N 104 
GLN HE21 H N N 105 
GLN HE22 H N N 106 
GLN HXT  H N N 107 
GLU N    N N N 108 
GLU CA   C N S 109 
GLU C    C N N 110 
GLU O    O N N 111 
GLU CB   C N N 112 
GLU CG   C N N 113 
GLU CD   C N N 114 
GLU OE1  O N N 115 
GLU OE2  O N N 116 
GLU OXT  O N N 117 
GLU H    H N N 118 
GLU H2   H N N 119 
GLU HA   H N N 120 
GLU HB2  H N N 121 
GLU HB3  H N N 122 
GLU HG2  H N N 123 
GLU HG3  H N N 124 
GLU HE2  H N N 125 
GLU HXT  H N N 126 
GLY N    N N N 127 
GLY CA   C N N 128 
GLY C    C N N 129 
GLY O    O N N 130 
GLY OXT  O N N 131 
GLY H    H N N 132 
GLY H2   H N N 133 
GLY HA2  H N N 134 
GLY HA3  H N N 135 
GLY HXT  H N N 136 
HIS N    N N N 137 
HIS CA   C N S 138 
HIS C    C N N 139 
HIS O    O N N 140 
HIS CB   C N N 141 
HIS CG   C Y N 142 
HIS ND1  N Y N 143 
HIS CD2  C Y N 144 
HIS CE1  C Y N 145 
HIS NE2  N Y N 146 
HIS OXT  O N N 147 
HIS H    H N N 148 
HIS H2   H N N 149 
HIS HA   H N N 150 
HIS HB2  H N N 151 
HIS HB3  H N N 152 
HIS HD1  H N N 153 
HIS HD2  H N N 154 
HIS HE1  H N N 155 
HIS HE2  H N N 156 
HIS HXT  H N N 157 
ILE N    N N N 158 
ILE CA   C N S 159 
ILE C    C N N 160 
ILE O    O N N 161 
ILE CB   C N S 162 
ILE CG1  C N N 163 
ILE CG2  C N N 164 
ILE CD1  C N N 165 
ILE OXT  O N N 166 
ILE H    H N N 167 
ILE H2   H N N 168 
ILE HA   H N N 169 
ILE HB   H N N 170 
ILE HG12 H N N 171 
ILE HG13 H N N 172 
ILE HG21 H N N 173 
ILE HG22 H N N 174 
ILE HG23 H N N 175 
ILE HD11 H N N 176 
ILE HD12 H N N 177 
ILE HD13 H N N 178 
ILE HXT  H N N 179 
LEU N    N N N 180 
LEU CA   C N S 181 
LEU C    C N N 182 
LEU O    O N N 183 
LEU CB   C N N 184 
LEU CG   C N N 185 
LEU CD1  C N N 186 
LEU CD2  C N N 187 
LEU OXT  O N N 188 
LEU H    H N N 189 
LEU H2   H N N 190 
LEU HA   H N N 191 
LEU HB2  H N N 192 
LEU HB3  H N N 193 
LEU HG   H N N 194 
LEU HD11 H N N 195 
LEU HD12 H N N 196 
LEU HD13 H N N 197 
LEU HD21 H N N 198 
LEU HD22 H N N 199 
LEU HD23 H N N 200 
LEU HXT  H N N 201 
PHE N    N N N 202 
PHE CA   C N S 203 
PHE C    C N N 204 
PHE O    O N N 205 
PHE CB   C N N 206 
PHE CG   C Y N 207 
PHE CD1  C Y N 208 
PHE CD2  C Y N 209 
PHE CE1  C Y N 210 
PHE CE2  C Y N 211 
PHE CZ   C Y N 212 
PHE OXT  O N N 213 
PHE H    H N N 214 
PHE H2   H N N 215 
PHE HA   H N N 216 
PHE HB2  H N N 217 
PHE HB3  H N N 218 
PHE HD1  H N N 219 
PHE HD2  H N N 220 
PHE HE1  H N N 221 
PHE HE2  H N N 222 
PHE HZ   H N N 223 
PHE HXT  H N N 224 
PRO N    N N N 225 
PRO CA   C N S 226 
PRO C    C N N 227 
PRO O    O N N 228 
PRO CB   C N N 229 
PRO CG   C N N 230 
PRO CD   C N N 231 
PRO OXT  O N N 232 
PRO H    H N N 233 
PRO HA   H N N 234 
PRO HB2  H N N 235 
PRO HB3  H N N 236 
PRO HG2  H N N 237 
PRO HG3  H N N 238 
PRO HD2  H N N 239 
PRO HD3  H N N 240 
PRO HXT  H N N 241 
SER N    N N N 242 
SER CA   C N S 243 
SER C    C N N 244 
SER O    O N N 245 
SER CB   C N N 246 
SER OG   O N N 247 
SER OXT  O N N 248 
SER H    H N N 249 
SER H2   H N N 250 
SER HA   H N N 251 
SER HB2  H N N 252 
SER HB3  H N N 253 
SER HG   H N N 254 
SER HXT  H N N 255 
THR N    N N N 256 
THR CA   C N S 257 
THR C    C N N 258 
THR O    O N N 259 
THR CB   C N R 260 
THR OG1  O N N 261 
THR CG2  C N N 262 
THR OXT  O N N 263 
THR H    H N N 264 
THR H2   H N N 265 
THR HA   H N N 266 
THR HB   H N N 267 
THR HG1  H N N 268 
THR HG21 H N N 269 
THR HG22 H N N 270 
THR HG23 H N N 271 
THR HXT  H N N 272 
TRP N    N N N 273 
TRP CA   C N S 274 
TRP C    C N N 275 
TRP O    O N N 276 
TRP CB   C N N 277 
TRP CG   C Y N 278 
TRP CD1  C Y N 279 
TRP CD2  C Y N 280 
TRP NE1  N Y N 281 
TRP CE2  C Y N 282 
TRP CE3  C Y N 283 
TRP CZ2  C Y N 284 
TRP CZ3  C Y N 285 
TRP CH2  C Y N 286 
TRP OXT  O N N 287 
TRP H    H N N 288 
TRP H2   H N N 289 
TRP HA   H N N 290 
TRP HB2  H N N 291 
TRP HB3  H N N 292 
TRP HD1  H N N 293 
TRP HE1  H N N 294 
TRP HE3  H N N 295 
TRP HZ2  H N N 296 
TRP HZ3  H N N 297 
TRP HH2  H N N 298 
TRP HXT  H N N 299 
TYR N    N N N 300 
TYR CA   C N S 301 
TYR C    C N N 302 
TYR O    O N N 303 
TYR CB   C N N 304 
TYR CG   C Y N 305 
TYR CD1  C Y N 306 
TYR CD2  C Y N 307 
TYR CE1  C Y N 308 
TYR CE2  C Y N 309 
TYR CZ   C Y N 310 
TYR OH   O N N 311 
TYR OXT  O N N 312 
TYR H    H N N 313 
TYR H2   H N N 314 
TYR HA   H N N 315 
TYR HB2  H N N 316 
TYR HB3  H N N 317 
TYR HD1  H N N 318 
TYR HD2  H N N 319 
TYR HE1  H N N 320 
TYR HE2  H N N 321 
TYR HH   H N N 322 
TYR HXT  H N N 323 
VAL N    N N N 324 
VAL CA   C N S 325 
VAL C    C N N 326 
VAL O    O N N 327 
VAL CB   C N N 328 
VAL CG1  C N N 329 
VAL CG2  C N N 330 
VAL OXT  O N N 331 
VAL H    H N N 332 
VAL H2   H N N 333 
VAL HA   H N N 334 
VAL HB   H N N 335 
VAL HG11 H N N 336 
VAL HG12 H N N 337 
VAL HG13 H N N 338 
VAL HG21 H N N 339 
VAL HG22 H N N 340 
VAL HG23 H N N 341 
VAL HXT  H N N 342 
# 
loop_
_chem_comp_bond.comp_id 
_chem_comp_bond.atom_id_1 
_chem_comp_bond.atom_id_2 
_chem_comp_bond.value_order 
_chem_comp_bond.pdbx_aromatic_flag 
_chem_comp_bond.pdbx_stereo_config 
_chem_comp_bond.pdbx_ordinal 
ALA N   CA   sing N N 1   
ALA N   H    sing N N 2   
ALA N   H2   sing N N 3   
ALA CA  C    sing N N 4   
ALA CA  CB   sing N N 5   
ALA CA  HA   sing N N 6   
ALA C   O    doub N N 7   
ALA C   OXT  sing N N 8   
ALA CB  HB1  sing N N 9   
ALA CB  HB2  sing N N 10  
ALA CB  HB3  sing N N 11  
ALA OXT HXT  sing N N 12  
ARG N   CA   sing N N 13  
ARG N   H    sing N N 14  
ARG N   H2   sing N N 15  
ARG CA  C    sing N N 16  
ARG CA  CB   sing N N 17  
ARG CA  HA   sing N N 18  
ARG C   O    doub N N 19  
ARG C   OXT  sing N N 20  
ARG CB  CG   sing N N 21  
ARG CB  HB2  sing N N 22  
ARG CB  HB3  sing N N 23  
ARG CG  CD   sing N N 24  
ARG CG  HG2  sing N N 25  
ARG CG  HG3  sing N N 26  
ARG CD  NE   sing N N 27  
ARG CD  HD2  sing N N 28  
ARG CD  HD3  sing N N 29  
ARG NE  CZ   sing N N 30  
ARG NE  HE   sing N N 31  
ARG CZ  NH1  sing N N 32  
ARG CZ  NH2  doub N N 33  
ARG NH1 HH11 sing N N 34  
ARG NH1 HH12 sing N N 35  
ARG NH2 HH21 sing N N 36  
ARG NH2 HH22 sing N N 37  
ARG OXT HXT  sing N N 38  
ASN N   CA   sing N N 39  
ASN N   H    sing N N 40  
ASN N   H2   sing N N 41  
ASN CA  C    sing N N 42  
ASN CA  CB   sing N N 43  
ASN CA  HA   sing N N 44  
ASN C   O    doub N N 45  
ASN C   OXT  sing N N 46  
ASN CB  CG   sing N N 47  
ASN CB  HB2  sing N N 48  
ASN CB  HB3  sing N N 49  
ASN CG  OD1  doub N N 50  
ASN CG  ND2  sing N N 51  
ASN ND2 HD21 sing N N 52  
ASN ND2 HD22 sing N N 53  
ASN OXT HXT  sing N N 54  
ASP N   CA   sing N N 55  
ASP N   H    sing N N 56  
ASP N   H2   sing N N 57  
ASP CA  C    sing N N 58  
ASP CA  CB   sing N N 59  
ASP CA  HA   sing N N 60  
ASP C   O    doub N N 61  
ASP C   OXT  sing N N 62  
ASP CB  CG   sing N N 63  
ASP CB  HB2  sing N N 64  
ASP CB  HB3  sing N N 65  
ASP CG  OD1  doub N N 66  
ASP CG  OD2  sing N N 67  
ASP OD2 HD2  sing N N 68  
ASP OXT HXT  sing N N 69  
CYS N   CA   sing N N 70  
CYS N   H    sing N N 71  
CYS N   H2   sing N N 72  
CYS CA  C    sing N N 73  
CYS CA  CB   sing N N 74  
CYS CA  HA   sing N N 75  
CYS C   O    doub N N 76  
CYS C   OXT  sing N N 77  
CYS CB  SG   sing N N 78  
CYS CB  HB2  sing N N 79  
CYS CB  HB3  sing N N 80  
CYS SG  HG   sing N N 81  
CYS OXT HXT  sing N N 82  
GLN N   CA   sing N N 83  
GLN N   H    sing N N 84  
GLN N   H2   sing N N 85  
GLN CA  C    sing N N 86  
GLN CA  CB   sing N N 87  
GLN CA  HA   sing N N 88  
GLN C   O    doub N N 89  
GLN C   OXT  sing N N 90  
GLN CB  CG   sing N N 91  
GLN CB  HB2  sing N N 92  
GLN CB  HB3  sing N N 93  
GLN CG  CD   sing N N 94  
GLN CG  HG2  sing N N 95  
GLN CG  HG3  sing N N 96  
GLN CD  OE1  doub N N 97  
GLN CD  NE2  sing N N 98  
GLN NE2 HE21 sing N N 99  
GLN NE2 HE22 sing N N 100 
GLN OXT HXT  sing N N 101 
GLU N   CA   sing N N 102 
GLU N   H    sing N N 103 
GLU N   H2   sing N N 104 
GLU CA  C    sing N N 105 
GLU CA  CB   sing N N 106 
GLU CA  HA   sing N N 107 
GLU C   O    doub N N 108 
GLU C   OXT  sing N N 109 
GLU CB  CG   sing N N 110 
GLU CB  HB2  sing N N 111 
GLU CB  HB3  sing N N 112 
GLU CG  CD   sing N N 113 
GLU CG  HG2  sing N N 114 
GLU CG  HG3  sing N N 115 
GLU CD  OE1  doub N N 116 
GLU CD  OE2  sing N N 117 
GLU OE2 HE2  sing N N 118 
GLU OXT HXT  sing N N 119 
GLY N   CA   sing N N 120 
GLY N   H    sing N N 121 
GLY N   H2   sing N N 122 
GLY CA  C    sing N N 123 
GLY CA  HA2  sing N N 124 
GLY CA  HA3  sing N N 125 
GLY C   O    doub N N 126 
GLY C   OXT  sing N N 127 
GLY OXT HXT  sing N N 128 
HIS N   CA   sing N N 129 
HIS N   H    sing N N 130 
HIS N   H2   sing N N 131 
HIS CA  C    sing N N 132 
HIS CA  CB   sing N N 133 
HIS CA  HA   sing N N 134 
HIS C   O    doub N N 135 
HIS C   OXT  sing N N 136 
HIS CB  CG   sing N N 137 
HIS CB  HB2  sing N N 138 
HIS CB  HB3  sing N N 139 
HIS CG  ND1  sing Y N 140 
HIS CG  CD2  doub Y N 141 
HIS ND1 CE1  doub Y N 142 
HIS ND1 HD1  sing N N 143 
HIS CD2 NE2  sing Y N 144 
HIS CD2 HD2  sing N N 145 
HIS CE1 NE2  sing Y N 146 
HIS CE1 HE1  sing N N 147 
HIS NE2 HE2  sing N N 148 
HIS OXT HXT  sing N N 149 
ILE N   CA   sing N N 150 
ILE N   H    sing N N 151 
ILE N   H2   sing N N 152 
ILE CA  C    sing N N 153 
ILE CA  CB   sing N N 154 
ILE CA  HA   sing N N 155 
ILE C   O    doub N N 156 
ILE C   OXT  sing N N 157 
ILE CB  CG1  sing N N 158 
ILE CB  CG2  sing N N 159 
ILE CB  HB   sing N N 160 
ILE CG1 CD1  sing N N 161 
ILE CG1 HG12 sing N N 162 
ILE CG1 HG13 sing N N 163 
ILE CG2 HG21 sing N N 164 
ILE CG2 HG22 sing N N 165 
ILE CG2 HG23 sing N N 166 
ILE CD1 HD11 sing N N 167 
ILE CD1 HD12 sing N N 168 
ILE CD1 HD13 sing N N 169 
ILE OXT HXT  sing N N 170 
LEU N   CA   sing N N 171 
LEU N   H    sing N N 172 
LEU N   H2   sing N N 173 
LEU CA  C    sing N N 174 
LEU CA  CB   sing N N 175 
LEU CA  HA   sing N N 176 
LEU C   O    doub N N 177 
LEU C   OXT  sing N N 178 
LEU CB  CG   sing N N 179 
LEU CB  HB2  sing N N 180 
LEU CB  HB3  sing N N 181 
LEU CG  CD1  sing N N 182 
LEU CG  CD2  sing N N 183 
LEU CG  HG   sing N N 184 
LEU CD1 HD11 sing N N 185 
LEU CD1 HD12 sing N N 186 
LEU CD1 HD13 sing N N 187 
LEU CD2 HD21 sing N N 188 
LEU CD2 HD22 sing N N 189 
LEU CD2 HD23 sing N N 190 
LEU OXT HXT  sing N N 191 
PHE N   CA   sing N N 192 
PHE N   H    sing N N 193 
PHE N   H2   sing N N 194 
PHE CA  C    sing N N 195 
PHE CA  CB   sing N N 196 
PHE CA  HA   sing N N 197 
PHE C   O    doub N N 198 
PHE C   OXT  sing N N 199 
PHE CB  CG   sing N N 200 
PHE CB  HB2  sing N N 201 
PHE CB  HB3  sing N N 202 
PHE CG  CD1  doub Y N 203 
PHE CG  CD2  sing Y N 204 
PHE CD1 CE1  sing Y N 205 
PHE CD1 HD1  sing N N 206 
PHE CD2 CE2  doub Y N 207 
PHE CD2 HD2  sing N N 208 
PHE CE1 CZ   doub Y N 209 
PHE CE1 HE1  sing N N 210 
PHE CE2 CZ   sing Y N 211 
PHE CE2 HE2  sing N N 212 
PHE CZ  HZ   sing N N 213 
PHE OXT HXT  sing N N 214 
PRO N   CA   sing N N 215 
PRO N   CD   sing N N 216 
PRO N   H    sing N N 217 
PRO CA  C    sing N N 218 
PRO CA  CB   sing N N 219 
PRO CA  HA   sing N N 220 
PRO C   O    doub N N 221 
PRO C   OXT  sing N N 222 
PRO CB  CG   sing N N 223 
PRO CB  HB2  sing N N 224 
PRO CB  HB3  sing N N 225 
PRO CG  CD   sing N N 226 
PRO CG  HG2  sing N N 227 
PRO CG  HG3  sing N N 228 
PRO CD  HD2  sing N N 229 
PRO CD  HD3  sing N N 230 
PRO OXT HXT  sing N N 231 
SER N   CA   sing N N 232 
SER N   H    sing N N 233 
SER N   H2   sing N N 234 
SER CA  C    sing N N 235 
SER CA  CB   sing N N 236 
SER CA  HA   sing N N 237 
SER C   O    doub N N 238 
SER C   OXT  sing N N 239 
SER CB  OG   sing N N 240 
SER CB  HB2  sing N N 241 
SER CB  HB3  sing N N 242 
SER OG  HG   sing N N 243 
SER OXT HXT  sing N N 244 
THR N   CA   sing N N 245 
THR N   H    sing N N 246 
THR N   H2   sing N N 247 
THR CA  C    sing N N 248 
THR CA  CB   sing N N 249 
THR CA  HA   sing N N 250 
THR C   O    doub N N 251 
THR C   OXT  sing N N 252 
THR CB  OG1  sing N N 253 
THR CB  CG2  sing N N 254 
THR CB  HB   sing N N 255 
THR OG1 HG1  sing N N 256 
THR CG2 HG21 sing N N 257 
THR CG2 HG22 sing N N 258 
THR CG2 HG23 sing N N 259 
THR OXT HXT  sing N N 260 
TRP N   CA   sing N N 261 
TRP N   H    sing N N 262 
TRP N   H2   sing N N 263 
TRP CA  C    sing N N 264 
TRP CA  CB   sing N N 265 
TRP CA  HA   sing N N 266 
TRP C   O    doub N N 267 
TRP C   OXT  sing N N 268 
TRP CB  CG   sing N N 269 
TRP CB  HB2  sing N N 270 
TRP CB  HB3  sing N N 271 
TRP CG  CD1  doub Y N 272 
TRP CG  CD2  sing Y N 273 
TRP CD1 NE1  sing Y N 274 
TRP CD1 HD1  sing N N 275 
TRP CD2 CE2  doub Y N 276 
TRP CD2 CE3  sing Y N 277 
TRP NE1 CE2  sing Y N 278 
TRP NE1 HE1  sing N N 279 
TRP CE2 CZ2  sing Y N 280 
TRP CE3 CZ3  doub Y N 281 
TRP CE3 HE3  sing N N 282 
TRP CZ2 CH2  doub Y N 283 
TRP CZ2 HZ2  sing N N 284 
TRP CZ3 CH2  sing Y N 285 
TRP CZ3 HZ3  sing N N 286 
TRP CH2 HH2  sing N N 287 
TRP OXT HXT  sing N N 288 
TYR N   CA   sing N N 289 
TYR N   H    sing N N 290 
TYR N   H2   sing N N 291 
TYR CA  C    sing N N 292 
TYR CA  CB   sing N N 293 
TYR CA  HA   sing N N 294 
TYR C   O    doub N N 295 
TYR C   OXT  sing N N 296 
TYR CB  CG   sing N N 297 
TYR CB  HB2  sing N N 298 
TYR CB  HB3  sing N N 299 
TYR CG  CD1  doub Y N 300 
TYR CG  CD2  sing Y N 301 
TYR CD1 CE1  sing Y N 302 
TYR CD1 HD1  sing N N 303 
TYR CD2 CE2  doub Y N 304 
TYR CD2 HD2  sing N N 305 
TYR CE1 CZ   doub Y N 306 
TYR CE1 HE1  sing N N 307 
TYR CE2 CZ   sing Y N 308 
TYR CE2 HE2  sing N N 309 
TYR CZ  OH   sing N N 310 
TYR OH  HH   sing N N 311 
TYR OXT HXT  sing N N 312 
VAL N   CA   sing N N 313 
VAL N   H    sing N N 314 
VAL N   H2   sing N N 315 
VAL CA  C    sing N N 316 
VAL CA  CB   sing N N 317 
VAL CA  HA   sing N N 318 
VAL C   O    doub N N 319 
VAL C   OXT  sing N N 320 
VAL CB  CG1  sing N N 321 
VAL CB  CG2  sing N N 322 
VAL CB  HB   sing N N 323 
VAL CG1 HG11 sing N N 324 
VAL CG1 HG12 sing N N 325 
VAL CG1 HG13 sing N N 326 
VAL CG2 HG21 sing N N 327 
VAL CG2 HG22 sing N N 328 
VAL CG2 HG23 sing N N 329 
VAL OXT HXT  sing N N 330 
# 
_pdbx_nmr_spectrometer.spectrometer_id   1 
_pdbx_nmr_spectrometer.type              ? 
_pdbx_nmr_spectrometer.manufacturer      Bruker 
_pdbx_nmr_spectrometer.model             DRX 
_pdbx_nmr_spectrometer.field_strength    600 
# 
_atom_sites.entry_id                    1DTV 
_atom_sites.fract_transf_matrix[1][1]   1.000000 
_atom_sites.fract_transf_matrix[1][2]   0.000000 
_atom_sites.fract_transf_matrix[1][3]   0.000000 
_atom_sites.fract_transf_matrix[2][1]   0.000000 
_atom_sites.fract_transf_matrix[2][2]   1.000000 
_atom_sites.fract_transf_matrix[2][3]   0.000000 
_atom_sites.fract_transf_matrix[3][1]   0.000000 
_atom_sites.fract_transf_matrix[3][2]   0.000000 
_atom_sites.fract_transf_matrix[3][3]   1.000000 
_atom_sites.fract_transf_vector[1]      0.00000 
_atom_sites.fract_transf_vector[2]      0.00000 
_atom_sites.fract_transf_vector[3]      0.00000 
# 
loop_
_atom_type.symbol 
C 
H 
N 
O 
S 
# 
loop_
_atom_site.group_PDB 
_atom_site.id 
_atom_site.type_symbol 
_atom_site.label_atom_id 
_atom_site.label_alt_id 
_atom_site.label_comp_id 
_atom_site.label_asym_id 
_atom_site.label_entity_id 
_atom_site.label_seq_id 
_atom_site.pdbx_PDB_ins_code 
_atom_site.Cartn_x 
_atom_site.Cartn_y 
_atom_site.Cartn_z 
_atom_site.occupancy 
_atom_site.B_iso_or_equiv 
_atom_site.pdbx_formal_charge 
_atom_site.auth_seq_id 
_atom_site.auth_comp_id 
_atom_site.auth_asym_id 
_atom_site.auth_atom_id 
_atom_site.pdbx_PDB_model_num 
ATOM 1   N N    . GLY A 1 1  ? 17.641  -10.298 -11.629 1.00 0.00 ? 1  GLY A N    1 
ATOM 2   C CA   . GLY A 1 1  ? 19.043  -9.766  -11.921 1.00 0.00 ? 1  GLY A CA   1 
ATOM 3   C C    . GLY A 1 1  ? 19.304  -8.301  -11.831 1.00 0.00 ? 1  GLY A C    1 
ATOM 4   O O    . GLY A 1 1  ? 20.406  -7.873  -11.546 1.00 0.00 ? 1  GLY A O    1 
ATOM 5   H H1   . GLY A 1 1  ? 17.648  -11.337 -11.670 1.00 0.00 ? 1  GLY A H1   1 
ATOM 6   H H2   . GLY A 1 1  ? 16.975  -9.927  -12.337 1.00 0.00 ? 1  GLY A H2   1 
ATOM 7   H H3   . GLY A 1 1  ? 17.345  -9.991  -10.681 1.00 0.00 ? 1  GLY A H3   1 
ATOM 8   H HA2  . GLY A 1 1  ? 19.611  -9.809  -11.128 1.00 0.00 ? 1  GLY A HA2  1 
ATOM 9   H HA3  . GLY A 1 1  ? 19.463  -10.388 -12.817 1.00 0.00 ? 1  GLY A HA3  1 
ATOM 10  N N    . SER A 1 2  ? 18.306  -7.495  -12.070 1.00 0.00 ? 2  SER A N    1 
ATOM 11  C CA   . SER A 1 2  ? 18.509  -6.020  -11.998 1.00 0.00 ? 2  SER A CA   1 
ATOM 12  C C    . SER A 1 2  ? 17.734  -5.453  -10.807 1.00 0.00 ? 2  SER A C    1 
ATOM 13  O O    . SER A 1 2  ? 17.375  -6.163  -9.890  1.00 0.00 ? 2  SER A O    1 
ATOM 14  C CB   . SER A 1 2  ? 18.007  -5.374  -13.290 1.00 0.00 ? 2  SER A CB   1 
ATOM 15  O OG   . SER A 1 2  ? 18.632  -6.002  -14.402 1.00 0.00 ? 2  SER A OG   1 
ATOM 16  H H    . SER A 1 2  ? 17.426  -7.858  -12.300 1.00 0.00 ? 2  SER A H    1 
ATOM 17  H HA   . SER A 1 2  ? 19.561  -5.807  -11.874 1.00 0.00 ? 2  SER A HA   1 
ATOM 18  H HB2  . SER A 1 2  ? 16.940  -5.496  -13.366 1.00 0.00 ? 2  SER A HB2  1 
ATOM 19  H HB3  . SER A 1 2  ? 18.245  -4.317  -13.278 1.00 0.00 ? 2  SER A HB3  1 
ATOM 20  H HG   . SER A 1 2  ? 18.448  -5.475  -15.183 1.00 0.00 ? 2  SER A HG   1 
ATOM 21  N N    . HIS A 1 3  ? 17.476  -4.175  -10.816 1.00 0.00 ? 3  HIS A N    1 
ATOM 22  C CA   . HIS A 1 3  ? 16.729  -3.553  -9.686  1.00 0.00 ? 3  HIS A CA   1 
ATOM 23  C C    . HIS A 1 3  ? 15.267  -4.000  -9.727  1.00 0.00 ? 3  HIS A C    1 
ATOM 24  O O    . HIS A 1 3  ? 14.574  -3.792  -10.705 1.00 0.00 ? 3  HIS A O    1 
ATOM 25  C CB   . HIS A 1 3  ? 16.802  -2.030  -9.816  1.00 0.00 ? 3  HIS A CB   1 
ATOM 26  C CG   . HIS A 1 3  ? 18.154  -1.639  -10.346 1.00 0.00 ? 3  HIS A CG   1 
ATOM 27  N ND1  . HIS A 1 3  ? 18.357  -1.294  -11.673 1.00 0.00 ? 3  HIS A ND1  1 
ATOM 28  C CD2  . HIS A 1 3  ? 19.382  -1.541  -9.740  1.00 0.00 ? 3  HIS A CD2  1 
ATOM 29  C CE1  . HIS A 1 3  ? 19.664  -1.007  -11.821 1.00 0.00 ? 3  HIS A CE1  1 
ATOM 30  N NE2  . HIS A 1 3  ? 20.334  -1.142  -10.673 1.00 0.00 ? 3  HIS A NE2  1 
ATOM 31  H H    . HIS A 1 3  ? 17.778  -3.622  -11.565 1.00 0.00 ? 3  HIS A H    1 
ATOM 32  H HA   . HIS A 1 3  ? 17.173  -3.855  -8.749  1.00 0.00 ? 3  HIS A HA   1 
ATOM 33  H HB2  . HIS A 1 3  ? 16.035  -1.689  -10.498 1.00 0.00 ? 3  HIS A HB2  1 
ATOM 34  H HB3  . HIS A 1 3  ? 16.650  -1.577  -8.848  1.00 0.00 ? 3  HIS A HB3  1 
ATOM 35  H HD1  . HIS A 1 3  ? 17.675  -1.263  -12.374 1.00 0.00 ? 3  HIS A HD1  1 
ATOM 36  H HD2  . HIS A 1 3  ? 19.579  -1.744  -8.698  1.00 0.00 ? 3  HIS A HD2  1 
ATOM 37  H HE1  . HIS A 1 3  ? 20.117  -0.708  -12.755 1.00 0.00 ? 3  HIS A HE1  1 
ATOM 38  N N    . THR A 1 4  ? 14.786  -4.611  -8.676  1.00 0.00 ? 4  THR A N    1 
ATOM 39  C CA   . THR A 1 4  ? 13.365  -5.059  -8.670  1.00 0.00 ? 4  THR A CA   1 
ATOM 40  C C    . THR A 1 4  ? 12.462  -3.834  -8.477  1.00 0.00 ? 4  THR A C    1 
ATOM 41  O O    . THR A 1 4  ? 12.711  -3.017  -7.611  1.00 0.00 ? 4  THR A O    1 
ATOM 42  C CB   . THR A 1 4  ? 13.151  -6.096  -7.540  1.00 0.00 ? 4  THR A CB   1 
ATOM 43  O OG1  . THR A 1 4  ? 12.452  -7.215  -8.066  1.00 0.00 ? 4  THR A OG1  1 
ATOM 44  C CG2  . THR A 1 4  ? 12.341  -5.503  -6.374  1.00 0.00 ? 4  THR A CG2  1 
ATOM 45  H H    . THR A 1 4  ? 15.356  -4.770  -7.895  1.00 0.00 ? 4  THR A H    1 
ATOM 46  H HA   . THR A 1 4  ? 13.145  -5.521  -9.620  1.00 0.00 ? 4  THR A HA   1 
ATOM 47  H HB   . THR A 1 4  ? 14.113  -6.421  -7.171  1.00 0.00 ? 4  THR A HB   1 
ATOM 48  H HG1  . THR A 1 4  ? 11.516  -7.088  -7.894  1.00 0.00 ? 4  THR A HG1  1 
ATOM 49  H HG21 . THR A 1 4  ? 12.717  -4.519  -6.136  1.00 0.00 ? 4  THR A HG21 1 
ATOM 50  H HG22 . THR A 1 4  ? 12.433  -6.143  -5.508  1.00 0.00 ? 4  THR A HG22 1 
ATOM 51  H HG23 . THR A 1 4  ? 11.301  -5.432  -6.658  1.00 0.00 ? 4  THR A HG23 1 
ATOM 52  N N    . PRO A 1 5  ? 11.440  -3.739  -9.284  1.00 0.00 ? 5  PRO A N    1 
ATOM 53  C CA   . PRO A 1 5  ? 10.490  -2.620  -9.213  1.00 0.00 ? 5  PRO A CA   1 
ATOM 54  C C    . PRO A 1 5  ? 9.553   -2.802  -8.020  1.00 0.00 ? 5  PRO A C    1 
ATOM 55  O O    . PRO A 1 5  ? 9.289   -3.908  -7.590  1.00 0.00 ? 5  PRO A O    1 
ATOM 56  C CB   . PRO A 1 5  ? 9.725   -2.711  -10.538 1.00 0.00 ? 5  PRO A CB   1 
ATOM 57  C CG   . PRO A 1 5  ? 9.880   -4.169  -11.032 1.00 0.00 ? 5  PRO A CG   1 
ATOM 58  C CD   . PRO A 1 5  ? 11.130  -4.735  -10.332 1.00 0.00 ? 5  PRO A CD   1 
ATOM 59  H HA   . PRO A 1 5  ? 11.011  -1.679  -9.153  1.00 0.00 ? 5  PRO A HA   1 
ATOM 60  H HB2  . PRO A 1 5  ? 8.680   -2.479  -10.380 1.00 0.00 ? 5  PRO A HB2  1 
ATOM 61  H HB3  . PRO A 1 5  ? 10.152  -2.035  -11.262 1.00 0.00 ? 5  PRO A HB3  1 
ATOM 62  H HG2  . PRO A 1 5  ? 9.007   -4.746  -10.762 1.00 0.00 ? 5  PRO A HG2  1 
ATOM 63  H HG3  . PRO A 1 5  ? 10.023  -4.185  -12.101 1.00 0.00 ? 5  PRO A HG3  1 
ATOM 64  H HD2  . PRO A 1 5  ? 10.912  -5.698  -9.893  1.00 0.00 ? 5  PRO A HD2  1 
ATOM 65  H HD3  . PRO A 1 5  ? 11.951  -4.810  -11.029 1.00 0.00 ? 5  PRO A HD3  1 
ATOM 66  N N    . ASP A 1 6  ? 9.031   -1.732  -7.490  1.00 0.00 ? 6  ASP A N    1 
ATOM 67  C CA   . ASP A 1 6  ? 8.111   -1.840  -6.364  1.00 0.00 ? 6  ASP A CA   1 
ATOM 68  C C    . ASP A 1 6  ? 6.736   -1.517  -6.898  1.00 0.00 ? 6  ASP A C    1 
ATOM 69  O O    . ASP A 1 6  ? 6.576   -0.797  -7.864  1.00 0.00 ? 6  ASP A O    1 
ATOM 70  C CB   . ASP A 1 6  ? 8.495   -0.836  -5.274  1.00 0.00 ? 6  ASP A CB   1 
ATOM 71  C CG   . ASP A 1 6  ? 8.221   0.585   -5.769  1.00 0.00 ? 6  ASP A CG   1 
ATOM 72  O OD1  . ASP A 1 6  ? 7.064   0.901   -5.991  1.00 0.00 ? 6  ASP A OD1  1 
ATOM 73  O OD2  . ASP A 1 6  ? 9.173   1.332   -5.918  1.00 0.00 ? 6  ASP A OD2  1 
ATOM 74  H H    . ASP A 1 6  ? 9.221   -0.858  -7.847  1.00 0.00 ? 6  ASP A H    1 
ATOM 75  H HA   . ASP A 1 6  ? 8.127   -2.844  -5.966  1.00 0.00 ? 6  ASP A HA   1 
ATOM 76  H HB2  . ASP A 1 6  ? 7.909   -1.028  -4.386  1.00 0.00 ? 6  ASP A HB2  1 
ATOM 77  H HB3  . ASP A 1 6  ? 9.544   -0.939  -5.042  1.00 0.00 ? 6  ASP A HB3  1 
ATOM 78  N N    . GLU A 1 7  ? 5.757   -2.038  -6.281  1.00 0.00 ? 7  GLU A N    1 
ATOM 79  C CA   . GLU A 1 7  ? 4.385   -1.784  -6.721  1.00 0.00 ? 7  GLU A CA   1 
ATOM 80  C C    . GLU A 1 7  ? 3.669   -1.089  -5.595  1.00 0.00 ? 7  GLU A C    1 
ATOM 81  O O    . GLU A 1 7  ? 4.249   -0.707  -4.597  1.00 0.00 ? 7  GLU A O    1 
ATOM 82  C CB   . GLU A 1 7  ? 3.669   -3.107  -7.014  1.00 0.00 ? 7  GLU A CB   1 
ATOM 83  C CG   . GLU A 1 7  ? 3.139   -3.098  -8.450  1.00 0.00 ? 7  GLU A CG   1 
ATOM 84  C CD   . GLU A 1 7  ? 4.245   -2.645  -9.405  1.00 0.00 ? 7  GLU A CD   1 
ATOM 85  O OE1  . GLU A 1 7  ? 5.350   -3.148  -9.281  1.00 0.00 ? 7  GLU A OE1  1 
ATOM 86  O OE2  . GLU A 1 7  ? 3.968   -1.805  -10.246 1.00 0.00 ? 7  GLU A OE2  1 
ATOM 87  H H    . GLU A 1 7  ? 5.924   -2.594  -5.517  1.00 0.00 ? 7  GLU A H    1 
ATOM 88  H HA   . GLU A 1 7  ? 4.386   -1.160  -7.602  1.00 0.00 ? 7  GLU A HA   1 
ATOM 89  H HB2  . GLU A 1 7  ? 4.358   -3.927  -6.886  1.00 0.00 ? 7  GLU A HB2  1 
ATOM 90  H HB3  . GLU A 1 7  ? 2.839   -3.226  -6.329  1.00 0.00 ? 7  GLU A HB3  1 
ATOM 91  H HG2  . GLU A 1 7  ? 2.815   -4.093  -8.719  1.00 0.00 ? 7  GLU A HG2  1 
ATOM 92  H HG3  . GLU A 1 7  ? 2.304   -2.417  -8.519  1.00 0.00 ? 7  GLU A HG3  1 
ATOM 93  N N    . SER A 1 8  ? 2.408   -0.978  -5.736  1.00 0.00 ? 8  SER A N    1 
ATOM 94  C CA   . SER A 1 8  ? 1.598   -0.365  -4.685  1.00 0.00 ? 8  SER A CA   1 
ATOM 95  C C    . SER A 1 8  ? 0.225   -0.973  -4.735  1.00 0.00 ? 8  SER A C    1 
ATOM 96  O O    . SER A 1 8  ? -0.380  -1.111  -5.772  1.00 0.00 ? 8  SER A O    1 
ATOM 97  C CB   . SER A 1 8  ? 1.469   1.139   -4.861  1.00 0.00 ? 8  SER A CB   1 
ATOM 98  O OG   . SER A 1 8  ? 0.746   1.422   -6.051  1.00 0.00 ? 8  SER A OG   1 
ATOM 99  H H    . SER A 1 8  ? 1.985   -1.345  -6.523  1.00 0.00 ? 8  SER A H    1 
ATOM 100 H HA   . SER A 1 8  ? 2.047   -0.567  -3.734  1.00 0.00 ? 8  SER A HA   1 
ATOM 101 H HB2  . SER A 1 8  ? 0.942   1.540   -4.017  1.00 0.00 ? 8  SER A HB2  1 
ATOM 102 H HB3  . SER A 1 8  ? 2.438   1.580   -4.899  1.00 0.00 ? 8  SER A HB3  1 
ATOM 103 H HG   . SER A 1 8  ? 0.810   2.365   -6.220  1.00 0.00 ? 8  SER A HG   1 
ATOM 104 N N    . PHE A 1 9  ? -0.271  -1.298  -3.614  1.00 0.00 ? 9  PHE A N    1 
ATOM 105 C CA   . PHE A 1 9  ? -1.622  -1.856  -3.536  1.00 0.00 ? 9  PHE A CA   1 
ATOM 106 C C    . PHE A 1 9  ? -2.396  -0.965  -2.625  1.00 0.00 ? 9  PHE A C    1 
ATOM 107 O O    . PHE A 1 9  ? -1.999  -0.681  -1.524  1.00 0.00 ? 9  PHE A O    1 
ATOM 108 C CB   . PHE A 1 9  ? -1.628  -3.263  -2.954  1.00 0.00 ? 9  PHE A CB   1 
ATOM 109 C CG   . PHE A 1 9  ? -0.574  -4.055  -3.636  1.00 0.00 ? 9  PHE A CG   1 
ATOM 110 C CD1  . PHE A 1 9  ? 0.743   -3.910  -3.227  1.00 0.00 ? 9  PHE A CD1  1 
ATOM 111 C CD2  . PHE A 1 9  ? -0.909  -4.908  -4.688  1.00 0.00 ? 9  PHE A CD2  1 
ATOM 112 C CE1  . PHE A 1 9  ? 1.750   -4.620  -3.869  1.00 0.00 ? 9  PHE A CE1  1 
ATOM 113 C CE2  . PHE A 1 9  ? 0.097   -5.630  -5.337  1.00 0.00 ? 9  PHE A CE2  1 
ATOM 114 C CZ   . PHE A 1 9  ? 1.436   -5.481  -4.923  1.00 0.00 ? 9  PHE A CZ   1 
ATOM 115 H H    . PHE A 1 9  ? 0.237   -1.140  -2.816  1.00 0.00 ? 9  PHE A H    1 
ATOM 116 H HA   . PHE A 1 9  ? -2.069  -1.858  -4.521  1.00 0.00 ? 9  PHE A HA   1 
ATOM 117 H HB2  . PHE A 1 9  ? -1.421  -3.218  -1.894  1.00 0.00 ? 9  PHE A HB2  1 
ATOM 118 H HB3  . PHE A 1 9  ? -2.591  -3.721  -3.118  1.00 0.00 ? 9  PHE A HB3  1 
ATOM 119 H HD1  . PHE A 1 9  ? 0.976   -3.243  -2.410  1.00 0.00 ? 9  PHE A HD1  1 
ATOM 120 H HD2  . PHE A 1 9  ? -1.946  -5.013  -4.994  1.00 0.00 ? 9  PHE A HD2  1 
ATOM 121 H HE1  . PHE A 1 9  ? 2.771   -4.507  -3.552  1.00 0.00 ? 9  PHE A HE1  1 
ATOM 122 H HE2  . PHE A 1 9  ? -0.156  -6.294  -6.152  1.00 0.00 ? 9  PHE A HE2  1 
ATOM 123 H HZ   . PHE A 1 9  ? 2.224   -6.023  -5.418  1.00 0.00 ? 9  PHE A HZ   1 
ATOM 124 N N    . LEU A 1 10 ? -3.491  -0.534  -3.071  1.00 0.00 ? 10 LEU A N    1 
ATOM 125 C CA   . LEU A 1 10 ? -4.319  0.329   -2.248  1.00 0.00 ? 10 LEU A CA   1 
ATOM 126 C C    . LEU A 1 10 ? -5.324  -0.565  -1.570  1.00 0.00 ? 10 LEU A C    1 
ATOM 127 O O    . LEU A 1 10 ? -6.107  -1.250  -2.209  1.00 0.00 ? 10 LEU A O    1 
ATOM 128 C CB   . LEU A 1 10 ? -5.032  1.350   -3.134  1.00 0.00 ? 10 LEU A CB   1 
ATOM 129 C CG   . LEU A 1 10 ? -5.019  2.722   -2.468  1.00 0.00 ? 10 LEU A CG   1 
ATOM 130 C CD1  . LEU A 1 10 ? -5.344  3.821   -3.468  1.00 0.00 ? 10 LEU A CD1  1 
ATOM 131 C CD2  . LEU A 1 10 ? -6.028  2.752   -1.337  1.00 0.00 ? 10 LEU A CD2  1 
ATOM 132 H H    . LEU A 1 10 ? -3.770  -0.786  -3.948  1.00 0.00 ? 10 LEU A H    1 
ATOM 133 H HA   . LEU A 1 10 ? -3.714  0.833   -1.509  1.00 0.00 ? 10 LEU A HA   1 
ATOM 134 H HB2  . LEU A 1 10 ? -4.512  1.414   -4.071  1.00 0.00 ? 10 LEU A HB2  1 
ATOM 135 H HB3  . LEU A 1 10 ? -6.051  1.033   -3.293  1.00 0.00 ? 10 LEU A HB3  1 
ATOM 136 H HG   . LEU A 1 10 ? -4.058  2.903   -2.088  1.00 0.00 ? 10 LEU A HG   1 
ATOM 137 H HD11 . LEU A 1 10 ? -4.550  4.554   -3.468  1.00 0.00 ? 10 LEU A HD11 1 
ATOM 138 H HD12 . LEU A 1 10 ? -6.273  4.294   -3.192  1.00 0.00 ? 10 LEU A HD12 1 
ATOM 139 H HD13 . LEU A 1 10 ? -5.435  3.389   -4.441  1.00 0.00 ? 10 LEU A HD13 1 
ATOM 140 H HD21 . LEU A 1 10 ? -6.768  3.510   -1.543  1.00 0.00 ? 10 LEU A HD21 1 
ATOM 141 H HD22 . LEU A 1 10 ? -5.520  2.979   -0.414  1.00 0.00 ? 10 LEU A HD22 1 
ATOM 142 H HD23 . LEU A 1 10 ? -6.506  1.789   -1.264  1.00 0.00 ? 10 LEU A HD23 1 
ATOM 143 N N    . CYS A 1 11 ? -5.309  -0.559  -0.282  1.00 0.00 ? 11 CYS A N    1 
ATOM 144 C CA   . CYS A 1 11 ? -6.271  -1.381  0.456   1.00 0.00 ? 11 CYS A CA   1 
ATOM 145 C C    . CYS A 1 11 ? -7.459  -0.465  0.618   1.00 0.00 ? 11 CYS A C    1 
ATOM 146 O O    . CYS A 1 11 ? -7.335  0.650   1.080   1.00 0.00 ? 11 CYS A O    1 
ATOM 147 C CB   . CYS A 1 11 ? -5.722  -1.774  1.829   1.00 0.00 ? 11 CYS A CB   1 
ATOM 148 S SG   . CYS A 1 11 ? -4.533  -3.142  1.684   1.00 0.00 ? 11 CYS A SG   1 
ATOM 149 H H    . CYS A 1 11 ? -4.673  0.002   0.193   1.00 0.00 ? 11 CYS A H    1 
ATOM 150 H HA   . CYS A 1 11 ? -6.528  -2.250  -0.125  1.00 0.00 ? 11 CYS A HA   1 
ATOM 151 H HB2  . CYS A 1 11 ? -5.242  -0.922  2.261   1.00 0.00 ? 11 CYS A HB2  1 
ATOM 152 H HB3  . CYS A 1 11 ? -6.528  -2.072  2.466   1.00 0.00 ? 11 CYS A HB3  1 
ATOM 153 N N    . TYR A 1 12 ? -8.587  -0.868  0.160   1.00 0.00 ? 12 TYR A N    1 
ATOM 154 C CA   . TYR A 1 12 ? -9.732  0.044   0.203   1.00 0.00 ? 12 TYR A CA   1 
ATOM 155 C C    . TYR A 1 12 ? -10.767 -0.395  1.234   1.00 0.00 ? 12 TYR A C    1 
ATOM 156 O O    . TYR A 1 12 ? -11.024 -1.574  1.461   1.00 0.00 ? 12 TYR A O    1 
ATOM 157 C CB   . TYR A 1 12 ? -10.369 0.079   -1.194  1.00 0.00 ? 12 TYR A CB   1 
ATOM 158 C CG   . TYR A 1 12 ? -9.857  1.278   -1.959  1.00 0.00 ? 12 TYR A CG   1 
ATOM 159 C CD1  . TYR A 1 12 ? -8.556  1.289   -2.483  1.00 0.00 ? 12 TYR A CD1  1 
ATOM 160 C CD2  . TYR A 1 12 ? -10.680 2.392   -2.123  1.00 0.00 ? 12 TYR A CD2  1 
ATOM 161 C CE1  . TYR A 1 12 ? -8.098  2.417   -3.173  1.00 0.00 ? 12 TYR A CE1  1 
ATOM 162 C CE2  . TYR A 1 12 ? -10.219 3.518   -2.806  1.00 0.00 ? 12 TYR A CE2  1 
ATOM 163 C CZ   . TYR A 1 12 ? -8.927  3.532   -3.333  1.00 0.00 ? 12 TYR A CZ   1 
ATOM 164 O OH   . TYR A 1 12 ? -8.467  4.645   -4.008  1.00 0.00 ? 12 TYR A OH   1 
ATOM 165 H H    . TYR A 1 12 ? -8.658  -1.724  -0.276  1.00 0.00 ? 12 TYR A H    1 
ATOM 166 H HA   . TYR A 1 12 ? -9.376  1.036   0.457   1.00 0.00 ? 12 TYR A HA   1 
ATOM 167 H HB2  . TYR A 1 12 ? -10.110 -0.823  -1.728  1.00 0.00 ? 12 TYR A HB2  1 
ATOM 168 H HB3  . TYR A 1 12 ? -11.442 0.147   -1.099  1.00 0.00 ? 12 TYR A HB3  1 
ATOM 169 H HD1  . TYR A 1 12 ? -7.911  0.427   -2.367  1.00 0.00 ? 12 TYR A HD1  1 
ATOM 170 H HD2  . TYR A 1 12 ? -11.676 2.375   -1.736  1.00 0.00 ? 12 TYR A HD2  1 
ATOM 171 H HE1  . TYR A 1 12 ? -7.105  2.429   -3.576  1.00 0.00 ? 12 TYR A HE1  1 
ATOM 172 H HE2  . TYR A 1 12 ? -10.860 4.380   -2.923  1.00 0.00 ? 12 TYR A HE2  1 
ATOM 173 H HH   . TYR A 1 12 ? -8.641  5.416   -3.462  1.00 0.00 ? 12 TYR A HH   1 
ATOM 174 N N    . GLN A 1 13 ? -11.351 0.603   1.837   1.00 0.00 ? 13 GLN A N    1 
ATOM 175 C CA   . GLN A 1 13 ? -12.406 0.443   2.870   1.00 0.00 ? 13 GLN A CA   1 
ATOM 176 C C    . GLN A 1 13 ? -13.461 1.490   2.513   1.00 0.00 ? 13 GLN A C    1 
ATOM 177 O O    . GLN A 1 13 ? -13.106 2.549   2.049   1.00 0.00 ? 13 GLN A O    1 
ATOM 178 C CB   . GLN A 1 13 ? -11.797 0.754   4.246   1.00 0.00 ? 13 GLN A CB   1 
ATOM 179 C CG   . GLN A 1 13 ? -12.750 0.335   5.366   1.00 0.00 ? 13 GLN A CG   1 
ATOM 180 C CD   . GLN A 1 13 ? -12.000 0.351   6.700   1.00 0.00 ? 13 GLN A CD   1 
ATOM 181 O OE1  . GLN A 1 13 ? -10.785 0.333   6.727   1.00 0.00 ? 13 GLN A OE1  1 
ATOM 182 N NE2  . GLN A 1 13 ? -12.676 0.386   7.816   1.00 0.00 ? 13 GLN A NE2  1 
ATOM 183 H H    . GLN A 1 13 ? -11.084 1.512   1.586   1.00 0.00 ? 13 GLN A H    1 
ATOM 184 H HA   . GLN A 1 13 ? -12.824 -0.553  2.844   1.00 0.00 ? 13 GLN A HA   1 
ATOM 185 H HB2  . GLN A 1 13 ? -10.866 0.219   4.354   1.00 0.00 ? 13 GLN A HB2  1 
ATOM 186 H HB3  . GLN A 1 13 ? -11.608 1.815   4.319   1.00 0.00 ? 13 GLN A HB3  1 
ATOM 187 H HG2  . GLN A 1 13 ? -13.581 1.024   5.409   1.00 0.00 ? 13 GLN A HG2  1 
ATOM 188 H HG3  . GLN A 1 13 ? -13.116 -0.661  5.174   1.00 0.00 ? 13 GLN A HG3  1 
ATOM 189 H HE21 . GLN A 1 13 ? -13.655 0.403   7.796   1.00 0.00 ? 13 GLN A HE21 1 
ATOM 190 H HE22 . GLN A 1 13 ? -12.202 0.389   8.675   1.00 0.00 ? 13 GLN A HE22 1 
ATOM 191 N N    . PRO A 1 14 ? -14.713 1.207   2.714   1.00 0.00 ? 14 PRO A N    1 
ATOM 192 C CA   . PRO A 1 14 ? -15.767 2.170   2.350   1.00 0.00 ? 14 PRO A CA   1 
ATOM 193 C C    . PRO A 1 14 ? -15.570 3.518   3.053   1.00 0.00 ? 14 PRO A C    1 
ATOM 194 O O    . PRO A 1 14 ? -16.218 4.493   2.728   1.00 0.00 ? 14 PRO A O    1 
ATOM 195 C CB   . PRO A 1 14 ? -17.068 1.444   2.720   1.00 0.00 ? 14 PRO A CB   1 
ATOM 196 C CG   . PRO A 1 14 ? -16.668 0.325   3.706   1.00 0.00 ? 14 PRO A CG   1 
ATOM 197 C CD   . PRO A 1 14 ? -15.205 -0.024  3.361   1.00 0.00 ? 14 PRO A CD   1 
ATOM 198 H HA   . PRO A 1 14 ? -15.748 2.326   1.282   1.00 0.00 ? 14 PRO A HA   1 
ATOM 199 H HB2  . PRO A 1 14 ? -17.756 2.132   3.193   1.00 0.00 ? 14 PRO A HB2  1 
ATOM 200 H HB3  . PRO A 1 14 ? -17.517 1.012   1.840   1.00 0.00 ? 14 PRO A HB3  1 
ATOM 201 H HG2  . PRO A 1 14 ? -16.744 0.679   4.725   1.00 0.00 ? 14 PRO A HG2  1 
ATOM 202 H HG3  . PRO A 1 14 ? -17.293 -0.542  3.561   1.00 0.00 ? 14 PRO A HG3  1 
ATOM 203 H HD2  . PRO A 1 14 ? -14.652 -0.240  4.259   1.00 0.00 ? 14 PRO A HD2  1 
ATOM 204 H HD3  . PRO A 1 14 ? -15.160 -0.852  2.673   1.00 0.00 ? 14 PRO A HD3  1 
ATOM 205 N N    . ASP A 1 15 ? -14.658 3.599   3.983   1.00 0.00 ? 15 ASP A N    1 
ATOM 206 C CA   . ASP A 1 15 ? -14.404 4.901   4.657   1.00 0.00 ? 15 ASP A CA   1 
ATOM 207 C C    . ASP A 1 15 ? -12.910 5.058   4.965   1.00 0.00 ? 15 ASP A C    1 
ATOM 208 O O    . ASP A 1 15 ? -12.520 5.897   5.751   1.00 0.00 ? 15 ASP A O    1 
ATOM 209 C CB   . ASP A 1 15 ? -15.219 5.000   5.958   1.00 0.00 ? 15 ASP A CB   1 
ATOM 210 C CG   . ASP A 1 15 ? -15.777 3.624   6.340   1.00 0.00 ? 15 ASP A CG   1 
ATOM 211 O OD1  . ASP A 1 15 ? -15.017 2.820   6.855   1.00 0.00 ? 15 ASP A OD1  1 
ATOM 212 O OD2  . ASP A 1 15 ? -16.954 3.399   6.109   1.00 0.00 ? 15 ASP A OD2  1 
ATOM 213 H H    . ASP A 1 15 ? -14.124 2.821   4.214   1.00 0.00 ? 15 ASP A H    1 
ATOM 214 H HA   . ASP A 1 15 ? -14.694 5.695   3.986   1.00 0.00 ? 15 ASP A HA   1 
ATOM 215 H HB2  . ASP A 1 15 ? -14.581 5.359   6.752   1.00 0.00 ? 15 ASP A HB2  1 
ATOM 216 H HB3  . ASP A 1 15 ? -16.037 5.689   5.818   1.00 0.00 ? 15 ASP A HB3  1 
ATOM 217 N N    . GLN A 1 16 ? -12.064 4.268   4.364   1.00 0.00 ? 16 GLN A N    1 
ATOM 218 C CA   . GLN A 1 16 ? -10.608 4.408   4.645   1.00 0.00 ? 16 GLN A CA   1 
ATOM 219 C C    . GLN A 1 16 ? -9.808  3.733   3.536   1.00 0.00 ? 16 GLN A C    1 
ATOM 220 O O    . GLN A 1 16 ? -10.173 2.684   3.048   1.00 0.00 ? 16 GLN A O    1 
ATOM 221 C CB   . GLN A 1 16 ? -10.279 3.764   5.994   1.00 0.00 ? 16 GLN A CB   1 
ATOM 222 C CG   . GLN A 1 16 ? -9.782  4.844   6.957   1.00 0.00 ? 16 GLN A CG   1 
ATOM 223 C CD   . GLN A 1 16 ? -9.395  4.205   8.292   1.00 0.00 ? 16 GLN A CD   1 
ATOM 224 O OE1  . GLN A 1 16 ? -10.025 4.451   9.301   1.00 0.00 ? 16 GLN A OE1  1 
ATOM 225 N NE2  . GLN A 1 16 ? -8.378  3.390   8.340   1.00 0.00 ? 16 GLN A NE2  1 
ATOM 226 H H    . GLN A 1 16 ? -12.376 3.595   3.729   1.00 0.00 ? 16 GLN A H    1 
ATOM 227 H HA   . GLN A 1 16 ? -10.354 5.456   4.677   1.00 0.00 ? 16 GLN A HA   1 
ATOM 228 H HB2  . GLN A 1 16 ? -11.168 3.300   6.398   1.00 0.00 ? 16 GLN A HB2  1 
ATOM 229 H HB3  . GLN A 1 16 ? -9.510  3.019   5.862   1.00 0.00 ? 16 GLN A HB3  1 
ATOM 230 H HG2  . GLN A 1 16 ? -8.920  5.335   6.529   1.00 0.00 ? 16 GLN A HG2  1 
ATOM 231 H HG3  . GLN A 1 16 ? -10.566 5.567   7.120   1.00 0.00 ? 16 GLN A HG3  1 
ATOM 232 H HE21 . GLN A 1 16 ? -7.871  3.191   7.525   1.00 0.00 ? 16 GLN A HE21 1 
ATOM 233 H HE22 . GLN A 1 16 ? -8.119  2.979   9.191   1.00 0.00 ? 16 GLN A HE22 1 
ATOM 234 N N    . VAL A 1 17 ? -8.718  4.319   3.135   1.00 0.00 ? 17 VAL A N    1 
ATOM 235 C CA   . VAL A 1 17 ? -7.904  3.699   2.061   1.00 0.00 ? 17 VAL A CA   1 
ATOM 236 C C    . VAL A 1 17 ? -6.446  3.828   2.412   1.00 0.00 ? 17 VAL A C    1 
ATOM 237 O O    . VAL A 1 17 ? -5.922  4.906   2.587   1.00 0.00 ? 17 VAL A O    1 
ATOM 238 C CB   . VAL A 1 17 ? -8.144  4.364   0.707   1.00 0.00 ? 17 VAL A CB   1 
ATOM 239 C CG1  . VAL A 1 17 ? -9.237  3.641   0.004   1.00 0.00 ? 17 VAL A CG1  1 
ATOM 240 C CG2  . VAL A 1 17 ? -8.547  5.819   0.843   1.00 0.00 ? 17 VAL A CG2  1 
ATOM 241 H H    . VAL A 1 17 ? -8.429  5.155   3.545   1.00 0.00 ? 17 VAL A H    1 
ATOM 242 H HA   . VAL A 1 17 ? -8.156  2.651   1.989   1.00 0.00 ? 17 VAL A HA   1 
ATOM 243 H HB   . VAL A 1 17 ? -7.263  4.294   0.112   1.00 0.00 ? 17 VAL A HB   1 
ATOM 244 H HG11 . VAL A 1 17 ? -8.810  2.820   -0.542  1.00 0.00 ? 17 VAL A HG11 1 
ATOM 245 H HG12 . VAL A 1 17 ? -9.721  4.327   -0.671  1.00 0.00 ? 17 VAL A HG12 1 
ATOM 246 H HG13 . VAL A 1 17 ? -9.936  3.277   0.734   1.00 0.00 ? 17 VAL A HG13 1 
ATOM 247 H HG21 . VAL A 1 17 ? -9.288  6.046   0.091   1.00 0.00 ? 17 VAL A HG21 1 
ATOM 248 H HG22 . VAL A 1 17 ? -7.682  6.439   0.689   1.00 0.00 ? 17 VAL A HG22 1 
ATOM 249 H HG23 . VAL A 1 17 ? -8.958  5.995   1.820   1.00 0.00 ? 17 VAL A HG23 1 
ATOM 250 N N    . CYS A 1 18 ? -5.782  2.734   2.508   1.00 0.00 ? 18 CYS A N    1 
ATOM 251 C CA   . CYS A 1 18 ? -4.344  2.790   2.850   1.00 0.00 ? 18 CYS A CA   1 
ATOM 252 C C    . CYS A 1 18 ? -3.533  2.330   1.657   1.00 0.00 ? 18 CYS A C    1 
ATOM 253 O O    . CYS A 1 18 ? -3.728  1.259   1.154   1.00 0.00 ? 18 CYS A O    1 
ATOM 254 C CB   . CYS A 1 18 ? -4.037  1.880   4.040   1.00 0.00 ? 18 CYS A CB   1 
ATOM 255 S SG   . CYS A 1 18 ? -5.316  2.018   5.334   1.00 0.00 ? 18 CYS A SG   1 
ATOM 256 H H    . CYS A 1 18 ? -6.233  1.879   2.346   1.00 0.00 ? 18 CYS A H    1 
ATOM 257 H HA   . CYS A 1 18 ? -4.079  3.792   3.081   1.00 0.00 ? 18 CYS A HA   1 
ATOM 258 H HB2  . CYS A 1 18 ? -3.998  0.861   3.694   1.00 0.00 ? 18 CYS A HB2  1 
ATOM 259 H HB3  . CYS A 1 18 ? -3.073  2.143   4.450   1.00 0.00 ? 18 CYS A HB3  1 
ATOM 260 N N    . CYS A 1 19 ? -2.619  3.118   1.194   1.00 0.00 ? 19 CYS A N    1 
ATOM 261 C CA   . CYS A 1 19 ? -1.832  2.671   0.028   1.00 0.00 ? 19 CYS A CA   1 
ATOM 262 C C    . CYS A 1 19 ? -0.484  2.152   0.519   1.00 0.00 ? 19 CYS A C    1 
ATOM 263 O O    . CYS A 1 19 ? 0.132   2.716   1.394   1.00 0.00 ? 19 CYS A O    1 
ATOM 264 C CB   . CYS A 1 19 ? -1.679  3.846   -0.939  1.00 0.00 ? 19 CYS A CB   1 
ATOM 265 S SG   . CYS A 1 19 ? -0.143  4.755   -0.621  1.00 0.00 ? 19 CYS A SG   1 
ATOM 266 H H    . CYS A 1 19 ? -2.454  3.998   1.599   1.00 0.00 ? 19 CYS A H    1 
ATOM 267 H HA   . CYS A 1 19 ? -2.357  1.870   -0.465  1.00 0.00 ? 19 CYS A HA   1 
ATOM 268 H HB2  . CYS A 1 19 ? -1.690  3.486   -1.953  1.00 0.00 ? 19 CYS A HB2  1 
ATOM 269 H HB3  . CYS A 1 19 ? -2.512  4.502   -0.802  1.00 0.00 ? 19 CYS A HB3  1 
ATOM 270 N N    . PHE A 1 20 ? -0.037  1.071   -0.033  1.00 0.00 ? 20 PHE A N    1 
ATOM 271 C CA   . PHE A 1 20 ? 1.257   0.494   0.413   1.00 0.00 ? 20 PHE A CA   1 
ATOM 272 C C    . PHE A 1 20 ? 2.147   0.204   -0.789  1.00 0.00 ? 20 PHE A C    1 
ATOM 273 O O    . PHE A 1 20 ? 1.703   -0.306  -1.782  1.00 0.00 ? 20 PHE A O    1 
ATOM 274 C CB   . PHE A 1 20 ? 1.061   -0.869  1.117   1.00 0.00 ? 20 PHE A CB   1 
ATOM 275 C CG   . PHE A 1 20 ? -0.238  -1.001  1.894   1.00 0.00 ? 20 PHE A CG   1 
ATOM 276 C CD1  . PHE A 1 20 ? -1.481  -0.729  1.305   1.00 0.00 ? 20 PHE A CD1  1 
ATOM 277 C CD2  . PHE A 1 20 ? -0.195  -1.490  3.207   1.00 0.00 ? 20 PHE A CD2  1 
ATOM 278 C CE1  . PHE A 1 20 ? -2.649  -0.944  2.019   1.00 0.00 ? 20 PHE A CE1  1 
ATOM 279 C CE2  . PHE A 1 20 ? -1.372  -1.689  3.923   1.00 0.00 ? 20 PHE A CE2  1 
ATOM 280 C CZ   . PHE A 1 20 ? -2.597  -1.421  3.324   1.00 0.00 ? 20 PHE A CZ   1 
ATOM 281 H H    . PHE A 1 20 ? -0.558  0.636   -0.736  1.00 0.00 ? 20 PHE A H    1 
ATOM 282 H HA   . PHE A 1 20 ? 1.753   1.179   1.082   1.00 0.00 ? 20 PHE A HA   1 
ATOM 283 H HB2  . PHE A 1 20 ? 1.084   -1.645  0.371   1.00 0.00 ? 20 PHE A HB2  1 
ATOM 284 H HB3  . PHE A 1 20 ? 1.884   -1.031  1.789   1.00 0.00 ? 20 PHE A HB3  1 
ATOM 285 H HD1  . PHE A 1 20 ? -1.544  -0.358  0.312   1.00 0.00 ? 20 PHE A HD1  1 
ATOM 286 H HD2  . PHE A 1 20 ? 0.750   -1.698  3.673   1.00 0.00 ? 20 PHE A HD2  1 
ATOM 287 H HE1  . PHE A 1 20 ? -3.601  -0.738  1.561   1.00 0.00 ? 20 PHE A HE1  1 
ATOM 288 H HE2  . PHE A 1 20 ? -1.333  -2.057  4.938   1.00 0.00 ? 20 PHE A HE2  1 
ATOM 289 H HZ   . PHE A 1 20 ? -3.502  -1.600  3.858   1.00 0.00 ? 20 PHE A HZ   1 
ATOM 290 N N    . ILE A 1 21 ? 3.414   0.451   -0.672  1.00 0.00 ? 21 ILE A N    1 
ATOM 291 C CA   . ILE A 1 21 ? 4.342   0.101   -1.784  1.00 0.00 ? 21 ILE A CA   1 
ATOM 292 C C    . ILE A 1 21 ? 5.177   -1.076  -1.309  1.00 0.00 ? 21 ILE A C    1 
ATOM 293 O O    . ILE A 1 21 ? 5.791   -1.048  -0.258  1.00 0.00 ? 21 ILE A O    1 
ATOM 294 C CB   . ILE A 1 21 ? 5.232   1.304   -2.188  1.00 0.00 ? 21 ILE A CB   1 
ATOM 295 C CG1  . ILE A 1 21 ? 4.927   1.704   -3.633  1.00 0.00 ? 21 ILE A CG1  1 
ATOM 296 C CG2  . ILE A 1 21 ? 6.720   0.942   -2.104  1.00 0.00 ? 21 ILE A CG2  1 
ATOM 297 C CD1  . ILE A 1 21 ? 4.825   3.228   -3.731  1.00 0.00 ? 21 ILE A CD1  1 
ATOM 298 H H    . ILE A 1 21 ? 3.753   0.823   0.151   1.00 0.00 ? 21 ILE A H    1 
ATOM 299 H HA   . ILE A 1 21 ? 3.771   -0.232  -2.621  1.00 0.00 ? 21 ILE A HA   1 
ATOM 300 H HB   . ILE A 1 21 ? 5.028   2.139   -1.534  1.00 0.00 ? 21 ILE A HB   1 
ATOM 301 H HG12 . ILE A 1 21 ? 5.726   1.353   -4.279  1.00 0.00 ? 21 ILE A HG12 1 
ATOM 302 H HG13 . ILE A 1 21 ? 3.996   1.260   -3.944  1.00 0.00 ? 21 ILE A HG13 1 
ATOM 303 H HG21 . ILE A 1 21 ? 6.988   0.753   -1.076  1.00 0.00 ? 21 ILE A HG21 1 
ATOM 304 H HG22 . ILE A 1 21 ? 7.310   1.756   -2.492  1.00 0.00 ? 21 ILE A HG22 1 
ATOM 305 H HG23 . ILE A 1 21 ? 6.903   0.053   -2.692  1.00 0.00 ? 21 ILE A HG23 1 
ATOM 306 H HD11 . ILE A 1 21 ? 5.724   3.674   -3.333  1.00 0.00 ? 21 ILE A HD11 1 
ATOM 307 H HD12 . ILE A 1 21 ? 3.973   3.568   -3.162  1.00 0.00 ? 21 ILE A HD12 1 
ATOM 308 H HD13 . ILE A 1 21 ? 4.707   3.515   -4.765  1.00 0.00 ? 21 ILE A HD13 1 
ATOM 309 N N    . CYS A 1 22 ? 5.139   -2.135  -2.059  1.00 0.00 ? 22 CYS A N    1 
ATOM 310 C CA   . CYS A 1 22 ? 5.867   -3.361  -1.645  1.00 0.00 ? 22 CYS A CA   1 
ATOM 311 C C    . CYS A 1 22 ? 7.019   -3.686  -2.580  1.00 0.00 ? 22 CYS A C    1 
ATOM 312 O O    . CYS A 1 22 ? 6.930   -3.510  -3.779  1.00 0.00 ? 22 CYS A O    1 
ATOM 313 C CB   . CYS A 1 22 ? 4.901   -4.526  -1.721  1.00 0.00 ? 22 CYS A CB   1 
ATOM 314 S SG   . CYS A 1 22 ? 3.542   -4.275  -0.565  1.00 0.00 ? 22 CYS A SG   1 
ATOM 315 H H    . CYS A 1 22 ? 4.584   -2.137  -2.880  1.00 0.00 ? 22 CYS A H    1 
ATOM 316 H HA   . CYS A 1 22 ? 6.226   -3.254  -0.632  1.00 0.00 ? 22 CYS A HA   1 
ATOM 317 H HB2  . CYS A 1 22 ? 4.515   -4.593  -2.729  1.00 0.00 ? 22 CYS A HB2  1 
ATOM 318 H HB3  . CYS A 1 22 ? 5.421   -5.438  -1.474  1.00 0.00 ? 22 CYS A HB3  1 
ATOM 319 N N    . ARG A 1 23 ? 8.087   -4.208  -2.049  1.00 0.00 ? 23 ARG A N    1 
ATOM 320 C CA   . ARG A 1 23 ? 9.213   -4.595  -2.942  1.00 0.00 ? 23 ARG A CA   1 
ATOM 321 C C    . ARG A 1 23 ? 9.377   -6.124  -2.925  1.00 0.00 ? 23 ARG A C    1 
ATOM 322 O O    . ARG A 1 23 ? 10.451  -6.656  -3.108  1.00 0.00 ? 23 ARG A O    1 
ATOM 323 C CB   . ARG A 1 23 ? 10.496  -3.848  -2.512  1.00 0.00 ? 23 ARG A CB   1 
ATOM 324 C CG   . ARG A 1 23 ? 11.476  -4.748  -1.741  1.00 0.00 ? 23 ARG A CG   1 
ATOM 325 C CD   . ARG A 1 23 ? 10.759  -5.499  -0.617  1.00 0.00 ? 23 ARG A CD   1 
ATOM 326 N NE   . ARG A 1 23 ? 11.490  -5.273  0.661   1.00 0.00 ? 23 ARG A NE   1 
ATOM 327 C CZ   . ARG A 1 23 ? 12.092  -6.267  1.253   1.00 0.00 ? 23 ARG A CZ   1 
ATOM 328 N NH1  . ARG A 1 23 ? 11.576  -7.463  1.203   1.00 0.00 ? 23 ARG A NH1  1 
ATOM 329 N NH2  . ARG A 1 23 ? 13.212  -6.065  1.892   1.00 0.00 ? 23 ARG A NH2  1 
ATOM 330 H H    . ARG A 1 23 ? 8.134   -4.367  -1.077  1.00 0.00 ? 23 ARG A H    1 
ATOM 331 H HA   . ARG A 1 23 ? 8.951   -4.306  -3.944  1.00 0.00 ? 23 ARG A HA   1 
ATOM 332 H HB2  . ARG A 1 23 ? 10.992  -3.471  -3.394  1.00 0.00 ? 23 ARG A HB2  1 
ATOM 333 H HB3  . ARG A 1 23 ? 10.219  -3.013  -1.886  1.00 0.00 ? 23 ARG A HB3  1 
ATOM 334 H HG2  . ARG A 1 23 ? 11.929  -5.454  -2.416  1.00 0.00 ? 23 ARG A HG2  1 
ATOM 335 H HG3  . ARG A 1 23 ? 12.251  -4.129  -1.308  1.00 0.00 ? 23 ARG A HG3  1 
ATOM 336 H HD2  . ARG A 1 23 ? 9.747   -5.137  -0.526  1.00 0.00 ? 23 ARG A HD2  1 
ATOM 337 H HD3  . ARG A 1 23 ? 10.746  -6.557  -0.841  1.00 0.00 ? 23 ARG A HD3  1 
ATOM 338 H HE   . ARG A 1 23 ? 11.520  -4.377  1.056   1.00 0.00 ? 23 ARG A HE   1 
ATOM 339 H HH11 . ARG A 1 23 ? 10.719  -7.618  0.711   1.00 0.00 ? 23 ARG A HH11 1 
ATOM 340 H HH12 . ARG A 1 23 ? 12.037  -8.225  1.657   1.00 0.00 ? 23 ARG A HH12 1 
ATOM 341 H HH21 . ARG A 1 23 ? 13.609  -5.147  1.929   1.00 0.00 ? 23 ARG A HH21 1 
ATOM 342 H HH22 . ARG A 1 23 ? 13.673  -6.827  2.345   1.00 0.00 ? 23 ARG A HH22 1 
ATOM 343 N N    . GLY A 1 24 ? 8.298   -6.834  -2.720  1.00 0.00 ? 24 GLY A N    1 
ATOM 344 C CA   . GLY A 1 24 ? 8.370   -8.324  -2.701  1.00 0.00 ? 24 GLY A CA   1 
ATOM 345 C C    . GLY A 1 24 ? 6.966   -8.937  -2.554  1.00 0.00 ? 24 GLY A C    1 
ATOM 346 O O    . GLY A 1 24 ? 6.704   -10.025 -3.026  1.00 0.00 ? 24 GLY A O    1 
ATOM 347 H H    . GLY A 1 24 ? 7.441   -6.387  -2.605  1.00 0.00 ? 24 GLY A H    1 
ATOM 348 H HA2  . GLY A 1 24 ? 8.815   -8.670  -3.624  1.00 0.00 ? 24 GLY A HA2  1 
ATOM 349 H HA3  . GLY A 1 24 ? 8.983   -8.639  -1.871  1.00 0.00 ? 24 GLY A HA3  1 
ATOM 350 N N    . ALA A 1 25 ? 6.075   -8.269  -1.859  1.00 0.00 ? 25 ALA A N    1 
ATOM 351 C CA   . ALA A 1 25 ? 4.708   -8.841  -1.635  1.00 0.00 ? 25 ALA A CA   1 
ATOM 352 C C    . ALA A 1 25 ? 3.640   -7.735  -1.606  1.00 0.00 ? 25 ALA A C    1 
ATOM 353 O O    . ALA A 1 25 ? 3.758   -6.718  -2.254  1.00 0.00 ? 25 ALA A O    1 
ATOM 354 C CB   . ALA A 1 25 ? 4.709   -9.552  -0.282  1.00 0.00 ? 25 ALA A CB   1 
ATOM 355 H H    . ALA A 1 25 ? 6.314   -7.411  -1.462  1.00 0.00 ? 25 ALA A H    1 
ATOM 356 H HA   . ALA A 1 25 ? 4.475   -9.555  -2.407  1.00 0.00 ? 25 ALA A HA   1 
ATOM 357 H HB1  . ALA A 1 25 ? 4.358   -8.872  0.481   1.00 0.00 ? 25 ALA A HB1  1 
ATOM 358 H HB2  . ALA A 1 25 ? 5.713   -9.869  -0.044  1.00 0.00 ? 25 ALA A HB2  1 
ATOM 359 H HB3  . ALA A 1 25 ? 4.060   -10.413 -0.325  1.00 0.00 ? 25 ALA A HB3  1 
ATOM 360 N N    . ALA A 1 26 ? 2.597   -7.951  -0.841  1.00 0.00 ? 26 ALA A N    1 
ATOM 361 C CA   . ALA A 1 26 ? 1.492   -6.939  -0.718  1.00 0.00 ? 26 ALA A CA   1 
ATOM 362 C C    . ALA A 1 26 ? 1.134   -6.806  0.766   1.00 0.00 ? 26 ALA A C    1 
ATOM 363 O O    . ALA A 1 26 ? 1.770   -7.421  1.587   1.00 0.00 ? 26 ALA A O    1 
ATOM 364 C CB   . ALA A 1 26 ? 0.265   -7.422  -1.496  1.00 0.00 ? 26 ALA A CB   1 
ATOM 365 H H    . ALA A 1 26 ? 2.542   -8.794  -0.335  1.00 0.00 ? 26 ALA A H    1 
ATOM 366 H HA   . ALA A 1 26 ? 1.813   -5.988  -1.099  1.00 0.00 ? 26 ALA A HA   1 
ATOM 367 H HB1  . ALA A 1 26 ? -0.404  -7.942  -0.825  1.00 0.00 ? 26 ALA A HB1  1 
ATOM 368 H HB2  . ALA A 1 26 ? 0.578   -8.092  -2.282  1.00 0.00 ? 26 ALA A HB2  1 
ATOM 369 H HB3  . ALA A 1 26 ? -0.245  -6.574  -1.928  1.00 0.00 ? 26 ALA A HB3  1 
ATOM 370 N N    . PRO A 1 27 ? 0.130   -6.023  1.084   1.00 0.00 ? 27 PRO A N    1 
ATOM 371 C CA   . PRO A 1 27 ? -0.307  -5.858  2.478   1.00 0.00 ? 27 PRO A CA   1 
ATOM 372 C C    . PRO A 1 27 ? -1.242  -7.009  2.857   1.00 0.00 ? 27 PRO A C    1 
ATOM 373 O O    . PRO A 1 27 ? -1.747  -7.712  2.004   1.00 0.00 ? 27 PRO A O    1 
ATOM 374 C CB   . PRO A 1 27 ? -1.071  -4.539  2.463   1.00 0.00 ? 27 PRO A CB   1 
ATOM 375 C CG   . PRO A 1 27 ? -1.529  -4.318  1.001   1.00 0.00 ? 27 PRO A CG   1 
ATOM 376 C CD   . PRO A 1 27 ? -0.643  -5.213  0.118   1.00 0.00 ? 27 PRO A CD   1 
ATOM 377 H HA   . PRO A 1 27 ? 0.536   -5.800  3.147   1.00 0.00 ? 27 PRO A HA   1 
ATOM 378 H HB2  . PRO A 1 27 ? -1.928  -4.601  3.120   1.00 0.00 ? 27 PRO A HB2  1 
ATOM 379 H HB3  . PRO A 1 27 ? -0.423  -3.736  2.766   1.00 0.00 ? 27 PRO A HB3  1 
ATOM 380 H HG2  . PRO A 1 27 ? -2.566  -4.602  0.892   1.00 0.00 ? 27 PRO A HG2  1 
ATOM 381 H HG3  . PRO A 1 27 ? -1.394  -3.285  0.720   1.00 0.00 ? 27 PRO A HG3  1 
ATOM 382 H HD2  . PRO A 1 27 ? -1.260  -5.839  -0.506  1.00 0.00 ? 27 PRO A HD2  1 
ATOM 383 H HD3  . PRO A 1 27 ? 0.017   -4.604  -0.476  1.00 0.00 ? 27 PRO A HD3  1 
ATOM 384 N N    . LEU A 1 28 ? -1.484  -7.211  4.122   1.00 0.00 ? 28 LEU A N    1 
ATOM 385 C CA   . LEU A 1 28 ? -2.395  -8.317  4.530   1.00 0.00 ? 28 LEU A CA   1 
ATOM 386 C C    . LEU A 1 28 ? -3.796  -7.711  4.695   1.00 0.00 ? 28 LEU A C    1 
ATOM 387 O O    . LEU A 1 28 ? -4.013  -6.904  5.577   1.00 0.00 ? 28 LEU A O    1 
ATOM 388 C CB   . LEU A 1 28 ? -1.907  -8.936  5.854   1.00 0.00 ? 28 LEU A CB   1 
ATOM 389 C CG   . LEU A 1 28 ? -0.815  -9.985  5.584   1.00 0.00 ? 28 LEU A CG   1 
ATOM 390 C CD1  . LEU A 1 28 ? 0.498   -9.550  6.242   1.00 0.00 ? 28 LEU A CD1  1 
ATOM 391 C CD2  . LEU A 1 28 ? -1.213  -11.332 6.165   1.00 0.00 ? 28 LEU A CD2  1 
ATOM 392 H H    . LEU A 1 28 ? -1.074  -6.635  4.801   1.00 0.00 ? 28 LEU A H    1 
ATOM 393 H HA   . LEU A 1 28 ? -2.407  -9.072  3.758   1.00 0.00 ? 28 LEU A HA   1 
ATOM 394 H HB2  . LEU A 1 28 ? -1.497  -8.158  6.480   1.00 0.00 ? 28 LEU A HB2  1 
ATOM 395 H HB3  . LEU A 1 28 ? -2.733  -9.407  6.354   1.00 0.00 ? 28 LEU A HB3  1 
ATOM 396 H HG   . LEU A 1 28 ? -0.676  -10.089 4.522   1.00 0.00 ? 28 LEU A HG   1 
ATOM 397 H HD11 . LEU A 1 28 ? 1.329   -9.983  5.703   1.00 0.00 ? 28 LEU A HD11 1 
ATOM 398 H HD12 . LEU A 1 28 ? 0.519   -9.889  7.267   1.00 0.00 ? 28 LEU A HD12 1 
ATOM 399 H HD13 . LEU A 1 28 ? 0.575   -8.474  6.216   1.00 0.00 ? 28 LEU A HD13 1 
ATOM 400 H HD21 . LEU A 1 28 ? -0.557  -11.569 6.990   1.00 0.00 ? 28 LEU A HD21 1 
ATOM 401 H HD22 . LEU A 1 28 ? -1.116  -12.089 5.399   1.00 0.00 ? 28 LEU A HD22 1 
ATOM 402 H HD23 . LEU A 1 28 ? -2.231  -11.289 6.509   1.00 0.00 ? 28 LEU A HD23 1 
ATOM 403 N N    . PRO A 1 29 ? -4.697  -8.080  3.813   1.00 0.00 ? 29 PRO A N    1 
ATOM 404 C CA   . PRO A 1 29 ? -6.072  -7.542  3.811   1.00 0.00 ? 29 PRO A CA   1 
ATOM 405 C C    . PRO A 1 29 ? -6.908  -8.107  4.959   1.00 0.00 ? 29 PRO A C    1 
ATOM 406 O O    . PRO A 1 29 ? -7.376  -9.226  4.911   1.00 0.00 ? 29 PRO A O    1 
ATOM 407 C CB   . PRO A 1 29 ? -6.632  -7.986  2.457   1.00 0.00 ? 29 PRO A CB   1 
ATOM 408 C CG   . PRO A 1 29 ? -5.780  -9.195  2.010   1.00 0.00 ? 29 PRO A CG   1 
ATOM 409 C CD   . PRO A 1 29 ? -4.436  -9.075  2.751   1.00 0.00 ? 29 PRO A CD   1 
ATOM 410 H HA   . PRO A 1 29 ? -6.053  -6.466  3.856   1.00 0.00 ? 29 PRO A HA   1 
ATOM 411 H HB2  . PRO A 1 29 ? -7.669  -8.276  2.562   1.00 0.00 ? 29 PRO A HB2  1 
ATOM 412 H HB3  . PRO A 1 29 ? -6.539  -7.189  1.736   1.00 0.00 ? 29 PRO A HB3  1 
ATOM 413 H HG2  . PRO A 1 29 ? -6.276  -10.118 2.281   1.00 0.00 ? 29 PRO A HG2  1 
ATOM 414 H HG3  . PRO A 1 29 ? -5.614  -9.160  0.945   1.00 0.00 ? 29 PRO A HG3  1 
ATOM 415 H HD2  . PRO A 1 29 ? -4.155  -10.027 3.180   1.00 0.00 ? 29 PRO A HD2  1 
ATOM 416 H HD3  . PRO A 1 29 ? -3.667  -8.717  2.086   1.00 0.00 ? 29 PRO A HD3  1 
ATOM 417 N N    . SER A 1 30 ? -7.107  -7.328  5.985   1.00 0.00 ? 30 SER A N    1 
ATOM 418 C CA   . SER A 1 30 ? -7.924  -7.807  7.135   1.00 0.00 ? 30 SER A CA   1 
ATOM 419 C C    . SER A 1 30 ? -8.978  -6.755  7.509   1.00 0.00 ? 30 SER A C    1 
ATOM 420 O O    . SER A 1 30 ? -9.735  -6.932  8.442   1.00 0.00 ? 30 SER A O    1 
ATOM 421 C CB   . SER A 1 30 ? -7.013  -8.065  8.334   1.00 0.00 ? 30 SER A CB   1 
ATOM 422 O OG   . SER A 1 30 ? -7.299  -9.347  8.875   1.00 0.00 ? 30 SER A OG   1 
ATOM 423 H H    . SER A 1 30 ? -6.720  -6.428  5.997   1.00 0.00 ? 30 SER A H    1 
ATOM 424 H HA   . SER A 1 30 ? -8.423  -8.722  6.858   1.00 0.00 ? 30 SER A HA   1 
ATOM 425 H HB2  . SER A 1 30 ? -5.983  -8.036  8.018   1.00 0.00 ? 30 SER A HB2  1 
ATOM 426 H HB3  . SER A 1 30 ? -7.179  -7.301  9.081   1.00 0.00 ? 30 SER A HB3  1 
ATOM 427 H HG   . SER A 1 30 ? -7.917  -9.231  9.601   1.00 0.00 ? 30 SER A HG   1 
ATOM 428 N N    . GLU A 1 31 ? -9.036  -5.663  6.793   1.00 0.00 ? 31 GLU A N    1 
ATOM 429 C CA   . GLU A 1 31 ? -10.042 -4.613  7.113   1.00 0.00 ? 31 GLU A CA   1 
ATOM 430 C C    . GLU A 1 31 ? -10.757 -4.187  5.828   1.00 0.00 ? 31 GLU A C    1 
ATOM 431 O O    . GLU A 1 31 ? -11.468 -3.202  5.802   1.00 0.00 ? 31 GLU A O    1 
ATOM 432 C CB   . GLU A 1 31 ? -9.331  -3.404  7.725   1.00 0.00 ? 31 GLU A CB   1 
ATOM 433 C CG   . GLU A 1 31 ? -8.244  -2.916  6.767   1.00 0.00 ? 31 GLU A CG   1 
ATOM 434 C CD   . GLU A 1 31 ? -8.018  -1.418  6.973   1.00 0.00 ? 31 GLU A CD   1 
ATOM 435 O OE1  . GLU A 1 31 ? -7.565  -1.049  8.044   1.00 0.00 ? 31 GLU A OE1  1 
ATOM 436 O OE2  . GLU A 1 31 ? -8.301  -0.664  6.056   1.00 0.00 ? 31 GLU A OE2  1 
ATOM 437 H H    . GLU A 1 31 ? -8.423  -5.532  6.047   1.00 0.00 ? 31 GLU A H    1 
ATOM 438 H HA   . GLU A 1 31 ? -10.763 -5.003  7.816   1.00 0.00 ? 31 GLU A HA   1 
ATOM 439 H HB2  . GLU A 1 31 ? -10.047 -2.613  7.894   1.00 0.00 ? 31 GLU A HB2  1 
ATOM 440 H HB3  . GLU A 1 31 ? -8.880  -3.689  8.664   1.00 0.00 ? 31 GLU A HB3  1 
ATOM 441 H HG2  . GLU A 1 31 ? -7.325  -3.450  6.962   1.00 0.00 ? 31 GLU A HG2  1 
ATOM 442 H HG3  . GLU A 1 31 ? -8.555  -3.094  5.749   1.00 0.00 ? 31 GLU A HG3  1 
ATOM 443 N N    . GLY A 1 32 ? -10.578 -4.919  4.761   1.00 0.00 ? 32 GLY A N    1 
ATOM 444 C CA   . GLY A 1 32 ? -11.252 -4.548  3.488   1.00 0.00 ? 32 GLY A CA   1 
ATOM 445 C C    . GLY A 1 32 ? -10.630 -5.329  2.333   1.00 0.00 ? 32 GLY A C    1 
ATOM 446 O O    . GLY A 1 32 ? -10.643 -6.544  2.313   1.00 0.00 ? 32 GLY A O    1 
ATOM 447 H H    . GLY A 1 32 ? -10.003 -5.713  4.796   1.00 0.00 ? 32 GLY A H    1 
ATOM 448 H HA2  . GLY A 1 32 ? -12.303 -4.783  3.559   1.00 0.00 ? 32 GLY A HA2  1 
ATOM 449 H HA3  . GLY A 1 32 ? -11.128 -3.491  3.311   1.00 0.00 ? 32 GLY A HA3  1 
ATOM 450 N N    . GLU A 1 33 ? -10.086 -4.641  1.368   1.00 0.00 ? 33 GLU A N    1 
ATOM 451 C CA   . GLU A 1 33 ? -9.464  -5.356  0.208   1.00 0.00 ? 33 GLU A CA   1 
ATOM 452 C C    . GLU A 1 33 ? -8.285  -4.538  -0.318  1.00 0.00 ? 33 GLU A C    1 
ATOM 453 O O    . GLU A 1 33 ? -8.088  -3.430  0.092   1.00 0.00 ? 33 GLU A O    1 
ATOM 454 C CB   . GLU A 1 33 ? -10.499 -5.534  -0.905  1.00 0.00 ? 33 GLU A CB   1 
ATOM 455 C CG   . GLU A 1 33 ? -11.319 -4.252  -1.056  1.00 0.00 ? 33 GLU A CG   1 
ATOM 456 C CD   . GLU A 1 33 ? -12.187 -4.347  -2.313  1.00 0.00 ? 33 GLU A CD   1 
ATOM 457 O OE1  . GLU A 1 33 ? -11.628 -4.312  -3.398  1.00 0.00 ? 33 GLU A OE1  1 
ATOM 458 O OE2  . GLU A 1 33 ? -13.392 -4.454  -2.170  1.00 0.00 ? 33 GLU A OE2  1 
ATOM 459 H H    . GLU A 1 33 ? -10.088 -3.660  1.403   1.00 0.00 ? 33 GLU A H    1 
ATOM 460 H HA   . GLU A 1 33 ? -9.111  -6.325  0.530   1.00 0.00 ? 33 GLU A HA   1 
ATOM 461 H HB2  . GLU A 1 33 ? -9.994  -5.752  -1.834  1.00 0.00 ? 33 GLU A HB2  1 
ATOM 462 H HB3  . GLU A 1 33 ? -11.158 -6.352  -0.653  1.00 0.00 ? 33 GLU A HB3  1 
ATOM 463 H HG2  . GLU A 1 33 ? -11.952 -4.125  -0.189  1.00 0.00 ? 33 GLU A HG2  1 
ATOM 464 H HG3  . GLU A 1 33 ? -10.654 -3.406  -1.144  1.00 0.00 ? 33 GLU A HG3  1 
ATOM 465 N N    . CYS A 1 34 ? -7.498  -5.076  -1.214  1.00 0.00 ? 34 CYS A N    1 
ATOM 466 C CA   . CYS A 1 34 ? -6.338  -4.301  -1.767  1.00 0.00 ? 34 CYS A CA   1 
ATOM 467 C C    . CYS A 1 34 ? -6.047  -4.748  -3.180  1.00 0.00 ? 34 CYS A C    1 
ATOM 468 O O    . CYS A 1 34 ? -6.227  -5.890  -3.551  1.00 0.00 ? 34 CYS A O    1 
ATOM 469 C CB   . CYS A 1 34 ? -5.089  -4.495  -0.937  1.00 0.00 ? 34 CYS A CB   1 
ATOM 470 S SG   . CYS A 1 34 ? -5.538  -4.657  0.807   1.00 0.00 ? 34 CYS A SG   1 
ATOM 471 H H    . CYS A 1 34 ? -7.672  -5.987  -1.534  1.00 0.00 ? 34 CYS A H    1 
ATOM 472 H HA   . CYS A 1 34 ? -6.567  -3.254  -1.794  1.00 0.00 ? 34 CYS A HA   1 
ATOM 473 H HB2  . CYS A 1 34 ? -4.577  -5.369  -1.281  1.00 0.00 ? 34 CYS A HB2  1 
ATOM 474 H HB3  . CYS A 1 34 ? -4.446  -3.636  -1.060  1.00 0.00 ? 34 CYS A HB3  1 
ATOM 475 N N    . ASN A 1 35 ? -5.606  -3.827  -3.962  1.00 0.00 ? 35 ASN A N    1 
ATOM 476 C CA   . ASN A 1 35 ? -5.288  -4.129  -5.399  1.00 0.00 ? 35 ASN A CA   1 
ATOM 477 C C    . ASN A 1 35 ? -4.238  -3.156  -5.928  1.00 0.00 ? 35 ASN A C    1 
ATOM 478 O O    . ASN A 1 35 ? -3.955  -2.169  -5.300  1.00 0.00 ? 35 ASN A O    1 
ATOM 479 C CB   . ASN A 1 35 ? -6.585  -3.994  -6.213  1.00 0.00 ? 35 ASN A CB   1 
ATOM 480 C CG   . ASN A 1 35 ? -7.202  -5.376  -6.430  1.00 0.00 ? 35 ASN A CG   1 
ATOM 481 O OD1  . ASN A 1 35 ? -6.883  -6.315  -5.731  1.00 0.00 ? 35 ASN A OD1  1 
ATOM 482 N ND2  . ASN A 1 35 ? -8.079  -5.540  -7.382  1.00 0.00 ? 35 ASN A ND2  1 
ATOM 483 H H    . ASN A 1 35 ? -5.494  -2.922  -3.597  1.00 0.00 ? 35 ASN A H    1 
ATOM 484 H HA   . ASN A 1 35 ? -4.902  -5.138  -5.480  1.00 0.00 ? 35 ASN A HA   1 
ATOM 485 H HB2  . ASN A 1 35 ? -7.281  -3.380  -5.659  1.00 0.00 ? 35 ASN A HB2  1 
ATOM 486 H HB3  . ASN A 1 35 ? -6.387  -3.527  -7.165  1.00 0.00 ? 35 ASN A HB3  1 
ATOM 487 H HD21 . ASN A 1 35 ? -8.335  -4.783  -7.948  1.00 0.00 ? 35 ASN A HD21 1 
ATOM 488 H HD22 . ASN A 1 35 ? -8.483  -6.422  -7.529  1.00 0.00 ? 35 ASN A HD22 1 
ATOM 489 N N    . PRO A 1 36 ? -3.693  -3.455  -7.085  1.00 0.00 ? 36 PRO A N    1 
ATOM 490 C CA   . PRO A 1 36 ? -2.671  -2.595  -7.709  1.00 0.00 ? 36 PRO A CA   1 
ATOM 491 C C    . PRO A 1 36 ? -3.229  -1.202  -8.025  1.00 0.00 ? 36 PRO A C    1 
ATOM 492 O O    . PRO A 1 36 ? -4.275  -1.042  -8.620  1.00 0.00 ? 36 PRO A O    1 
ATOM 493 C CB   . PRO A 1 36 ? -2.248  -3.373  -8.962  1.00 0.00 ? 36 PRO A CB   1 
ATOM 494 C CG   . PRO A 1 36 ? -3.391  -4.369  -9.251  1.00 0.00 ? 36 PRO A CG   1 
ATOM 495 C CD   . PRO A 1 36 ? -4.048  -4.650  -7.887  1.00 0.00 ? 36 PRO A CD   1 
ATOM 496 H HA   . PRO A 1 36 ? -1.824  -2.502  -7.047  1.00 0.00 ? 36 PRO A HA   1 
ATOM 497 H HB2  . PRO A 1 36 ? -2.123  -2.694  -9.794  1.00 0.00 ? 36 PRO A HB2  1 
ATOM 498 H HB3  . PRO A 1 36 ? -1.332  -3.911  -8.777  1.00 0.00 ? 36 PRO A HB3  1 
ATOM 499 H HG2  . PRO A 1 36 ? -4.105  -3.929  -9.934  1.00 0.00 ? 36 PRO A HG2  1 
ATOM 500 H HG3  . PRO A 1 36 ? -2.994  -5.284  -9.662  1.00 0.00 ? 36 PRO A HG3  1 
ATOM 501 H HD2  . PRO A 1 36 ? -5.115  -4.750  -7.993  1.00 0.00 ? 36 PRO A HD2  1 
ATOM 502 H HD3  . PRO A 1 36 ? -3.618  -5.540  -7.442  1.00 0.00 ? 36 PRO A HD3  1 
ATOM 503 N N    . HIS A 1 37 ? -2.519  -0.201  -7.584  1.00 0.00 ? 37 HIS A N    1 
ATOM 504 C CA   . HIS A 1 37 ? -2.933  1.221   -7.775  1.00 0.00 ? 37 HIS A CA   1 
ATOM 505 C C    . HIS A 1 37 ? -1.767  2.072   -8.235  1.00 0.00 ? 37 HIS A C    1 
ATOM 506 O O    . HIS A 1 37 ? -0.635  1.830   -7.866  1.00 0.00 ? 37 HIS A O    1 
ATOM 507 C CB   . HIS A 1 37 ? -3.352  1.777   -6.411  1.00 0.00 ? 37 HIS A CB   1 
ATOM 508 C CG   . HIS A 1 37 ? -4.625  2.572   -6.461  1.00 0.00 ? 37 HIS A CG   1 
ATOM 509 N ND1  . HIS A 1 37 ? -5.870  2.014   -6.262  1.00 0.00 ? 37 HIS A ND1  1 
ATOM 510 C CD2  . HIS A 1 37 ? -4.837  3.928   -6.576  1.00 0.00 ? 37 HIS A CD2  1 
ATOM 511 C CE1  . HIS A 1 37 ? -6.758  3.018   -6.244  1.00 0.00 ? 37 HIS A CE1  1 
ATOM 512 N NE2  . HIS A 1 37 ? -6.185  4.204   -6.437  1.00 0.00 ? 37 HIS A NE2  1 
ATOM 513 H H    . HIS A 1 37 ? -1.695  -0.389  -7.088  1.00 0.00 ? 37 HIS A H    1 
ATOM 514 H HA   . HIS A 1 37 ? -3.755  1.288   -8.467  1.00 0.00 ? 37 HIS A HA   1 
ATOM 515 H HB2  . HIS A 1 37 ? -3.495  0.955   -5.761  1.00 0.00 ? 37 HIS A HB2  1 
ATOM 516 H HB3  . HIS A 1 37 ? -2.566  2.395   -6.008  1.00 0.00 ? 37 HIS A HB3  1 
ATOM 517 H HD1  . HIS A 1 37 ? -6.074  1.067   -6.167  1.00 0.00 ? 37 HIS A HD1  1 
ATOM 518 H HD2  . HIS A 1 37 ? -4.067  4.665   -6.747  1.00 0.00 ? 37 HIS A HD2  1 
ATOM 519 H HE1  . HIS A 1 37 ? -7.784  2.888   -6.022  1.00 0.00 ? 37 HIS A HE1  1 
ATOM 520 N N    . PRO A 1 38 ? -2.096  3.120   -8.929  1.00 0.00 ? 38 PRO A N    1 
ATOM 521 C CA   . PRO A 1 38 ? -1.102  4.111   -9.324  1.00 0.00 ? 38 PRO A CA   1 
ATOM 522 C C    . PRO A 1 38 ? -0.705  4.787   -8.006  1.00 0.00 ? 38 PRO A C    1 
ATOM 523 O O    . PRO A 1 38 ? -0.438  4.106   -7.036  1.00 0.00 ? 38 PRO A O    1 
ATOM 524 C CB   . PRO A 1 38 ? -1.875  5.029   -10.289 1.00 0.00 ? 38 PRO A CB   1 
ATOM 525 C CG   . PRO A 1 38 ? -3.372  4.828   -9.951  1.00 0.00 ? 38 PRO A CG   1 
ATOM 526 C CD   . PRO A 1 38 ? -3.476  3.413   -9.378  1.00 0.00 ? 38 PRO A CD   1 
ATOM 527 H HA   . PRO A 1 38 ? -0.253  3.651   -9.807  1.00 0.00 ? 38 PRO A HA   1 
ATOM 528 H HB2  . PRO A 1 38 ? -1.589  6.059   -10.146 1.00 0.00 ? 38 PRO A HB2  1 
ATOM 529 H HB3  . PRO A 1 38 ? -1.692  4.730   -11.308 1.00 0.00 ? 38 PRO A HB3  1 
ATOM 530 H HG2  . PRO A 1 38 ? -3.690  5.552   -9.210  1.00 0.00 ? 38 PRO A HG2  1 
ATOM 531 H HG3  . PRO A 1 38 ? -3.978  4.907   -10.838 1.00 0.00 ? 38 PRO A HG3  1 
ATOM 532 H HD2  . PRO A 1 38 ? -4.166  3.388   -8.561  1.00 0.00 ? 38 PRO A HD2  1 
ATOM 533 H HD3  . PRO A 1 38 ? -3.774  2.715   -10.143 1.00 0.00 ? 38 PRO A HD3  1 
ATOM 534 N N    . THR A 1 39 ? -0.708  6.078   -7.904  1.00 0.00 ? 39 THR A N    1 
ATOM 535 C CA   . THR A 1 39 ? -0.377  6.672   -6.582  1.00 0.00 ? 39 THR A CA   1 
ATOM 536 C C    . THR A 1 39 ? -0.843  8.118   -6.529  1.00 0.00 ? 39 THR A C    1 
ATOM 537 O O    . THR A 1 39 ? -0.255  8.994   -7.131  1.00 0.00 ? 39 THR A O    1 
ATOM 538 C CB   . THR A 1 39 ? 1.125   6.591   -6.314  1.00 0.00 ? 39 THR A CB   1 
ATOM 539 O OG1  . THR A 1 39 ? 1.803   6.247   -7.514  1.00 0.00 ? 39 THR A OG1  1 
ATOM 540 C CG2  . THR A 1 39 ? 1.390   5.525   -5.244  1.00 0.00 ? 39 THR A CG2  1 
ATOM 541 H H    . THR A 1 39 ? -0.959  6.646   -8.655  1.00 0.00 ? 39 THR A H    1 
ATOM 542 H HA   . THR A 1 39 ? -0.897  6.115   -5.816  1.00 0.00 ? 39 THR A HA   1 
ATOM 543 H HB   . THR A 1 39 ? 1.475   7.548   -5.955  1.00 0.00 ? 39 THR A HB   1 
ATOM 544 H HG1  . THR A 1 39 ? 1.934   5.294   -7.516  1.00 0.00 ? 39 THR A HG1  1 
ATOM 545 H HG21 . THR A 1 39 ? 1.856   5.983   -4.385  1.00 0.00 ? 39 THR A HG21 1 
ATOM 546 H HG22 . THR A 1 39 ? 2.044   4.764   -5.644  1.00 0.00 ? 39 THR A HG22 1 
ATOM 547 H HG23 . THR A 1 39 ? 0.454   5.072   -4.945  1.00 0.00 ? 39 THR A HG23 1 
ATOM 548 N N    . ALA A 1 40 ? -1.884  8.386   -5.791  1.00 0.00 ? 40 ALA A N    1 
ATOM 549 C CA   . ALA A 1 40 ? -2.359  9.779   -5.687  1.00 0.00 ? 40 ALA A CA   1 
ATOM 550 C C    . ALA A 1 40 ? -1.282  10.550  -4.922  1.00 0.00 ? 40 ALA A C    1 
ATOM 551 O O    . ALA A 1 40 ? -0.226  10.008  -4.665  1.00 0.00 ? 40 ALA A O    1 
ATOM 552 C CB   . ALA A 1 40 ? -3.683  9.799   -4.912  1.00 0.00 ? 40 ALA A CB   1 
ATOM 553 H H    . ALA A 1 40 ? -2.341  7.674   -5.300  1.00 0.00 ? 40 ALA A H    1 
ATOM 554 H HA   . ALA A 1 40 ? -2.490  10.191  -6.678  1.00 0.00 ? 40 ALA A HA   1 
ATOM 555 H HB1  . ALA A 1 40 ? -3.508  10.145  -3.904  1.00 0.00 ? 40 ALA A HB1  1 
ATOM 556 H HB2  . ALA A 1 40 ? -4.097  8.799   -4.879  1.00 0.00 ? 40 ALA A HB2  1 
ATOM 557 H HB3  . ALA A 1 40 ? -4.381  10.460  -5.404  1.00 0.00 ? 40 ALA A HB3  1 
ATOM 558 N N    . PRO A 1 41 ? -1.550  11.777  -4.571  1.00 0.00 ? 41 PRO A N    1 
ATOM 559 C CA   . PRO A 1 41 ? -0.568  12.579  -3.833  1.00 0.00 ? 41 PRO A CA   1 
ATOM 560 C C    . PRO A 1 41 ? -0.578  12.166  -2.361  1.00 0.00 ? 41 PRO A C    1 
ATOM 561 O O    . PRO A 1 41 ? 0.406   12.293  -1.660  1.00 0.00 ? 41 PRO A O    1 
ATOM 562 C CB   . PRO A 1 41 ? -1.064  14.016  -4.018  1.00 0.00 ? 41 PRO A CB   1 
ATOM 563 C CG   . PRO A 1 41 ? -2.572  13.917  -4.360  1.00 0.00 ? 41 PRO A CG   1 
ATOM 564 C CD   . PRO A 1 41 ? -2.821  12.481  -4.858  1.00 0.00 ? 41 PRO A CD   1 
ATOM 565 H HA   . PRO A 1 41 ? 0.417   12.462  -4.256  1.00 0.00 ? 41 PRO A HA   1 
ATOM 566 H HB2  . PRO A 1 41 ? -0.923  14.576  -3.103  1.00 0.00 ? 41 PRO A HB2  1 
ATOM 567 H HB3  . PRO A 1 41 ? -0.538  14.489  -4.831  1.00 0.00 ? 41 PRO A HB3  1 
ATOM 568 H HG2  . PRO A 1 41 ? -3.164  14.115  -3.477  1.00 0.00 ? 41 PRO A HG2  1 
ATOM 569 H HG3  . PRO A 1 41 ? -2.821  14.620  -5.140  1.00 0.00 ? 41 PRO A HG3  1 
ATOM 570 H HD2  . PRO A 1 41 ? -3.640  12.038  -4.307  1.00 0.00 ? 41 PRO A HD2  1 
ATOM 571 H HD3  . PRO A 1 41 ? -3.026  12.478  -5.916  1.00 0.00 ? 41 PRO A HD3  1 
ATOM 572 N N    . TRP A 1 42 ? -1.688  11.662  -1.896  1.00 0.00 ? 42 TRP A N    1 
ATOM 573 C CA   . TRP A 1 42 ? -1.781  11.228  -0.484  1.00 0.00 ? 42 TRP A CA   1 
ATOM 574 C C    . TRP A 1 42 ? -1.044  9.901   -0.286  1.00 0.00 ? 42 TRP A C    1 
ATOM 575 O O    . TRP A 1 42 ? -0.522  9.625   0.774   1.00 0.00 ? 42 TRP A O    1 
ATOM 576 C CB   . TRP A 1 42 ? -3.237  11.130  -0.080  1.00 0.00 ? 42 TRP A CB   1 
ATOM 577 C CG   . TRP A 1 42 ? -3.912  9.952   -0.705  1.00 0.00 ? 42 TRP A CG   1 
ATOM 578 C CD1  . TRP A 1 42 ? -4.741  10.049  -1.758  1.00 0.00 ? 42 TRP A CD1  1 
ATOM 579 C CD2  . TRP A 1 42 ? -3.885  8.537   -0.339  1.00 0.00 ? 42 TRP A CD2  1 
ATOM 580 N NE1  . TRP A 1 42 ? -5.228  8.801   -2.074  1.00 0.00 ? 42 TRP A NE1  1 
ATOM 581 C CE2  . TRP A 1 42 ? -4.738  7.841   -1.231  1.00 0.00 ? 42 TRP A CE2  1 
ATOM 582 C CE3  . TRP A 1 42 ? -3.227  7.783   0.655   1.00 0.00 ? 42 TRP A CE3  1 
ATOM 583 C CZ2  . TRP A 1 42 ? -4.934  6.476   -1.137  1.00 0.00 ? 42 TRP A CZ2  1 
ATOM 584 C CZ3  . TRP A 1 42 ? -3.440  6.412   0.744   1.00 0.00 ? 42 TRP A CZ3  1 
ATOM 585 C CH2  . TRP A 1 42 ? -4.298  5.760   -0.155  1.00 0.00 ? 42 TRP A CH2  1 
ATOM 586 H H    . TRP A 1 42 ? -2.460  11.558  -2.483  1.00 0.00 ? 42 TRP A H    1 
ATOM 587 H HA   . TRP A 1 42 ? -1.323  11.972  0.133   1.00 0.00 ? 42 TRP A HA   1 
ATOM 588 H HB2  . TRP A 1 42 ? -3.294  11.066  0.980   1.00 0.00 ? 42 TRP A HB2  1 
ATOM 589 H HB3  . TRP A 1 42 ? -3.743  12.030  -0.398  1.00 0.00 ? 42 TRP A HB3  1 
ATOM 590 H HD1  . TRP A 1 42 ? -4.978  10.956  -2.265  1.00 0.00 ? 42 TRP A HD1  1 
ATOM 591 H HE1  . TRP A 1 42 ? -5.853  8.599   -2.802  1.00 0.00 ? 42 TRP A HE1  1 
ATOM 592 H HE3  . TRP A 1 42 ? -2.548  8.250   1.351   1.00 0.00 ? 42 TRP A HE3  1 
ATOM 593 H HZ2  . TRP A 1 42 ? -5.567  5.973   -1.831  1.00 0.00 ? 42 TRP A HZ2  1 
ATOM 594 H HZ3  . TRP A 1 42 ? -2.937  5.863   1.504   1.00 0.00 ? 42 TRP A HZ3  1 
ATOM 595 H HH2  . TRP A 1 42 ? -4.491  4.704   -0.073  1.00 0.00 ? 42 TRP A HH2  1 
ATOM 596 N N    . CYS A 1 43 ? -0.995  9.077   -1.299  1.00 0.00 ? 43 CYS A N    1 
ATOM 597 C CA   . CYS A 1 43 ? -0.299  7.785   -1.187  1.00 0.00 ? 43 CYS A CA   1 
ATOM 598 C C    . CYS A 1 43 ? 1.174   8.023   -0.959  1.00 0.00 ? 43 CYS A C    1 
ATOM 599 O O    . CYS A 1 43 ? 1.766   7.556   -0.010  1.00 0.00 ? 43 CYS A O    1 
ATOM 600 C CB   . CYS A 1 43 ? -0.448  7.055   -2.515  1.00 0.00 ? 43 CYS A CB   1 
ATOM 601 S SG   . CYS A 1 43 ? 0.378   5.452   -2.433  1.00 0.00 ? 43 CYS A SG   1 
ATOM 602 H H    . CYS A 1 43 ? -1.410  9.308   -2.143  1.00 0.00 ? 43 CYS A H    1 
ATOM 603 H HA   . CYS A 1 43 ? -0.717  7.205   -0.389  1.00 0.00 ? 43 CYS A HA   1 
ATOM 604 H HB2  . CYS A 1 43 ? -1.482  6.922   -2.721  1.00 0.00 ? 43 CYS A HB2  1 
ATOM 605 H HB3  . CYS A 1 43 ? -0.006  7.644   -3.303  1.00 0.00 ? 43 CYS A HB3  1 
ATOM 606 N N    . ARG A 1 44 ? 1.768   8.730   -1.858  1.00 0.00 ? 44 ARG A N    1 
ATOM 607 C CA   . ARG A 1 44 ? 3.215   8.991   -1.752  1.00 0.00 ? 44 ARG A CA   1 
ATOM 608 C C    . ARG A 1 44 ? 3.494   9.934   -0.587  1.00 0.00 ? 44 ARG A C    1 
ATOM 609 O O    . ARG A 1 44 ? 4.518   9.853   0.061   1.00 0.00 ? 44 ARG A O    1 
ATOM 610 C CB   . ARG A 1 44 ? 3.709   9.631   -3.051  1.00 0.00 ? 44 ARG A CB   1 
ATOM 611 C CG   . ARG A 1 44 ? 4.885   8.830   -3.613  1.00 0.00 ? 44 ARG A CG   1 
ATOM 612 C CD   . ARG A 1 44 ? 5.309   9.428   -4.957  1.00 0.00 ? 44 ARG A CD   1 
ATOM 613 N NE   . ARG A 1 44 ? 4.430   8.900   -6.038  1.00 0.00 ? 44 ARG A NE   1 
ATOM 614 C CZ   . ARG A 1 44 ? 3.707   9.721   -6.751  1.00 0.00 ? 44 ARG A CZ   1 
ATOM 615 N NH1  . ARG A 1 44 ? 3.254   10.822  -6.215  1.00 0.00 ? 44 ARG A NH1  1 
ATOM 616 N NH2  . ARG A 1 44 ? 3.440   9.444   -7.997  1.00 0.00 ? 44 ARG A NH2  1 
ATOM 617 H H    . ARG A 1 44 ? 1.255   9.073   -2.617  1.00 0.00 ? 44 ARG A H    1 
ATOM 618 H HA   . ARG A 1 44 ? 3.717   8.060   -1.597  1.00 0.00 ? 44 ARG A HA   1 
ATOM 619 H HB2  . ARG A 1 44 ? 2.904   9.642   -3.772  1.00 0.00 ? 44 ARG A HB2  1 
ATOM 620 H HB3  . ARG A 1 44 ? 4.028   10.643  -2.853  1.00 0.00 ? 44 ARG A HB3  1 
ATOM 621 H HG2  . ARG A 1 44 ? 5.714   8.874   -2.922  1.00 0.00 ? 44 ARG A HG2  1 
ATOM 622 H HG3  . ARG A 1 44 ? 4.588   7.803   -3.756  1.00 0.00 ? 44 ARG A HG3  1 
ATOM 623 H HD2  . ARG A 1 44 ? 5.221   10.504  -4.916  1.00 0.00 ? 44 ARG A HD2  1 
ATOM 624 H HD3  . ARG A 1 44 ? 6.334   9.158   -5.163  1.00 0.00 ? 44 ARG A HD3  1 
ATOM 625 H HE   . ARG A 1 44 ? 4.394   7.937   -6.215  1.00 0.00 ? 44 ARG A HE   1 
ATOM 626 H HH11 . ARG A 1 44 ? 3.461   11.036  -5.260  1.00 0.00 ? 44 ARG A HH11 1 
ATOM 627 H HH12 . ARG A 1 44 ? 2.699   11.451  -6.758  1.00 0.00 ? 44 ARG A HH12 1 
ATOM 628 H HH21 . ARG A 1 44 ? 3.790   8.603   -8.410  1.00 0.00 ? 44 ARG A HH21 1 
ATOM 629 H HH22 . ARG A 1 44 ? 2.884   10.075  -8.541  1.00 0.00 ? 44 ARG A HH22 1 
ATOM 630 N N    . GLU A 1 45 ? 2.609   10.849  -0.344  1.00 0.00 ? 45 GLU A N    1 
ATOM 631 C CA   . GLU A 1 45 ? 2.834   11.830  0.742   1.00 0.00 ? 45 GLU A CA   1 
ATOM 632 C C    . GLU A 1 45 ? 2.672   11.221  2.142   1.00 0.00 ? 45 GLU A C    1 
ATOM 633 O O    . GLU A 1 45 ? 3.252   11.711  3.093   1.00 0.00 ? 45 GLU A O    1 
ATOM 634 C CB   . GLU A 1 45 ? 1.888   13.018  0.573   1.00 0.00 ? 45 GLU A CB   1 
ATOM 635 C CG   . GLU A 1 45 ? 2.227   14.093  1.607   1.00 0.00 ? 45 GLU A CG   1 
ATOM 636 C CD   . GLU A 1 45 ? 3.166   15.125  0.978   1.00 0.00 ? 45 GLU A CD   1 
ATOM 637 O OE1  . GLU A 1 45 ? 2.669   16.088  0.417   1.00 0.00 ? 45 GLU A OE1  1 
ATOM 638 O OE2  . GLU A 1 45 ? 4.368   14.933  1.068   1.00 0.00 ? 45 GLU A OE2  1 
ATOM 639 H H    . GLU A 1 45 ? 1.810   10.916  -0.902  1.00 0.00 ? 45 GLU A H    1 
ATOM 640 H HA   . GLU A 1 45 ? 3.831   12.176  0.647   1.00 0.00 ? 45 GLU A HA   1 
ATOM 641 H HB2  . GLU A 1 45 ? 2.006   13.429  -0.420  1.00 0.00 ? 45 GLU A HB2  1 
ATOM 642 H HB3  . GLU A 1 45 ? 0.871   12.694  0.712   1.00 0.00 ? 45 GLU A HB3  1 
ATOM 643 H HG2  . GLU A 1 45 ? 1.319   14.582  1.929   1.00 0.00 ? 45 GLU A HG2  1 
ATOM 644 H HG3  . GLU A 1 45 ? 2.712   13.638  2.455   1.00 0.00 ? 45 GLU A HG3  1 
ATOM 645 N N    . GLY A 1 46 ? 1.881   10.200  2.311   1.00 0.00 ? 46 GLY A N    1 
ATOM 646 C CA   . GLY A 1 46 ? 1.699   9.649   3.685   1.00 0.00 ? 46 GLY A CA   1 
ATOM 647 C C    . GLY A 1 46 ? 2.425   8.312   3.849   1.00 0.00 ? 46 GLY A C    1 
ATOM 648 O O    . GLY A 1 46 ? 2.599   7.827   4.950   1.00 0.00 ? 46 GLY A O    1 
ATOM 649 H H    . GLY A 1 46 ? 1.397   9.810   1.554   1.00 0.00 ? 46 GLY A H    1 
ATOM 650 H HA2  . GLY A 1 46 ? 2.093   10.355  4.402   1.00 0.00 ? 46 GLY A HA2  1 
ATOM 651 H HA3  . GLY A 1 46 ? 0.647   9.510   3.871   1.00 0.00 ? 46 GLY A HA3  1 
ATOM 652 N N    . ALA A 1 47 ? 2.856   7.709   2.777   1.00 0.00 ? 47 ALA A N    1 
ATOM 653 C CA   . ALA A 1 47 ? 3.576   6.400   2.908   1.00 0.00 ? 47 ALA A CA   1 
ATOM 654 C C    . ALA A 1 47 ? 5.079   6.662   2.860   1.00 0.00 ? 47 ALA A C    1 
ATOM 655 O O    . ALA A 1 47 ? 5.692   6.684   1.811   1.00 0.00 ? 47 ALA A O    1 
ATOM 656 C CB   . ALA A 1 47 ? 3.170   5.457   1.775   1.00 0.00 ? 47 ALA A CB   1 
ATOM 657 H H    . ALA A 1 47 ? 2.715   8.118   1.892   1.00 0.00 ? 47 ALA A H    1 
ATOM 658 H HA   . ALA A 1 47 ? 3.326   5.940   3.859   1.00 0.00 ? 47 ALA A HA   1 
ATOM 659 H HB1  . ALA A 1 47 ? 2.470   4.725   2.155   1.00 0.00 ? 47 ALA A HB1  1 
ATOM 660 H HB2  . ALA A 1 47 ? 4.045   4.954   1.394   1.00 0.00 ? 47 ALA A HB2  1 
ATOM 661 H HB3  . ALA A 1 47 ? 2.703   6.022   0.987   1.00 0.00 ? 47 ALA A HB3  1 
ATOM 662 N N    . VAL A 1 48 ? 5.668   6.878   4.001   1.00 0.00 ? 48 VAL A N    1 
ATOM 663 C CA   . VAL A 1 48 ? 7.136   7.166   4.051   1.00 0.00 ? 48 VAL A CA   1 
ATOM 664 C C    . VAL A 1 48 ? 7.816   6.304   5.121   1.00 0.00 ? 48 VAL A C    1 
ATOM 665 O O    . VAL A 1 48 ? 8.547   6.794   5.957   1.00 0.00 ? 48 VAL A O    1 
ATOM 666 C CB   . VAL A 1 48 ? 7.356   8.643   4.382   1.00 0.00 ? 48 VAL A CB   1 
ATOM 667 C CG1  . VAL A 1 48 ? 7.038   8.891   5.859   1.00 0.00 ? 48 VAL A CG1  1 
ATOM 668 C CG2  . VAL A 1 48 ? 8.816   9.008   4.108   1.00 0.00 ? 48 VAL A CG2  1 
ATOM 669 H H    . VAL A 1 48 ? 5.134   6.863   4.823   1.00 0.00 ? 48 VAL A H    1 
ATOM 670 H HA   . VAL A 1 48 ? 7.574   6.949   3.088   1.00 0.00 ? 48 VAL A HA   1 
ATOM 671 H HB   . VAL A 1 48 ? 6.708   9.249   3.768   1.00 0.00 ? 48 VAL A HB   1 
ATOM 672 H HG11 . VAL A 1 48 ? 6.610   7.997   6.289   1.00 0.00 ? 48 VAL A HG11 1 
ATOM 673 H HG12 . VAL A 1 48 ? 6.333   9.703   5.945   1.00 0.00 ? 48 VAL A HG12 1 
ATOM 674 H HG13 . VAL A 1 48 ? 7.946   9.146   6.386   1.00 0.00 ? 48 VAL A HG13 1 
ATOM 675 H HG21 . VAL A 1 48 ? 8.967   9.112   3.043   1.00 0.00 ? 48 VAL A HG21 1 
ATOM 676 H HG22 . VAL A 1 48 ? 9.461   8.229   4.488   1.00 0.00 ? 48 VAL A HG22 1 
ATOM 677 H HG23 . VAL A 1 48 ? 9.053   9.941   4.598   1.00 0.00 ? 48 VAL A HG23 1 
ATOM 678 N N    . GLU A 1 49 ? 7.590   5.027   5.087   1.00 0.00 ? 49 GLU A N    1 
ATOM 679 C CA   . GLU A 1 49 ? 8.217   4.114   6.070   1.00 0.00 ? 49 GLU A CA   1 
ATOM 680 C C    . GLU A 1 49 ? 8.354   2.747   5.401   1.00 0.00 ? 49 GLU A C    1 
ATOM 681 O O    . GLU A 1 49 ? 8.235   2.642   4.209   1.00 0.00 ? 49 GLU A O    1 
ATOM 682 C CB   . GLU A 1 49 ? 7.325   4.019   7.316   1.00 0.00 ? 49 GLU A CB   1 
ATOM 683 C CG   . GLU A 1 49 ? 6.096   3.159   7.009   1.00 0.00 ? 49 GLU A CG   1 
ATOM 684 C CD   . GLU A 1 49 ? 5.102   3.260   8.168   1.00 0.00 ? 49 GLU A CD   1 
ATOM 685 O OE1  . GLU A 1 49 ? 5.320   4.087   9.039   1.00 0.00 ? 49 GLU A OE1  1 
ATOM 686 O OE2  . GLU A 1 49 ? 4.140   2.510   8.164   1.00 0.00 ? 49 GLU A OE2  1 
ATOM 687 H H    . GLU A 1 49 ? 7.014   4.658   4.397   1.00 0.00 ? 49 GLU A H    1 
ATOM 688 H HA   . GLU A 1 49 ? 9.193   4.488   6.344   1.00 0.00 ? 49 GLU A HA   1 
ATOM 689 H HB2  . GLU A 1 49 ? 7.884   3.575   8.127   1.00 0.00 ? 49 GLU A HB2  1 
ATOM 690 H HB3  . GLU A 1 49 ? 7.003   5.010   7.604   1.00 0.00 ? 49 GLU A HB3  1 
ATOM 691 H HG2  . GLU A 1 49 ? 5.630   3.512   6.100   1.00 0.00 ? 49 GLU A HG2  1 
ATOM 692 H HG3  . GLU A 1 49 ? 6.397   2.130   6.884   1.00 0.00 ? 49 GLU A HG3  1 
ATOM 693 N N    . TRP A 1 50 ? 8.578   1.716   6.162   1.00 0.00 ? 50 TRP A N    1 
ATOM 694 C CA   . TRP A 1 50 ? 8.696   0.325   5.596   1.00 0.00 ? 50 TRP A CA   1 
ATOM 695 C C    . TRP A 1 50 ? 8.503   -0.681  6.732   1.00 0.00 ? 50 TRP A C    1 
ATOM 696 O O    . TRP A 1 50 ? 8.817   -0.407  7.874   1.00 0.00 ? 50 TRP A O    1 
ATOM 697 C CB   . TRP A 1 50 ? 10.062  0.112   4.933   1.00 0.00 ? 50 TRP A CB   1 
ATOM 698 C CG   . TRP A 1 50 ? 10.016  0.602   3.512   1.00 0.00 ? 50 TRP A CG   1 
ATOM 699 C CD1  . TRP A 1 50 ? 10.285  1.868   3.137   1.00 0.00 ? 50 TRP A CD1  1 
ATOM 700 C CD2  . TRP A 1 50 ? 9.684   -0.116  2.277   1.00 0.00 ? 50 TRP A CD2  1 
ATOM 701 N NE1  . TRP A 1 50 ? 10.156  1.981   1.778   1.00 0.00 ? 50 TRP A NE1  1 
ATOM 702 C CE2  . TRP A 1 50 ? 9.793   0.793   1.196   1.00 0.00 ? 50 TRP A CE2  1 
ATOM 703 C CE3  . TRP A 1 50 ? 9.307   -1.442  1.979   1.00 0.00 ? 50 TRP A CE3  1 
ATOM 704 C CZ2  . TRP A 1 50 ? 9.541   0.410   -0.118  1.00 0.00 ? 50 TRP A CZ2  1 
ATOM 705 C CZ3  . TRP A 1 50 ? 9.047   -1.826  0.651   1.00 0.00 ? 50 TRP A CZ3  1 
ATOM 706 C CH2  . TRP A 1 50 ? 9.167   -0.903  -0.391  1.00 0.00 ? 50 TRP A CH2  1 
ATOM 707 H H    . TRP A 1 50 ? 8.644   1.851   7.119   1.00 0.00 ? 50 TRP A H    1 
ATOM 708 H HA   . TRP A 1 50 ? 7.924   0.165   4.867   1.00 0.00 ? 50 TRP A HA   1 
ATOM 709 H HB2  . TRP A 1 50 ? 10.815  0.661   5.479   1.00 0.00 ? 50 TRP A HB2  1 
ATOM 710 H HB3  . TRP A 1 50 ? 10.305  -0.940  4.943   1.00 0.00 ? 50 TRP A HB3  1 
ATOM 711 H HD1  . TRP A 1 50 ? 10.538  2.669   3.795   1.00 0.00 ? 50 TRP A HD1  1 
ATOM 712 H HE1  . TRP A 1 50 ? 10.300  2.802   1.272   1.00 0.00 ? 50 TRP A HE1  1 
ATOM 713 H HE3  . TRP A 1 50 ? 9.208   -2.165  2.768   1.00 0.00 ? 50 TRP A HE3  1 
ATOM 714 H HZ2  . TRP A 1 50 ? 9.641   1.127   -0.920  1.00 0.00 ? 50 TRP A HZ2  1 
ATOM 715 H HZ3  . TRP A 1 50 ? 8.746   -2.837  0.430   1.00 0.00 ? 50 TRP A HZ3  1 
ATOM 716 H HH2  . TRP A 1 50 ? 8.966   -1.209  -1.404  1.00 0.00 ? 50 TRP A HH2  1 
ATOM 717 N N    . VAL A 1 51 ? 7.980   -1.838  6.434   1.00 0.00 ? 51 VAL A N    1 
ATOM 718 C CA   . VAL A 1 51 ? 7.756   -2.851  7.509   1.00 0.00 ? 51 VAL A CA   1 
ATOM 719 C C    . VAL A 1 51 ? 7.779   -4.252  6.881   1.00 0.00 ? 51 VAL A C    1 
ATOM 720 O O    . VAL A 1 51 ? 7.417   -4.413  5.736   1.00 0.00 ? 51 VAL A O    1 
ATOM 721 C CB   . VAL A 1 51 ? 6.400   -2.558  8.185   1.00 0.00 ? 51 VAL A CB   1 
ATOM 722 C CG1  . VAL A 1 51 ? 5.290   -3.444  7.607   1.00 0.00 ? 51 VAL A CG1  1 
ATOM 723 C CG2  . VAL A 1 51 ? 6.515   -2.806  9.691   1.00 0.00 ? 51 VAL A CG2  1 
ATOM 724 H H    . VAL A 1 51 ? 7.726   -2.040  5.506   1.00 0.00 ? 51 VAL A H    1 
ATOM 725 H HA   . VAL A 1 51 ? 8.547   -2.776  8.241   1.00 0.00 ? 51 VAL A HA   1 
ATOM 726 H HB   . VAL A 1 51 ? 6.142   -1.522  8.018   1.00 0.00 ? 51 VAL A HB   1 
ATOM 727 H HG11 . VAL A 1 51 ? 4.335   -2.956  7.738   1.00 0.00 ? 51 VAL A HG11 1 
ATOM 728 H HG12 . VAL A 1 51 ? 5.282   -4.393  8.121   1.00 0.00 ? 51 VAL A HG12 1 
ATOM 729 H HG13 . VAL A 1 51 ? 5.470   -3.606  6.554   1.00 0.00 ? 51 VAL A HG13 1 
ATOM 730 H HG21 . VAL A 1 51 ? 7.548   -2.718  9.992   1.00 0.00 ? 51 VAL A HG21 1 
ATOM 731 H HG22 . VAL A 1 51 ? 6.156   -3.798  9.920   1.00 0.00 ? 51 VAL A HG22 1 
ATOM 732 H HG23 . VAL A 1 51 ? 5.921   -2.077  10.222  1.00 0.00 ? 51 VAL A HG23 1 
ATOM 733 N N    . PRO A 1 52 ? 8.209   -5.224  7.641   1.00 0.00 ? 52 PRO A N    1 
ATOM 734 C CA   . PRO A 1 52 ? 8.297   -6.610  7.157   1.00 0.00 ? 52 PRO A CA   1 
ATOM 735 C C    . PRO A 1 52 ? 6.907   -7.239  7.030   1.00 0.00 ? 52 PRO A C    1 
ATOM 736 O O    . PRO A 1 52 ? 6.202   -7.448  7.998   1.00 0.00 ? 52 PRO A O    1 
ATOM 737 C CB   . PRO A 1 52 ? 9.153   -7.313  8.216   1.00 0.00 ? 52 PRO A CB   1 
ATOM 738 C CG   . PRO A 1 52 ? 9.048   -6.455  9.499   1.00 0.00 ? 52 PRO A CG   1 
ATOM 739 C CD   . PRO A 1 52 ? 8.631   -5.043  9.046   1.00 0.00 ? 52 PRO A CD   1 
ATOM 740 H HA   . PRO A 1 52 ? 8.804   -6.640  6.200   1.00 0.00 ? 52 PRO A HA   1 
ATOM 741 H HB2  . PRO A 1 52 ? 8.773   -8.309  8.400   1.00 0.00 ? 52 PRO A HB2  1 
ATOM 742 H HB3  . PRO A 1 52 ? 10.182  -7.360  7.895   1.00 0.00 ? 52 PRO A HB3  1 
ATOM 743 H HG2  . PRO A 1 52 ? 8.302   -6.871  10.163  1.00 0.00 ? 52 PRO A HG2  1 
ATOM 744 H HG3  . PRO A 1 52 ? 10.005  -6.410  9.996   1.00 0.00 ? 52 PRO A HG3  1 
ATOM 745 H HD2  . PRO A 1 52 ? 7.809   -4.689  9.649   1.00 0.00 ? 52 PRO A HD2  1 
ATOM 746 H HD3  . PRO A 1 52 ? 9.466   -4.363  9.101   1.00 0.00 ? 52 PRO A HD3  1 
ATOM 747 N N    . TYR A 1 53 ? 6.520   -7.524  5.820   1.00 0.00 ? 53 TYR A N    1 
ATOM 748 C CA   . TYR A 1 53 ? 5.182   -8.125  5.551   1.00 0.00 ? 53 TYR A CA   1 
ATOM 749 C C    . TYR A 1 53 ? 5.340   -9.574  5.059   1.00 0.00 ? 53 TYR A C    1 
ATOM 750 O O    . TYR A 1 53 ? 6.372   -9.983  4.577   1.00 0.00 ? 53 TYR A O    1 
ATOM 751 C CB   . TYR A 1 53 ? 4.475   -7.293  4.459   1.00 0.00 ? 53 TYR A CB   1 
ATOM 752 C CG   . TYR A 1 53 ? 3.350   -8.092  3.826   1.00 0.00 ? 53 TYR A CG   1 
ATOM 753 C CD1  . TYR A 1 53 ? 3.621   -9.011  2.799   1.00 0.00 ? 53 TYR A CD1  1 
ATOM 754 C CD2  . TYR A 1 53 ? 2.037   -7.924  4.273   1.00 0.00 ? 53 TYR A CD2  1 
ATOM 755 C CE1  . TYR A 1 53 ? 2.579   -9.757  2.231   1.00 0.00 ? 53 TYR A CE1  1 
ATOM 756 C CE2  . TYR A 1 53 ? 1.004   -8.668  3.700   1.00 0.00 ? 53 TYR A CE2  1 
ATOM 757 C CZ   . TYR A 1 53 ? 1.270   -9.587  2.684   1.00 0.00 ? 53 TYR A CZ   1 
ATOM 758 O OH   . TYR A 1 53 ? 0.243   -10.318 2.124   1.00 0.00 ? 53 TYR A OH   1 
ATOM 759 H H    . TYR A 1 53 ? 7.110   -7.318  5.080   1.00 0.00 ? 53 TYR A H    1 
ATOM 760 H HA   . TYR A 1 53 ? 4.590   -8.110  6.454   1.00 0.00 ? 53 TYR A HA   1 
ATOM 761 H HB2  . TYR A 1 53 ? 4.069   -6.396  4.902   1.00 0.00 ? 53 TYR A HB2  1 
ATOM 762 H HB3  . TYR A 1 53 ? 5.192   -7.023  3.699   1.00 0.00 ? 53 TYR A HB3  1 
ATOM 763 H HD1  . TYR A 1 53 ? 4.628   -9.142  2.444   1.00 0.00 ? 53 TYR A HD1  1 
ATOM 764 H HD2  . TYR A 1 53 ? 1.814   -7.211  5.053   1.00 0.00 ? 53 TYR A HD2  1 
ATOM 765 H HE1  . TYR A 1 53 ? 2.784   -10.466 1.451   1.00 0.00 ? 53 TYR A HE1  1 
ATOM 766 H HE2  . TYR A 1 53 ? 0.004   -8.539  4.057   1.00 0.00 ? 53 TYR A HE2  1 
ATOM 767 H HH   . TYR A 1 53 ? 0.106   -10.001 1.229   1.00 0.00 ? 53 TYR A HH   1 
ATOM 768 N N    . SER A 1 54 ? 4.294   -10.336 5.205   1.00 0.00 ? 54 SER A N    1 
ATOM 769 C CA   . SER A 1 54 ? 4.255   -11.767 4.784   1.00 0.00 ? 54 SER A CA   1 
ATOM 770 C C    . SER A 1 54 ? 5.309   -12.157 3.737   1.00 0.00 ? 54 SER A C    1 
ATOM 771 O O    . SER A 1 54 ? 6.383   -12.611 4.080   1.00 0.00 ? 54 SER A O    1 
ATOM 772 C CB   . SER A 1 54 ? 2.868   -12.027 4.223   1.00 0.00 ? 54 SER A CB   1 
ATOM 773 O OG   . SER A 1 54 ? 2.090   -12.721 5.189   1.00 0.00 ? 54 SER A OG   1 
ATOM 774 H H    . SER A 1 54 ? 3.495   -9.960  5.626   1.00 0.00 ? 54 SER A H    1 
ATOM 775 H HA   . SER A 1 54 ? 4.391   -12.376 5.645   1.00 0.00 ? 54 SER A HA   1 
ATOM 776 H HB2  . SER A 1 54 ? 2.417   -11.086 4.012   1.00 0.00 ? 54 SER A HB2  1 
ATOM 777 H HB3  . SER A 1 54 ? 2.930   -12.601 3.308   1.00 0.00 ? 54 SER A HB3  1 
ATOM 778 H HG   . SER A 1 54 ? 2.197   -13.663 5.037   1.00 0.00 ? 54 SER A HG   1 
ATOM 779 N N    . THR A 1 55 ? 5.001   -12.061 2.465   1.00 0.00 ? 55 THR A N    1 
ATOM 780 C CA   . THR A 1 55 ? 5.987   -12.516 1.445   1.00 0.00 ? 55 THR A CA   1 
ATOM 781 C C    . THR A 1 55 ? 6.996   -11.422 1.126   1.00 0.00 ? 55 THR A C    1 
ATOM 782 O O    . THR A 1 55 ? 7.790   -11.562 0.217   1.00 0.00 ? 55 THR A O    1 
ATOM 783 C CB   . THR A 1 55 ? 5.265   -12.943 0.153   1.00 0.00 ? 55 THR A CB   1 
ATOM 784 O OG1  . THR A 1 55 ? 5.436   -11.942 -0.839  1.00 0.00 ? 55 THR A OG1  1 
ATOM 785 C CG2  . THR A 1 55 ? 3.768   -13.147 0.413   1.00 0.00 ? 55 THR A CG2  1 
ATOM 786 H H    . THR A 1 55 ? 4.119   -11.736 2.183   1.00 0.00 ? 55 THR A H    1 
ATOM 787 H HA   . THR A 1 55 ? 6.519   -13.369 1.838   1.00 0.00 ? 55 THR A HA   1 
ATOM 788 H HB   . THR A 1 55 ? 5.691   -13.869 -0.200  1.00 0.00 ? 55 THR A HB   1 
ATOM 789 H HG1  . THR A 1 55 ? 4.629   -11.899 -1.357  1.00 0.00 ? 55 THR A HG1  1 
ATOM 790 H HG21 . THR A 1 55 ? 3.630   -13.612 1.378   1.00 0.00 ? 55 THR A HG21 1 
ATOM 791 H HG22 . THR A 1 55 ? 3.353   -13.781 -0.355  1.00 0.00 ? 55 THR A HG22 1 
ATOM 792 H HG23 . THR A 1 55 ? 3.267   -12.190 0.399   1.00 0.00 ? 55 THR A HG23 1 
ATOM 793 N N    . GLY A 1 56 ? 6.998   -10.338 1.844   1.00 0.00 ? 56 GLY A N    1 
ATOM 794 C CA   . GLY A 1 56 ? 8.014   -9.287  1.504   1.00 0.00 ? 56 GLY A CA   1 
ATOM 795 C C    . GLY A 1 56 ? 7.980   -8.126  2.492   1.00 0.00 ? 56 GLY A C    1 
ATOM 796 O O    . GLY A 1 56 ? 7.643   -8.294  3.632   1.00 0.00 ? 56 GLY A O    1 
ATOM 797 H H    . GLY A 1 56 ? 6.347   -10.221 2.593   1.00 0.00 ? 56 GLY A H    1 
ATOM 798 H HA2  . GLY A 1 56 ? 8.998   -9.733  1.522   1.00 0.00 ? 56 GLY A HA2  1 
ATOM 799 H HA3  . GLY A 1 56 ? 7.816   -8.910  0.510   1.00 0.00 ? 56 GLY A HA3  1 
ATOM 800 N N    . GLN A 1 57 ? 8.336   -6.950  2.033   1.00 0.00 ? 57 GLN A N    1 
ATOM 801 C CA   . GLN A 1 57 ? 8.342   -5.739  2.884   1.00 0.00 ? 57 GLN A CA   1 
ATOM 802 C C    . GLN A 1 57 ? 7.430   -4.719  2.221   1.00 0.00 ? 57 GLN A C    1 
ATOM 803 O O    . GLN A 1 57 ? 7.534   -4.432  1.038   1.00 0.00 ? 57 GLN A O    1 
ATOM 804 C CB   . GLN A 1 57 ? 9.754   -5.163  2.959   1.00 0.00 ? 57 GLN A CB   1 
ATOM 805 C CG   . GLN A 1 57 ? 9.875   -4.192  4.133   1.00 0.00 ? 57 GLN A CG   1 
ATOM 806 C CD   . GLN A 1 57 ? 10.564  -4.887  5.309   1.00 0.00 ? 57 GLN A CD   1 
ATOM 807 O OE1  . GLN A 1 57 ? 10.893  -6.056  5.231   1.00 0.00 ? 57 GLN A OE1  1 
ATOM 808 N NE2  . GLN A 1 57 ? 10.805  -4.213  6.400   1.00 0.00 ? 57 GLN A NE2  1 
ATOM 809 H H    . GLN A 1 57 ? 8.597   -6.859  1.112   1.00 0.00 ? 57 GLN A H    1 
ATOM 810 H HA   . GLN A 1 57 ? 7.981   -5.977  3.873   1.00 0.00 ? 57 GLN A HA   1 
ATOM 811 H HB2  . GLN A 1 57 ? 10.462  -5.962  3.086   1.00 0.00 ? 57 GLN A HB2  1 
ATOM 812 H HB3  . GLN A 1 57 ? 9.962   -4.631  2.047   1.00 0.00 ? 57 GLN A HB3  1 
ATOM 813 H HG2  . GLN A 1 57 ? 10.464  -3.338  3.828   1.00 0.00 ? 57 GLN A HG2  1 
ATOM 814 H HG3  . GLN A 1 57 ? 8.896   -3.864  4.431   1.00 0.00 ? 57 GLN A HG3  1 
ATOM 815 H HE21 . GLN A 1 57 ? 10.545  -3.271  6.463   1.00 0.00 ? 57 GLN A HE21 1 
ATOM 816 H HE22 . GLN A 1 57 ? 11.248  -4.651  7.158   1.00 0.00 ? 57 GLN A HE22 1 
ATOM 817 N N    . CYS A 1 58 ? 6.531   -4.196  2.971   1.00 0.00 ? 58 CYS A N    1 
ATOM 818 C CA   . CYS A 1 58 ? 5.570   -3.203  2.418   1.00 0.00 ? 58 CYS A CA   1 
ATOM 819 C C    . CYS A 1 58 ? 5.442   -1.993  3.341   1.00 0.00 ? 58 CYS A C    1 
ATOM 820 O O    . CYS A 1 58 ? 5.371   -2.124  4.547   1.00 0.00 ? 58 CYS A O    1 
ATOM 821 C CB   . CYS A 1 58 ? 4.184   -3.843  2.326   1.00 0.00 ? 58 CYS A CB   1 
ATOM 822 S SG   . CYS A 1 58 ? 4.192   -5.177  1.114   1.00 0.00 ? 58 CYS A SG   1 
ATOM 823 H H    . CYS A 1 58 ? 6.479   -4.477  3.897   1.00 0.00 ? 58 CYS A H    1 
ATOM 824 H HA   . CYS A 1 58 ? 5.890   -2.891  1.434   1.00 0.00 ? 58 CYS A HA   1 
ATOM 825 H HB2  . CYS A 1 58 ? 3.909   -4.237  3.291   1.00 0.00 ? 58 CYS A HB2  1 
ATOM 826 H HB3  . CYS A 1 58 ? 3.463   -3.094  2.028   1.00 0.00 ? 58 CYS A HB3  1 
ATOM 827 N N    . ARG A 1 59 ? 5.316   -0.822  2.780   1.00 0.00 ? 59 ARG A N    1 
ATOM 828 C CA   . ARG A 1 59 ? 5.083   0.377   3.629   1.00 0.00 ? 59 ARG A CA   1 
ATOM 829 C C    . ARG A 1 59 ? 3.703   0.874   3.311   1.00 0.00 ? 59 ARG A C    1 
ATOM 830 O O    . ARG A 1 59 ? 3.122   0.464   2.334   1.00 0.00 ? 59 ARG A O    1 
ATOM 831 C CB   . ARG A 1 59 ? 6.086   1.499   3.438   1.00 0.00 ? 59 ARG A CB   1 
ATOM 832 C CG   . ARG A 1 59 ? 6.779   1.467   2.089   1.00 0.00 ? 59 ARG A CG   1 
ATOM 833 C CD   . ARG A 1 59 ? 7.316   2.877   1.818   1.00 0.00 ? 59 ARG A CD   1 
ATOM 834 N NE   . ARG A 1 59 ? 7.350   3.126   0.366   1.00 0.00 ? 59 ARG A NE   1 
ATOM 835 C CZ   . ARG A 1 59 ? 7.673   4.304   -0.092  1.00 0.00 ? 59 ARG A CZ   1 
ATOM 836 N NH1  . ARG A 1 59 ? 6.799   5.272   -0.078  1.00 0.00 ? 59 ARG A NH1  1 
ATOM 837 N NH2  . ARG A 1 59 ? 8.873   4.514   -0.561  1.00 0.00 ? 59 ARG A NH2  1 
ATOM 838 H H    . ARG A 1 59 ? 5.299   -0.745  1.805   1.00 0.00 ? 59 ARG A H    1 
ATOM 839 H HA   . ARG A 1 59 ? 5.100   0.064   4.666   1.00 0.00 ? 59 ARG A HA   1 
ATOM 840 H HB2  . ARG A 1 59 ? 5.580   2.438   3.527   1.00 0.00 ? 59 ARG A HB2  1 
ATOM 841 H HB3  . ARG A 1 59 ? 6.804   1.426   4.210   1.00 0.00 ? 59 ARG A HB3  1 
ATOM 842 H HG2  . ARG A 1 59 ? 7.595   0.761   2.119   1.00 0.00 ? 59 ARG A HG2  1 
ATOM 843 H HG3  . ARG A 1 59 ? 6.081   1.191   1.320   1.00 0.00 ? 59 ARG A HG3  1 
ATOM 844 H HD2  . ARG A 1 59 ? 6.672   3.602   2.291   1.00 0.00 ? 59 ARG A HD2  1 
ATOM 845 H HD3  . ARG A 1 59 ? 8.310   2.970   2.219   1.00 0.00 ? 59 ARG A HD3  1 
ATOM 846 H HE   . ARG A 1 59 ? 7.134   2.408   -0.243  1.00 0.00 ? 59 ARG A HE   1 
ATOM 847 H HH11 . ARG A 1 59 ? 5.881   5.111   0.285   1.00 0.00 ? 59 ARG A HH11 1 
ATOM 848 H HH12 . ARG A 1 59 ? 7.047   6.175   -0.428  1.00 0.00 ? 59 ARG A HH12 1 
ATOM 849 H HH21 . ARG A 1 59 ? 9.544   3.773   -0.568  1.00 0.00 ? 59 ARG A HH21 1 
ATOM 850 H HH22 . ARG A 1 59 ? 9.122   5.417   -0.912  1.00 0.00 ? 59 ARG A HH22 1 
ATOM 851 N N    . THR A 1 60 ? 3.137   1.709   4.123   1.00 0.00 ? 60 THR A N    1 
ATOM 852 C CA   . THR A 1 60 ? 1.755   2.124   3.809   1.00 0.00 ? 60 THR A CA   1 
ATOM 853 C C    . THR A 1 60 ? 1.359   3.418   4.498   1.00 0.00 ? 60 THR A C    1 
ATOM 854 O O    . THR A 1 60 ? 1.955   3.864   5.459   1.00 0.00 ? 60 THR A O    1 
ATOM 855 C CB   . THR A 1 60 ? 0.803   1.005   4.243   1.00 0.00 ? 60 THR A CB   1 
ATOM 856 O OG1  . THR A 1 60 ? -0.408  1.101   3.505   1.00 0.00 ? 60 THR A OG1  1 
ATOM 857 C CG2  . THR A 1 60 ? 0.507   1.110   5.745   1.00 0.00 ? 60 THR A CG2  1 
ATOM 858 H H    . THR A 1 60 ? 3.603   2.034   4.927   1.00 0.00 ? 60 THR A H    1 
ATOM 859 H HA   . THR A 1 60 ? 1.664   2.254   2.743   1.00 0.00 ? 60 THR A HA   1 
ATOM 860 H HB   . THR A 1 60 ? 1.270   0.056   4.046   1.00 0.00 ? 60 THR A HB   1 
ATOM 861 H HG1  . THR A 1 60 ? -1.099  1.406   4.098   1.00 0.00 ? 60 THR A HG1  1 
ATOM 862 H HG21 . THR A 1 60 ? 0.496   0.122   6.179   1.00 0.00 ? 60 THR A HG21 1 
ATOM 863 H HG22 . THR A 1 60 ? -0.455  1.578   5.889   1.00 0.00 ? 60 THR A HG22 1 
ATOM 864 H HG23 . THR A 1 60 ? 1.272   1.705   6.222   1.00 0.00 ? 60 THR A HG23 1 
ATOM 865 N N    . THR A 1 61 ? 0.325   3.996   3.983   1.00 0.00 ? 61 THR A N    1 
ATOM 866 C CA   . THR A 1 61 ? -0.218  5.256   4.524   1.00 0.00 ? 61 THR A CA   1 
ATOM 867 C C    . THR A 1 61 ? -1.735  5.175   4.417   1.00 0.00 ? 61 THR A C    1 
ATOM 868 O O    . THR A 1 61 ? -2.238  4.521   3.538   1.00 0.00 ? 61 THR A O    1 
ATOM 869 C CB   . THR A 1 61 ? 0.275   6.406   3.657   1.00 0.00 ? 61 THR A CB   1 
ATOM 870 O OG1  . THR A 1 61 ? -0.007  7.632   4.312   1.00 0.00 ? 61 THR A OG1  1 
ATOM 871 C CG2  . THR A 1 61 ? -0.439  6.369   2.288   1.00 0.00 ? 61 THR A CG2  1 
ATOM 872 H H    . THR A 1 61 ? -0.112  3.579   3.216   1.00 0.00 ? 61 THR A H    1 
ATOM 873 H HA   . THR A 1 61 ? 0.092   5.395   5.546   1.00 0.00 ? 61 THR A HA   1 
ATOM 874 H HB   . THR A 1 61 ? 1.341   6.303   3.513   1.00 0.00 ? 61 THR A HB   1 
ATOM 875 H HG1  . THR A 1 61 ? -0.043  7.462   5.257   1.00 0.00 ? 61 THR A HG1  1 
ATOM 876 H HG21 . THR A 1 61 ? -1.471  6.673   2.410   1.00 0.00 ? 61 THR A HG21 1 
ATOM 877 H HG22 . THR A 1 61 ? -0.414  5.364   1.889   1.00 0.00 ? 61 THR A HG22 1 
ATOM 878 H HG23 . THR A 1 61 ? 0.052   7.039   1.598   1.00 0.00 ? 61 THR A HG23 1 
ATOM 879 N N    . CYS A 1 62 ? -2.486  5.832   5.251   1.00 0.00 ? 62 CYS A N    1 
ATOM 880 C CA   . CYS A 1 62 ? -3.956  5.738   5.055   1.00 0.00 ? 62 CYS A CA   1 
ATOM 881 C C    . CYS A 1 62 ? -4.562  7.123   5.024   1.00 0.00 ? 62 CYS A C    1 
ATOM 882 O O    . CYS A 1 62 ? -4.049  8.068   5.591   1.00 0.00 ? 62 CYS A O    1 
ATOM 883 C CB   . CYS A 1 62 ? -4.637  4.886   6.121   1.00 0.00 ? 62 CYS A CB   1 
ATOM 884 S SG   . CYS A 1 62 ? -5.962  3.941   5.327   1.00 0.00 ? 62 CYS A SG   1 
ATOM 885 H H    . CYS A 1 62 ? -2.100  6.390   5.957   1.00 0.00 ? 62 CYS A H    1 
ATOM 886 H HA   . CYS A 1 62 ? -4.134  5.292   4.097   1.00 0.00 ? 62 CYS A HA   1 
ATOM 887 H HB2  . CYS A 1 62 ? -3.933  4.215   6.557   1.00 0.00 ? 62 CYS A HB2  1 
ATOM 888 H HB3  . CYS A 1 62 ? -5.057  5.523   6.884   1.00 0.00 ? 62 CYS A HB3  1 
ATOM 889 N N    . ILE A 1 63 ? -5.632  7.241   4.315   1.00 0.00 ? 63 ILE A N    1 
ATOM 890 C CA   . ILE A 1 63 ? -6.287  8.547   4.161   1.00 0.00 ? 63 ILE A CA   1 
ATOM 891 C C    . ILE A 1 63 ? -7.799  8.426   4.267   1.00 0.00 ? 63 ILE A C    1 
ATOM 892 O O    . ILE A 1 63 ? -8.367  7.373   4.051   1.00 0.00 ? 63 ILE A O    1 
ATOM 893 C CB   . ILE A 1 63 ? -5.969  9.069   2.780   1.00 0.00 ? 63 ILE A CB   1 
ATOM 894 C CG1  . ILE A 1 63 ? -6.398  8.040   1.748   1.00 0.00 ? 63 ILE A CG1  1 
ATOM 895 C CG2  . ILE A 1 63 ? -4.478  9.292   2.664   1.00 0.00 ? 63 ILE A CG2  1 
ATOM 896 C CD1  . ILE A 1 63 ? -7.100  8.761   0.608   1.00 0.00 ? 63 ILE A CD1  1 
ATOM 897 H H    . ILE A 1 63 ? -5.985  6.469   3.854   1.00 0.00 ? 63 ILE A H    1 
ATOM 898 H HA   . ILE A 1 63 ? -5.915  9.236   4.901   1.00 0.00 ? 63 ILE A HA   1 
ATOM 899 H HB   . ILE A 1 63 ? -6.498  9.990   2.605   1.00 0.00 ? 63 ILE A HB   1 
ATOM 900 H HG12 . ILE A 1 63 ? -5.530  7.517   1.372   1.00 0.00 ? 63 ILE A HG12 1 
ATOM 901 H HG13 . ILE A 1 63 ? -7.080  7.334   2.201   1.00 0.00 ? 63 ILE A HG13 1 
ATOM 902 H HG21 . ILE A 1 63 ? -4.248  9.631   1.670   1.00 0.00 ? 63 ILE A HG21 1 
ATOM 903 H HG22 . ILE A 1 63 ? -3.966  8.360   2.858   1.00 0.00 ? 63 ILE A HG22 1 
ATOM 904 H HG23 . ILE A 1 63 ? -4.173  10.032  3.384   1.00 0.00 ? 63 ILE A HG23 1 
ATOM 905 H HD11 . ILE A 1 63 ? -8.154  8.833   0.827   1.00 0.00 ? 63 ILE A HD11 1 
ATOM 906 H HD12 . ILE A 1 63 ? -6.956  8.211   -0.307  1.00 0.00 ? 63 ILE A HD12 1 
ATOM 907 H HD13 . ILE A 1 63 ? -6.684  9.753   0.506   1.00 0.00 ? 63 ILE A HD13 1 
ATOM 908 N N    . PRO A 1 64 ? -8.395  9.541   4.564   1.00 0.00 ? 64 PRO A N    1 
ATOM 909 C CA   . PRO A 1 64 ? -9.848  9.668   4.677   1.00 0.00 ? 64 PRO A CA   1 
ATOM 910 C C    . PRO A 1 64 ? -10.417 9.976   3.301   1.00 0.00 ? 64 PRO A C    1 
ATOM 911 O O    . PRO A 1 64 ? -10.286 11.081  2.813   1.00 0.00 ? 64 PRO A O    1 
ATOM 912 C CB   . PRO A 1 64 ? -10.028 10.905  5.535   1.00 0.00 ? 64 PRO A CB   1 
ATOM 913 C CG   . PRO A 1 64 ? -8.742  11.747  5.326   1.00 0.00 ? 64 PRO A CG   1 
ATOM 914 C CD   . PRO A 1 64 ? -7.661  10.787  4.839   1.00 0.00 ? 64 PRO A CD   1 
ATOM 915 H HA   . PRO A 1 64 ? -10.299 8.803   5.130   1.00 0.00 ? 64 PRO A HA   1 
ATOM 916 H HB2  . PRO A 1 64 ? -10.903 11.451  5.209   1.00 0.00 ? 64 PRO A HB2  1 
ATOM 917 H HB3  . PRO A 1 64 ? -10.121 10.624  6.569   1.00 0.00 ? 64 PRO A HB3  1 
ATOM 918 H HG2  . PRO A 1 64 ? -8.915  12.501  4.571   1.00 0.00 ? 64 PRO A HG2  1 
ATOM 919 H HG3  . PRO A 1 64 ? -8.433  12.201  6.247   1.00 0.00 ? 64 PRO A HG3  1 
ATOM 920 H HD2  . PRO A 1 64 ? -7.196  11.166  3.938   1.00 0.00 ? 64 PRO A HD2  1 
ATOM 921 H HD3  . PRO A 1 64 ? -6.924  10.624  5.610   1.00 0.00 ? 64 PRO A HD3  1 
ATOM 922 N N    . TYR A 1 65 ? -11.046 9.050   2.660   1.00 0.00 ? 65 TYR A N    1 
ATOM 923 C CA   . TYR A 1 65 ? -11.592 9.391   1.321   1.00 0.00 ? 65 TYR A CA   1 
ATOM 924 C C    . TYR A 1 65 ? -13.108 9.454   1.345   1.00 0.00 ? 65 TYR A C    1 
ATOM 925 O O    . TYR A 1 65 ? -13.683 10.359  1.917   1.00 0.00 ? 65 TYR A O    1 
ATOM 926 C CB   . TYR A 1 65 ? -11.003 8.479   0.226   1.00 0.00 ? 65 TYR A CB   1 
ATOM 927 C CG   . TYR A 1 65 ? -11.399 7.010   0.258   1.00 0.00 ? 65 TYR A CG   1 
ATOM 928 C CD1  . TYR A 1 65 ? -11.304 6.209   1.410   1.00 0.00 ? 65 TYR A CD1  1 
ATOM 929 C CD2  . TYR A 1 65 ? -11.813 6.434   -0.946  1.00 0.00 ? 65 TYR A CD2  1 
ATOM 930 C CE1  . TYR A 1 65 ? -11.627 4.851   1.330   1.00 0.00 ? 65 TYR A CE1  1 
ATOM 931 C CE2  . TYR A 1 65 ? -12.136 5.091   -1.016  1.00 0.00 ? 65 TYR A CE2  1 
ATOM 932 C CZ   . TYR A 1 65 ? -12.044 4.293   0.117   1.00 0.00 ? 65 TYR A CZ   1 
ATOM 933 O OH   . TYR A 1 65 ? -12.360 2.956   0.036   1.00 0.00 ? 65 TYR A OH   1 
ATOM 934 H H    . TYR A 1 65 ? -11.157 8.163   3.052   1.00 0.00 ? 65 TYR A H    1 
ATOM 935 H HA   . TYR A 1 65 ? -11.271 10.382  1.097   1.00 0.00 ? 65 TYR A HA   1 
ATOM 936 H HB2  . TYR A 1 65 ? -11.285 8.877   -0.734  1.00 0.00 ? 65 TYR A HB2  1 
ATOM 937 H HB3  . TYR A 1 65 ? -9.944  8.538   0.310   1.00 0.00 ? 65 TYR A HB3  1 
ATOM 938 H HD1  . TYR A 1 65 ? -10.986 6.618   2.351   1.00 0.00 ? 65 TYR A HD1  1 
ATOM 939 H HD2  . TYR A 1 65 ? -11.890 7.038   -1.827  1.00 0.00 ? 65 TYR A HD2  1 
ATOM 940 H HE1  . TYR A 1 65 ? -11.551 4.238   2.204   1.00 0.00 ? 65 TYR A HE1  1 
ATOM 941 H HE2  . TYR A 1 65 ? -12.444 4.668   -1.957  1.00 0.00 ? 65 TYR A HE2  1 
ATOM 942 H HH   . TYR A 1 65 ? -13.284 2.883   -0.213  1.00 0.00 ? 65 TYR A HH   1 
ATOM 943 N N    . VAL A 1 66 ? -13.764 8.550   0.735   1.00 0.00 ? 66 VAL A N    1 
ATOM 944 C CA   . VAL A 1 66 ? -15.251 8.593   0.720   1.00 0.00 ? 66 VAL A CA   1 
ATOM 945 C C    . VAL A 1 66 ? -15.817 8.130   2.072   1.00 0.00 ? 66 VAL A C    1 
ATOM 946 O O    . VAL A 1 66 ? -16.932 7.656   2.159   1.00 0.00 ? 66 VAL A O    1 
ATOM 947 C CB   . VAL A 1 66 ? -15.765 7.691   -0.407  1.00 0.00 ? 66 VAL A CB   1 
ATOM 948 C CG1  . VAL A 1 66 ? -14.832 7.823   -1.611  1.00 0.00 ? 66 VAL A CG1  1 
ATOM 949 C CG2  . VAL A 1 66 ? -15.783 6.229   0.055   1.00 0.00 ? 66 VAL A CG2  1 
ATOM 950 H H    . VAL A 1 66 ? -13.286 7.868   0.264   1.00 0.00 ? 66 VAL A H    1 
ATOM 951 H HA   . VAL A 1 66 ? -15.569 9.606   0.540   1.00 0.00 ? 66 VAL A HA   1 
ATOM 952 H HB   . VAL A 1 66 ? -16.762 7.997   -0.687  1.00 0.00 ? 66 VAL A HB   1 
ATOM 953 H HG11 . VAL A 1 66 ? -14.221 8.705   -1.496  1.00 0.00 ? 66 VAL A HG11 1 
ATOM 954 H HG12 . VAL A 1 66 ? -15.419 7.906   -2.513  1.00 0.00 ? 66 VAL A HG12 1 
ATOM 955 H HG13 . VAL A 1 66 ? -14.198 6.952   -1.672  1.00 0.00 ? 66 VAL A HG13 1 
ATOM 956 H HG21 . VAL A 1 66 ? -14.983 6.064   0.761   1.00 0.00 ? 66 VAL A HG21 1 
ATOM 957 H HG22 . VAL A 1 66 ? -15.649 5.581   -0.798  1.00 0.00 ? 66 VAL A HG22 1 
ATOM 958 H HG23 . VAL A 1 66 ? -16.730 6.011   0.526   1.00 0.00 ? 66 VAL A HG23 1 
ATOM 959 N N    . GLU A 1 67 ? -15.062 8.286   3.129   1.00 0.00 ? 67 GLU A N    1 
ATOM 960 C CA   . GLU A 1 67 ? -15.562 7.879   4.473   1.00 0.00 ? 67 GLU A CA   1 
ATOM 961 C C    . GLU A 1 67 ? -16.680 8.828   4.911   1.00 0.00 ? 67 GLU A C    1 
ATOM 962 O O    . GLU A 1 67 ? -16.583 10.005  4.611   1.00 0.00 ? 67 GLU A O    1 
ATOM 963 C CB   . GLU A 1 67 ? -14.403 7.933   5.478   1.00 0.00 ? 67 GLU A CB   1 
ATOM 964 C CG   . GLU A 1 67 ? -14.160 9.378   5.933   1.00 0.00 ? 67 GLU A CG   1 
ATOM 965 C CD   . GLU A 1 67 ? -14.931 9.645   7.226   1.00 0.00 ? 67 GLU A CD   1 
ATOM 966 O OE1  . GLU A 1 67 ? -14.523 9.130   8.254   1.00 0.00 ? 67 GLU A OE1  1 
ATOM 967 O OE2  . GLU A 1 67 ? -15.918 10.360  7.167   1.00 0.00 ? 67 GLU A OE2  1 
ATOM 968 O OXT  . GLU A 1 67 ? -17.613 8.359   5.543   1.00 0.00 ? 67 GLU A OXT  1 
ATOM 969 H H    . GLU A 1 67 ? -14.172 8.678   3.041   1.00 0.00 ? 67 GLU A H    1 
ATOM 970 H HA   . GLU A 1 67 ? -15.951 6.876   4.422   1.00 0.00 ? 67 GLU A HA   1 
ATOM 971 H HB2  . GLU A 1 67 ? -14.643 7.323   6.337   1.00 0.00 ? 67 GLU A HB2  1 
ATOM 972 H HB3  . GLU A 1 67 ? -13.509 7.556   5.009   1.00 0.00 ? 67 GLU A HB3  1 
ATOM 973 H HG2  . GLU A 1 67 ? -13.104 9.527   6.108   1.00 0.00 ? 67 GLU A HG2  1 
ATOM 974 H HG3  . GLU A 1 67 ? -14.499 10.060  5.167   1.00 0.00 ? 67 GLU A HG3  1 
# 
